data_2CBO
# 
_entry.id   2CBO 
# 
_audit_conform.dict_name       mmcif_pdbx.dic 
_audit_conform.dict_version    5.398 
_audit_conform.dict_location   http://mmcif.pdb.org/dictionaries/ascii/mmcif_pdbx.dic 
# 
loop_
_database_2.database_id 
_database_2.database_code 
_database_2.pdbx_database_accession 
_database_2.pdbx_DOI 
PDB   2CBO         pdb_00002cbo 10.2210/pdb2cbo/pdb 
PDBE  EBI-27094    ?            ?                   
WWPDB D_1290027094 ?            ?                   
# 
loop_
_pdbx_audit_revision_history.ordinal 
_pdbx_audit_revision_history.data_content_type 
_pdbx_audit_revision_history.major_revision 
_pdbx_audit_revision_history.minor_revision 
_pdbx_audit_revision_history.revision_date 
1 'Structure model' 1 0 2006-03-22 
2 'Structure model' 1 1 2011-05-08 
3 'Structure model' 1 2 2011-07-13 
4 'Structure model' 1 3 2023-12-13 
5 'Structure model' 1 4 2024-11-13 
# 
_pdbx_audit_revision_details.ordinal             1 
_pdbx_audit_revision_details.revision_ordinal    1 
_pdbx_audit_revision_details.data_content_type   'Structure model' 
_pdbx_audit_revision_details.provider            repository 
_pdbx_audit_revision_details.type                'Initial release' 
_pdbx_audit_revision_details.description         ? 
_pdbx_audit_revision_details.details             ? 
# 
loop_
_pdbx_audit_revision_group.ordinal 
_pdbx_audit_revision_group.revision_ordinal 
_pdbx_audit_revision_group.data_content_type 
_pdbx_audit_revision_group.group 
1 2 'Structure model' 'Version format compliance' 
2 3 'Structure model' 'Version format compliance' 
3 4 'Structure model' 'Data collection'           
4 4 'Structure model' 'Database references'       
5 4 'Structure model' 'Derived calculations'      
6 4 'Structure model' Other                       
7 4 'Structure model' 'Refinement description'    
8 5 'Structure model' 'Structure summary'         
# 
loop_
_pdbx_audit_revision_category.ordinal 
_pdbx_audit_revision_category.revision_ordinal 
_pdbx_audit_revision_category.data_content_type 
_pdbx_audit_revision_category.category 
1 4 'Structure model' chem_comp_atom                
2 4 'Structure model' chem_comp_bond                
3 4 'Structure model' database_2                    
4 4 'Structure model' pdbx_database_status          
5 4 'Structure model' pdbx_initial_refinement_model 
6 4 'Structure model' struct_site                   
7 5 'Structure model' pdbx_entry_details            
8 5 'Structure model' pdbx_modification_feature     
# 
loop_
_pdbx_audit_revision_item.ordinal 
_pdbx_audit_revision_item.revision_ordinal 
_pdbx_audit_revision_item.data_content_type 
_pdbx_audit_revision_item.item 
1 4 'Structure model' '_database_2.pdbx_DOI'                         
2 4 'Structure model' '_database_2.pdbx_database_accession'          
3 4 'Structure model' '_pdbx_database_status.status_code_sf'         
4 4 'Structure model' '_struct_site.pdbx_auth_asym_id'               
5 4 'Structure model' '_struct_site.pdbx_auth_comp_id'               
6 4 'Structure model' '_struct_site.pdbx_auth_seq_id'                
7 5 'Structure model' '_pdbx_entry_details.has_protein_modification' 
# 
_pdbx_database_status.status_code                     REL 
_pdbx_database_status.entry_id                        2CBO 
_pdbx_database_status.deposit_site                    PDBE 
_pdbx_database_status.process_site                    PDBE 
_pdbx_database_status.SG_entry                        . 
_pdbx_database_status.recvd_initial_deposition_date   2006-01-06 
_pdbx_database_status.pdb_format_compatible           Y 
_pdbx_database_status.status_code_sf                  REL 
_pdbx_database_status.status_code_mr                  ? 
_pdbx_database_status.status_code_cs                  ? 
_pdbx_database_status.methods_development_category    ? 
_pdbx_database_status.status_code_nmr_data            ? 
# 
loop_
_pdbx_database_related.db_name 
_pdbx_database_related.db_id 
_pdbx_database_related.content_type 
_pdbx_database_related.details 
PDB 1J5H unspecified 'SOLUTION STRUCTURE OF APO-NEOCARZINOSTATIN'                                                               
PDB 1J5I unspecified 'SOLUTION STRUCTURE OF A NOVEL CHROMOPROTEIN DERIVED FROMAPO-NEOCARZINOSTATIN AND A SYNTHETIC CHROMOPHORE' 
PDB 1NCO unspecified 'HOLO-NEOCARZINOSTATIN (CONTAINING CHROMOPHORE) COMPLEX WITH APO-CARZINOSTATIN (CONTAINING MPD)'           
PDB 1NOA unspecified NEOCARZINOSTATIN                                                                                           
PDB 1O5P unspecified 'SOLUTION STRUCTURE OF HOLO-NEOCARZINOSTATIN'                                                              
PDB 2CBM unspecified 'CRYSTAL STRUCTURE OF THE APO-FORM OF A NEOCARZINOSTATIN MUTANT EVOLVED TO BIND TESTOSTERONE.'             
PDB 2CBQ unspecified 'CRYSTAL STRUCTURE OF THE NEOCARZINOSTATIN 1TES15 MUTANT BOUND TO TESTOSTERONE HEMISUCCINATE.'             
PDB 2CBT unspecified 'CRYSTAL STRUCTURE OF THE NEOCARZINOSTATIN 4TES1 MUTANT BOUND TESTOSTERONE HEMISUCCINATE.'                 
# 
loop_
_audit_author.name 
_audit_author.pdbx_ordinal 
'Drevelle, A.'      1 
'Graille, M.'       2 
'Heyd, B.'          3 
'Sorel, I.'         4 
'Ulryck, N.'        5 
'Pecorari, F.'      6 
'Desmadril, M.'     7 
'van Tilbeurgh, H.' 8 
'Minard, P.'        9 
# 
loop_
_citation.id 
_citation.title 
_citation.journal_abbrev 
_citation.journal_volume 
_citation.page_first 
_citation.page_last 
_citation.year 
_citation.journal_id_ASTM 
_citation.country 
_citation.journal_id_ISSN 
_citation.journal_id_CSD 
_citation.book_publisher 
_citation.pdbx_database_id_PubMed 
_citation.pdbx_database_id_DOI 
primary 'Structures of in Vitro Evolved Binding Sites on Neocarzinostatin Scaffold Reveal Unanticipated Evolutionary Pathways.' 
J.Mol.Biol.  358 455  ? 2006 JMOBAK UK 0022-2836 0070 ? 16529771 10.1016/J.JMB.2006.02.002 
1       'In Vitro Evolution of the Binding Specificity of Neocarzinostatin, an Enediyne-Binding Chromoprotein.'                 
Biochemistry 42  5674 ? 2003 BICHAW US 0006-2960 0033 ? 12741824 10.1021/BI0273664         
# 
loop_
_citation_author.citation_id 
_citation_author.name 
_citation_author.ordinal 
_citation_author.identifier_ORCID 
primary 'Drevelle, A.'      1  ? 
primary 'Graille, M.'       2  ? 
primary 'Heyd, B.'          3  ? 
primary 'Sorel, I.'         4  ? 
primary 'Ulryck, N.'        5  ? 
primary 'Pecorari, F.'      6  ? 
primary 'Desmadril, M.'     7  ? 
primary 'Van Tilbeurgh, H.' 8  ? 
primary 'Minard, P.'        9  ? 
1       'Heyd, B.'          10 ? 
1       'Pecorari, F.'      11 ? 
1       'Collinet, B.'      12 ? 
1       'Adjadj, E.'        13 ? 
1       'Desmadril, M.'     14 ? 
1       'Minard, P.'        15 ? 
# 
loop_
_entity.id 
_entity.type 
_entity.src_method 
_entity.pdbx_description 
_entity.formula_weight 
_entity.pdbx_number_of_molecules 
_entity.pdbx_ec 
_entity.pdbx_mutation 
_entity.pdbx_fragment 
_entity.details 
1 polymer     man NEOCARZINOSTATIN             11615.560 1   ? YES ? ? 
2 non-polymer syn 'SULFATE ION'                96.063    1   ? ?   ? ? 
3 non-polymer syn 'TESTOSTERONE HEMISUCCINATE' 388.497   2   ? ?   ? ? 
4 water       nat water                        18.015    116 ? ?   ? ? 
# 
_entity_name_com.entity_id   1 
_entity_name_com.name        'NCS, MITOMALCIN, MMC' 
# 
_entity_poly.entity_id                      1 
_entity_poly.type                           'polypeptide(L)' 
_entity_poly.nstd_linkage                   no 
_entity_poly.nstd_monomer                   no 
_entity_poly.pdbx_seq_one_letter_code       
;AAPTATVTPSSGLSDGTVVKVAGAGLQAGTAYWVAQWARVDTGVWAYNPADNSSVTADANGSASTSLTVRRSFEGFLFDG
TRWGTVDCTTAACQVGLSDAAGNGPEGVAISFNHH
;
_entity_poly.pdbx_seq_one_letter_code_can   
;AAPTATVTPSSGLSDGTVVKVAGAGLQAGTAYWVAQWARVDTGVWAYNPADNSSVTADANGSASTSLTVRRSFEGFLFDG
TRWGTVDCTTAACQVGLSDAAGNGPEGVAISFNHH
;
_entity_poly.pdbx_strand_id                 A 
_entity_poly.pdbx_target_identifier         ? 
# 
loop_
_pdbx_entity_nonpoly.entity_id 
_pdbx_entity_nonpoly.name 
_pdbx_entity_nonpoly.comp_id 
2 'SULFATE ION'                SO4 
3 'TESTOSTERONE HEMISUCCINATE' TH2 
4 water                        HOH 
# 
loop_
_entity_poly_seq.entity_id 
_entity_poly_seq.num 
_entity_poly_seq.mon_id 
_entity_poly_seq.hetero 
1 1   ALA n 
1 2   ALA n 
1 3   PRO n 
1 4   THR n 
1 5   ALA n 
1 6   THR n 
1 7   VAL n 
1 8   THR n 
1 9   PRO n 
1 10  SER n 
1 11  SER n 
1 12  GLY n 
1 13  LEU n 
1 14  SER n 
1 15  ASP n 
1 16  GLY n 
1 17  THR n 
1 18  VAL n 
1 19  VAL n 
1 20  LYS n 
1 21  VAL n 
1 22  ALA n 
1 23  GLY n 
1 24  ALA n 
1 25  GLY n 
1 26  LEU n 
1 27  GLN n 
1 28  ALA n 
1 29  GLY n 
1 30  THR n 
1 31  ALA n 
1 32  TYR n 
1 33  TRP n 
1 34  VAL n 
1 35  ALA n 
1 36  GLN n 
1 37  TRP n 
1 38  ALA n 
1 39  ARG n 
1 40  VAL n 
1 41  ASP n 
1 42  THR n 
1 43  GLY n 
1 44  VAL n 
1 45  TRP n 
1 46  ALA n 
1 47  TYR n 
1 48  ASN n 
1 49  PRO n 
1 50  ALA n 
1 51  ASP n 
1 52  ASN n 
1 53  SER n 
1 54  SER n 
1 55  VAL n 
1 56  THR n 
1 57  ALA n 
1 58  ASP n 
1 59  ALA n 
1 60  ASN n 
1 61  GLY n 
1 62  SER n 
1 63  ALA n 
1 64  SER n 
1 65  THR n 
1 66  SER n 
1 67  LEU n 
1 68  THR n 
1 69  VAL n 
1 70  ARG n 
1 71  ARG n 
1 72  SER n 
1 73  PHE n 
1 74  GLU n 
1 75  GLY n 
1 76  PHE n 
1 77  LEU n 
1 78  PHE n 
1 79  ASP n 
1 80  GLY n 
1 81  THR n 
1 82  ARG n 
1 83  TRP n 
1 84  GLY n 
1 85  THR n 
1 86  VAL n 
1 87  ASP n 
1 88  CYS n 
1 89  THR n 
1 90  THR n 
1 91  ALA n 
1 92  ALA n 
1 93  CYS n 
1 94  GLN n 
1 95  VAL n 
1 96  GLY n 
1 97  LEU n 
1 98  SER n 
1 99  ASP n 
1 100 ALA n 
1 101 ALA n 
1 102 GLY n 
1 103 ASN n 
1 104 GLY n 
1 105 PRO n 
1 106 GLU n 
1 107 GLY n 
1 108 VAL n 
1 109 ALA n 
1 110 ILE n 
1 111 SER n 
1 112 PHE n 
1 113 ASN n 
1 114 HIS n 
1 115 HIS n 
# 
_entity_src_gen.entity_id                          1 
_entity_src_gen.pdbx_src_id                        1 
_entity_src_gen.pdbx_alt_source_flag               sample 
_entity_src_gen.pdbx_seq_type                      ? 
_entity_src_gen.pdbx_beg_seq_num                   ? 
_entity_src_gen.pdbx_end_seq_num                   ? 
_entity_src_gen.gene_src_common_name               ? 
_entity_src_gen.gene_src_genus                     ? 
_entity_src_gen.pdbx_gene_src_gene                 ? 
_entity_src_gen.gene_src_species                   ? 
_entity_src_gen.gene_src_strain                    ? 
_entity_src_gen.gene_src_tissue                    ? 
_entity_src_gen.gene_src_tissue_fraction           ? 
_entity_src_gen.gene_src_details                   ? 
_entity_src_gen.pdbx_gene_src_fragment             ? 
_entity_src_gen.pdbx_gene_src_scientific_name      'STREPTOMYCES CARZINOSTATICUS' 
_entity_src_gen.pdbx_gene_src_ncbi_taxonomy_id     1897 
_entity_src_gen.pdbx_gene_src_variant              ? 
_entity_src_gen.pdbx_gene_src_cell_line            ? 
_entity_src_gen.pdbx_gene_src_atcc                 ? 
_entity_src_gen.pdbx_gene_src_organ                ? 
_entity_src_gen.pdbx_gene_src_organelle            ? 
_entity_src_gen.pdbx_gene_src_cell                 ? 
_entity_src_gen.pdbx_gene_src_cellular_location    ? 
_entity_src_gen.host_org_common_name               ? 
_entity_src_gen.pdbx_host_org_scientific_name      'ESCHERICHIA COLI' 
_entity_src_gen.pdbx_host_org_ncbi_taxonomy_id     562 
_entity_src_gen.host_org_genus                     ? 
_entity_src_gen.pdbx_host_org_gene                 ? 
_entity_src_gen.pdbx_host_org_organ                ? 
_entity_src_gen.host_org_species                   ? 
_entity_src_gen.pdbx_host_org_tissue               ? 
_entity_src_gen.pdbx_host_org_tissue_fraction      ? 
_entity_src_gen.pdbx_host_org_strain               'BLR(DE3)PLYSS' 
_entity_src_gen.pdbx_host_org_variant              ? 
_entity_src_gen.pdbx_host_org_cell_line            ? 
_entity_src_gen.pdbx_host_org_atcc                 ? 
_entity_src_gen.pdbx_host_org_culture_collection   ? 
_entity_src_gen.pdbx_host_org_cell                 ? 
_entity_src_gen.pdbx_host_org_organelle            ? 
_entity_src_gen.pdbx_host_org_cellular_location    ? 
_entity_src_gen.pdbx_host_org_vector_type          ? 
_entity_src_gen.pdbx_host_org_vector               ? 
_entity_src_gen.host_org_details                   ? 
_entity_src_gen.expression_system_id               ? 
_entity_src_gen.plasmid_name                       ? 
_entity_src_gen.plasmid_details                    ? 
_entity_src_gen.pdbx_description                   ? 
# 
loop_
_chem_comp.id 
_chem_comp.type 
_chem_comp.mon_nstd_flag 
_chem_comp.name 
_chem_comp.pdbx_synonyms 
_chem_comp.formula 
_chem_comp.formula_weight 
ALA 'L-peptide linking' y ALANINE                      ? 'C3 H7 N O2'     89.093  
ARG 'L-peptide linking' y ARGININE                     ? 'C6 H15 N4 O2 1' 175.209 
ASN 'L-peptide linking' y ASPARAGINE                   ? 'C4 H8 N2 O3'    132.118 
ASP 'L-peptide linking' y 'ASPARTIC ACID'              ? 'C4 H7 N O4'     133.103 
CYS 'L-peptide linking' y CYSTEINE                     ? 'C3 H7 N O2 S'   121.158 
GLN 'L-peptide linking' y GLUTAMINE                    ? 'C5 H10 N2 O3'   146.144 
GLU 'L-peptide linking' y 'GLUTAMIC ACID'              ? 'C5 H9 N O4'     147.129 
GLY 'peptide linking'   y GLYCINE                      ? 'C2 H5 N O2'     75.067  
HIS 'L-peptide linking' y HISTIDINE                    ? 'C6 H10 N3 O2 1' 156.162 
HOH non-polymer         . WATER                        ? 'H2 O'           18.015  
ILE 'L-peptide linking' y ISOLEUCINE                   ? 'C6 H13 N O2'    131.173 
LEU 'L-peptide linking' y LEUCINE                      ? 'C6 H13 N O2'    131.173 
LYS 'L-peptide linking' y LYSINE                       ? 'C6 H15 N2 O2 1' 147.195 
PHE 'L-peptide linking' y PHENYLALANINE                ? 'C9 H11 N O2'    165.189 
PRO 'L-peptide linking' y PROLINE                      ? 'C5 H9 N O2'     115.130 
SER 'L-peptide linking' y SERINE                       ? 'C3 H7 N O3'     105.093 
SO4 non-polymer         . 'SULFATE ION'                ? 'O4 S -2'        96.063  
TH2 non-polymer         . 'TESTOSTERONE HEMISUCCINATE' 
'4-OXO-4-{[(8ALPHA,9BETA,10ALPHA,13ALPHA,14BETA,17ALPHA)-3-OXOANDROST-4-EN-17-YL]OXY}BUTANOIC ACID' 'C23 H32 O5'     388.497 
THR 'L-peptide linking' y THREONINE                    ? 'C4 H9 N O3'     119.119 
TRP 'L-peptide linking' y TRYPTOPHAN                   ? 'C11 H12 N2 O2'  204.225 
TYR 'L-peptide linking' y TYROSINE                     ? 'C9 H11 N O3'    181.189 
VAL 'L-peptide linking' y VALINE                       ? 'C5 H11 N O2'    117.146 
# 
loop_
_pdbx_poly_seq_scheme.asym_id 
_pdbx_poly_seq_scheme.entity_id 
_pdbx_poly_seq_scheme.seq_id 
_pdbx_poly_seq_scheme.mon_id 
_pdbx_poly_seq_scheme.ndb_seq_num 
_pdbx_poly_seq_scheme.pdb_seq_num 
_pdbx_poly_seq_scheme.auth_seq_num 
_pdbx_poly_seq_scheme.pdb_mon_id 
_pdbx_poly_seq_scheme.auth_mon_id 
_pdbx_poly_seq_scheme.pdb_strand_id 
_pdbx_poly_seq_scheme.pdb_ins_code 
_pdbx_poly_seq_scheme.hetero 
A 1 1   ALA 1   1   1   ALA ALA A . n 
A 1 2   ALA 2   2   2   ALA ALA A . n 
A 1 3   PRO 3   3   3   PRO PRO A . n 
A 1 4   THR 4   4   4   THR THR A . n 
A 1 5   ALA 5   5   5   ALA ALA A . n 
A 1 6   THR 6   6   6   THR THR A . n 
A 1 7   VAL 7   7   7   VAL VAL A . n 
A 1 8   THR 8   8   8   THR THR A . n 
A 1 9   PRO 9   9   9   PRO PRO A . n 
A 1 10  SER 10  10  10  SER SER A . n 
A 1 11  SER 11  11  11  SER SER A . n 
A 1 12  GLY 12  12  12  GLY GLY A . n 
A 1 13  LEU 13  13  13  LEU LEU A . n 
A 1 14  SER 14  14  14  SER SER A . n 
A 1 15  ASP 15  15  15  ASP ASP A . n 
A 1 16  GLY 16  16  16  GLY GLY A . n 
A 1 17  THR 17  17  17  THR THR A . n 
A 1 18  VAL 18  18  18  VAL VAL A . n 
A 1 19  VAL 19  19  19  VAL VAL A . n 
A 1 20  LYS 20  20  20  LYS LYS A . n 
A 1 21  VAL 21  21  21  VAL VAL A . n 
A 1 22  ALA 22  22  22  ALA ALA A . n 
A 1 23  GLY 23  23  23  GLY GLY A . n 
A 1 24  ALA 24  24  24  ALA ALA A . n 
A 1 25  GLY 25  25  25  GLY GLY A . n 
A 1 26  LEU 26  26  26  LEU LEU A . n 
A 1 27  GLN 27  27  27  GLN GLN A . n 
A 1 28  ALA 28  28  28  ALA ALA A . n 
A 1 29  GLY 29  29  29  GLY GLY A . n 
A 1 30  THR 30  30  30  THR THR A . n 
A 1 31  ALA 31  31  31  ALA ALA A . n 
A 1 32  TYR 32  32  32  TYR TYR A . n 
A 1 33  TRP 33  33  33  TRP TRP A . n 
A 1 34  VAL 34  34  34  VAL VAL A . n 
A 1 35  ALA 35  35  35  ALA ALA A . n 
A 1 36  GLN 36  36  36  GLN GLN A . n 
A 1 37  TRP 37  37  37  TRP TRP A . n 
A 1 38  ALA 38  38  38  ALA ALA A . n 
A 1 39  ARG 39  39  39  ARG ARG A . n 
A 1 40  VAL 40  40  40  VAL VAL A . n 
A 1 41  ASP 41  41  41  ASP ASP A . n 
A 1 42  THR 42  42  42  THR THR A . n 
A 1 43  GLY 43  43  43  GLY GLY A . n 
A 1 44  VAL 44  44  44  VAL VAL A . n 
A 1 45  TRP 45  45  45  TRP TRP A . n 
A 1 46  ALA 46  46  46  ALA ALA A . n 
A 1 47  TYR 47  47  47  TYR TYR A . n 
A 1 48  ASN 48  48  48  ASN ASN A . n 
A 1 49  PRO 49  49  49  PRO PRO A . n 
A 1 50  ALA 50  50  50  ALA ALA A . n 
A 1 51  ASP 51  51  51  ASP ASP A . n 
A 1 52  ASN 52  52  52  ASN ASN A . n 
A 1 53  SER 53  53  53  SER SER A . n 
A 1 54  SER 54  54  54  SER SER A . n 
A 1 55  VAL 55  55  55  VAL VAL A . n 
A 1 56  THR 56  56  56  THR THR A . n 
A 1 57  ALA 57  57  57  ALA ALA A . n 
A 1 58  ASP 58  58  58  ASP ASP A . n 
A 1 59  ALA 59  59  59  ALA ALA A . n 
A 1 60  ASN 60  60  60  ASN ASN A . n 
A 1 61  GLY 61  61  61  GLY GLY A . n 
A 1 62  SER 62  62  62  SER SER A . n 
A 1 63  ALA 63  63  63  ALA ALA A . n 
A 1 64  SER 64  64  64  SER SER A . n 
A 1 65  THR 65  65  65  THR THR A . n 
A 1 66  SER 66  66  66  SER SER A . n 
A 1 67  LEU 67  67  67  LEU LEU A . n 
A 1 68  THR 68  68  68  THR THR A . n 
A 1 69  VAL 69  69  69  VAL VAL A . n 
A 1 70  ARG 70  70  70  ARG ARG A . n 
A 1 71  ARG 71  71  71  ARG ARG A . n 
A 1 72  SER 72  72  72  SER SER A . n 
A 1 73  PHE 73  73  73  PHE PHE A . n 
A 1 74  GLU 74  74  74  GLU GLU A . n 
A 1 75  GLY 75  75  75  GLY GLY A . n 
A 1 76  PHE 76  76  76  PHE PHE A . n 
A 1 77  LEU 77  77  77  LEU LEU A . n 
A 1 78  PHE 78  78  78  PHE PHE A . n 
A 1 79  ASP 79  79  79  ASP ASP A . n 
A 1 80  GLY 80  80  80  GLY GLY A . n 
A 1 81  THR 81  81  81  THR THR A . n 
A 1 82  ARG 82  82  82  ARG ARG A . n 
A 1 83  TRP 83  83  83  TRP TRP A . n 
A 1 84  GLY 84  84  84  GLY GLY A . n 
A 1 85  THR 85  85  85  THR THR A . n 
A 1 86  VAL 86  86  86  VAL VAL A . n 
A 1 87  ASP 87  87  87  ASP ASP A . n 
A 1 88  CYS 88  88  88  CYS CYS A . n 
A 1 89  THR 89  89  89  THR THR A . n 
A 1 90  THR 90  90  90  THR THR A . n 
A 1 91  ALA 91  91  91  ALA ALA A . n 
A 1 92  ALA 92  92  92  ALA ALA A . n 
A 1 93  CYS 93  93  93  CYS CYS A . n 
A 1 94  GLN 94  94  94  GLN GLN A . n 
A 1 95  VAL 95  95  95  VAL VAL A . n 
A 1 96  GLY 96  96  96  GLY GLY A . n 
A 1 97  LEU 97  97  97  LEU LEU A . n 
A 1 98  SER 98  98  98  SER SER A . n 
A 1 99  ASP 99  99  99  ASP ASP A . n 
A 1 100 ALA 100 100 100 ALA ALA A . n 
A 1 101 ALA 101 101 101 ALA ALA A . n 
A 1 102 GLY 102 102 102 GLY GLY A . n 
A 1 103 ASN 103 103 103 ASN ASN A . n 
A 1 104 GLY 104 104 104 GLY GLY A . n 
A 1 105 PRO 105 105 105 PRO PRO A . n 
A 1 106 GLU 106 106 106 GLU GLU A . n 
A 1 107 GLY 107 107 107 GLY GLY A . n 
A 1 108 VAL 108 108 108 VAL VAL A . n 
A 1 109 ALA 109 109 109 ALA ALA A . n 
A 1 110 ILE 110 110 110 ILE ILE A . n 
A 1 111 SER 111 111 111 SER SER A . n 
A 1 112 PHE 112 112 112 PHE PHE A . n 
A 1 113 ASN 113 113 113 ASN ASN A . n 
A 1 114 HIS 114 114 114 HIS HIS A . n 
A 1 115 HIS 115 115 115 HIS HIS A . n 
# 
loop_
_pdbx_nonpoly_scheme.asym_id 
_pdbx_nonpoly_scheme.entity_id 
_pdbx_nonpoly_scheme.mon_id 
_pdbx_nonpoly_scheme.ndb_seq_num 
_pdbx_nonpoly_scheme.pdb_seq_num 
_pdbx_nonpoly_scheme.auth_seq_num 
_pdbx_nonpoly_scheme.pdb_mon_id 
_pdbx_nonpoly_scheme.auth_mon_id 
_pdbx_nonpoly_scheme.pdb_strand_id 
_pdbx_nonpoly_scheme.pdb_ins_code 
B 2 SO4 1   117  117  SO4 SO4 A . 
C 3 TH2 1   120  120  TH2 TH2 A . 
D 3 TH2 1   121  121  TH2 TH2 A . 
E 4 HOH 1   2001 2001 HOH HOH A . 
E 4 HOH 2   2002 2002 HOH HOH A . 
E 4 HOH 3   2003 2003 HOH HOH A . 
E 4 HOH 4   2004 2004 HOH HOH A . 
E 4 HOH 5   2005 2005 HOH HOH A . 
E 4 HOH 6   2006 2006 HOH HOH A . 
E 4 HOH 7   2007 2007 HOH HOH A . 
E 4 HOH 8   2008 2008 HOH HOH A . 
E 4 HOH 9   2009 2009 HOH HOH A . 
E 4 HOH 10  2010 2010 HOH HOH A . 
E 4 HOH 11  2011 2011 HOH HOH A . 
E 4 HOH 12  2012 2012 HOH HOH A . 
E 4 HOH 13  2013 2013 HOH HOH A . 
E 4 HOH 14  2014 2014 HOH HOH A . 
E 4 HOH 15  2015 2015 HOH HOH A . 
E 4 HOH 16  2016 2016 HOH HOH A . 
E 4 HOH 17  2017 2017 HOH HOH A . 
E 4 HOH 18  2018 2018 HOH HOH A . 
E 4 HOH 19  2019 2019 HOH HOH A . 
E 4 HOH 20  2020 2020 HOH HOH A . 
E 4 HOH 21  2021 2021 HOH HOH A . 
E 4 HOH 22  2022 2022 HOH HOH A . 
E 4 HOH 23  2023 2023 HOH HOH A . 
E 4 HOH 24  2024 2024 HOH HOH A . 
E 4 HOH 25  2025 2025 HOH HOH A . 
E 4 HOH 26  2026 2026 HOH HOH A . 
E 4 HOH 27  2027 2027 HOH HOH A . 
E 4 HOH 28  2028 2028 HOH HOH A . 
E 4 HOH 29  2029 2029 HOH HOH A . 
E 4 HOH 30  2030 2030 HOH HOH A . 
E 4 HOH 31  2031 2031 HOH HOH A . 
E 4 HOH 32  2032 2032 HOH HOH A . 
E 4 HOH 33  2033 2033 HOH HOH A . 
E 4 HOH 34  2034 2034 HOH HOH A . 
E 4 HOH 35  2035 2035 HOH HOH A . 
E 4 HOH 36  2036 2036 HOH HOH A . 
E 4 HOH 37  2037 2037 HOH HOH A . 
E 4 HOH 38  2038 2038 HOH HOH A . 
E 4 HOH 39  2039 2039 HOH HOH A . 
E 4 HOH 40  2040 2040 HOH HOH A . 
E 4 HOH 41  2041 2041 HOH HOH A . 
E 4 HOH 42  2042 2042 HOH HOH A . 
E 4 HOH 43  2043 2043 HOH HOH A . 
E 4 HOH 44  2044 2044 HOH HOH A . 
E 4 HOH 45  2045 2045 HOH HOH A . 
E 4 HOH 46  2046 2046 HOH HOH A . 
E 4 HOH 47  2047 2047 HOH HOH A . 
E 4 HOH 48  2048 2048 HOH HOH A . 
E 4 HOH 49  2049 2049 HOH HOH A . 
E 4 HOH 50  2050 2050 HOH HOH A . 
E 4 HOH 51  2051 2051 HOH HOH A . 
E 4 HOH 52  2052 2052 HOH HOH A . 
E 4 HOH 53  2053 2053 HOH HOH A . 
E 4 HOH 54  2054 2054 HOH HOH A . 
E 4 HOH 55  2055 2055 HOH HOH A . 
E 4 HOH 56  2056 2056 HOH HOH A . 
E 4 HOH 57  2057 2057 HOH HOH A . 
E 4 HOH 58  2058 2058 HOH HOH A . 
E 4 HOH 59  2059 2059 HOH HOH A . 
E 4 HOH 60  2060 2060 HOH HOH A . 
E 4 HOH 61  2061 2061 HOH HOH A . 
E 4 HOH 62  2062 2062 HOH HOH A . 
E 4 HOH 63  2063 2063 HOH HOH A . 
E 4 HOH 64  2064 2064 HOH HOH A . 
E 4 HOH 65  2065 2065 HOH HOH A . 
E 4 HOH 66  2066 2066 HOH HOH A . 
E 4 HOH 67  2067 2067 HOH HOH A . 
E 4 HOH 68  2068 2068 HOH HOH A . 
E 4 HOH 69  2069 2069 HOH HOH A . 
E 4 HOH 70  2070 2070 HOH HOH A . 
E 4 HOH 71  2071 2071 HOH HOH A . 
E 4 HOH 72  2072 2072 HOH HOH A . 
E 4 HOH 73  2073 2073 HOH HOH A . 
E 4 HOH 74  2074 2074 HOH HOH A . 
E 4 HOH 75  2075 2075 HOH HOH A . 
E 4 HOH 76  2076 2076 HOH HOH A . 
E 4 HOH 77  2077 2077 HOH HOH A . 
E 4 HOH 78  2078 2078 HOH HOH A . 
E 4 HOH 79  2079 2079 HOH HOH A . 
E 4 HOH 80  2080 2080 HOH HOH A . 
E 4 HOH 81  2081 2081 HOH HOH A . 
E 4 HOH 82  2082 2082 HOH HOH A . 
E 4 HOH 83  2083 2083 HOH HOH A . 
E 4 HOH 84  2084 2084 HOH HOH A . 
E 4 HOH 85  2085 2085 HOH HOH A . 
E 4 HOH 86  2086 2086 HOH HOH A . 
E 4 HOH 87  2087 2087 HOH HOH A . 
E 4 HOH 88  2088 2088 HOH HOH A . 
E 4 HOH 89  2089 2089 HOH HOH A . 
E 4 HOH 90  2090 2090 HOH HOH A . 
E 4 HOH 91  2091 2091 HOH HOH A . 
E 4 HOH 92  2092 2092 HOH HOH A . 
E 4 HOH 93  2093 2093 HOH HOH A . 
E 4 HOH 94  2094 2094 HOH HOH A . 
E 4 HOH 95  2095 2095 HOH HOH A . 
E 4 HOH 96  2096 2096 HOH HOH A . 
E 4 HOH 97  2097 2097 HOH HOH A . 
E 4 HOH 98  2098 2098 HOH HOH A . 
E 4 HOH 99  2099 2099 HOH HOH A . 
E 4 HOH 100 2100 2100 HOH HOH A . 
E 4 HOH 101 2101 2101 HOH HOH A . 
E 4 HOH 102 2102 2102 HOH HOH A . 
E 4 HOH 103 2103 2103 HOH HOH A . 
E 4 HOH 104 2104 2104 HOH HOH A . 
E 4 HOH 105 2105 2105 HOH HOH A . 
E 4 HOH 106 2106 2106 HOH HOH A . 
E 4 HOH 107 2107 2107 HOH HOH A . 
E 4 HOH 108 2108 2108 HOH HOH A . 
E 4 HOH 109 2109 2109 HOH HOH A . 
E 4 HOH 110 2110 2110 HOH HOH A . 
E 4 HOH 111 2111 2111 HOH HOH A . 
E 4 HOH 112 2112 2112 HOH HOH A . 
E 4 HOH 113 2113 2113 HOH HOH A . 
E 4 HOH 114 2114 2114 HOH HOH A . 
E 4 HOH 115 2115 2115 HOH HOH A . 
E 4 HOH 116 2116 2116 HOH HOH A . 
# 
loop_
_software.name 
_software.classification 
_software.version 
_software.citation_id 
_software.pdbx_ordinal 
CNS       refinement       1.0 ? 1 
DENZO     'data reduction' .   ? 2 
SCALEPACK 'data scaling'   .   ? 3 
AMoRE     phasing          .   ? 4 
# 
_cell.entry_id           2CBO 
_cell.length_a           43.984 
_cell.length_b           43.984 
_cell.length_c           54.708 
_cell.angle_alpha        90.00 
_cell.angle_beta         90.00 
_cell.angle_gamma        90.00 
_cell.Z_PDB              4 
_cell.pdbx_unique_axis   ? 
# 
_symmetry.entry_id                         2CBO 
_symmetry.space_group_name_H-M             'P 41' 
_symmetry.pdbx_full_space_group_name_H-M   ? 
_symmetry.cell_setting                     ? 
_symmetry.Int_Tables_number                76 
# 
_exptl.entry_id          2CBO 
_exptl.method            'X-RAY DIFFRACTION' 
_exptl.crystals_number   1 
# 
_exptl_crystal.id                    1 
_exptl_crystal.density_meas          ? 
_exptl_crystal.density_Matthews      2.8 
_exptl_crystal.density_percent_sol   50 
_exptl_crystal.description           ? 
# 
_exptl_crystal_grow.crystal_id      1 
_exptl_crystal_grow.method          ? 
_exptl_crystal_grow.temp            ? 
_exptl_crystal_grow.temp_details    ? 
_exptl_crystal_grow.pH              ? 
_exptl_crystal_grow.pdbx_pH_range   ? 
_exptl_crystal_grow.pdbx_details    '1.6-1.7M (NH4)2SO4, 0.1 M SODIUM CITRATE PH 6.0' 
# 
_diffrn.id                     1 
_diffrn.ambient_temp           100.0 
_diffrn.ambient_temp_details   ? 
_diffrn.crystal_id             1 
# 
_diffrn_detector.diffrn_id              1 
_diffrn_detector.detector               CCD 
_diffrn_detector.type                   MARRESEARCH 
_diffrn_detector.pdbx_collection_date   ? 
_diffrn_detector.details                ? 
# 
_diffrn_radiation.diffrn_id                        1 
_diffrn_radiation.wavelength_id                    1 
_diffrn_radiation.pdbx_monochromatic_or_laue_m_l   M 
_diffrn_radiation.monochromator                    ? 
_diffrn_radiation.pdbx_diffrn_protocol             'SINGLE WAVELENGTH' 
_diffrn_radiation.pdbx_scattering_type             x-ray 
# 
_diffrn_radiation_wavelength.id           1 
_diffrn_radiation_wavelength.wavelength   0.978 
_diffrn_radiation_wavelength.wt           1.0 
# 
_diffrn_source.diffrn_id                   1 
_diffrn_source.source                      SYNCHROTRON 
_diffrn_source.type                        'ESRF BEAMLINE BM30A' 
_diffrn_source.pdbx_synchrotron_site       ESRF 
_diffrn_source.pdbx_synchrotron_beamline   BM30A 
_diffrn_source.pdbx_wavelength             0.978 
_diffrn_source.pdbx_wavelength_list        ? 
# 
_reflns.pdbx_diffrn_id               1 
_reflns.pdbx_ordinal                 1 
_reflns.entry_id                     2CBO 
_reflns.observed_criterion_sigma_I   2.000 
_reflns.observed_criterion_sigma_F   ? 
_reflns.d_resolution_low             20.000 
_reflns.d_resolution_high            1.700 
_reflns.number_obs                   10933 
_reflns.number_all                   ? 
_reflns.percent_possible_obs         94.9 
_reflns.pdbx_Rmerge_I_obs            0.08000 
_reflns.pdbx_Rsym_value              ? 
_reflns.pdbx_netI_over_sigmaI        10.3000 
_reflns.B_iso_Wilson_estimate        15.4 
_reflns.pdbx_redundancy              1.970 
# 
_reflns_shell.pdbx_diffrn_id         1 
_reflns_shell.pdbx_ordinal           1 
_reflns_shell.d_res_high             1.70 
_reflns_shell.d_res_low              1.76 
_reflns_shell.percent_possible_all   91.7 
_reflns_shell.Rmerge_I_obs           0.54000 
_reflns_shell.pdbx_Rsym_value        ? 
_reflns_shell.meanI_over_sigI_obs    1.600 
_reflns_shell.pdbx_redundancy        1.90 
# 
_refine.pdbx_refine_id                           'X-RAY DIFFRACTION' 
_refine.entry_id                                 2CBO 
_refine.pdbx_diffrn_id                           1 
_refine.pdbx_TLS_residual_ADP_flag               ? 
_refine.ls_number_reflns_obs                     10099 
_refine.ls_number_reflns_all                     ? 
_refine.pdbx_ls_sigma_I                          ? 
_refine.pdbx_ls_sigma_F                          0.0 
_refine.pdbx_data_cutoff_high_absF               187070.78 
_refine.pdbx_data_cutoff_low_absF                ? 
_refine.pdbx_data_cutoff_high_rms_absF           ? 
_refine.ls_d_res_low                             18.51 
_refine.ls_d_res_high                            1.70 
_refine.ls_percent_reflns_obs                    87.8 
_refine.ls_R_factor_obs                          0.193 
_refine.ls_R_factor_all                          ? 
_refine.ls_R_factor_R_work                       0.193 
_refine.ls_R_factor_R_free                       0.220 
_refine.ls_R_factor_R_free_error                 0.010 
_refine.ls_R_factor_R_free_error_details         ? 
_refine.ls_percent_reflns_R_free                 5.3 
_refine.ls_number_reflns_R_free                  533 
_refine.ls_number_parameters                     ? 
_refine.ls_number_restraints                     ? 
_refine.occupancy_min                            ? 
_refine.occupancy_max                            ? 
_refine.correlation_coeff_Fo_to_Fc               ? 
_refine.correlation_coeff_Fo_to_Fc_free          ? 
_refine.B_iso_mean                               21.6 
_refine.aniso_B[1][1]                            1.60 
_refine.aniso_B[2][2]                            1.60 
_refine.aniso_B[3][3]                            -3.19 
_refine.aniso_B[1][2]                            0.00 
_refine.aniso_B[1][3]                            0.00 
_refine.aniso_B[2][3]                            0.00 
_refine.solvent_model_details                    'FLAT MODEL' 
_refine.solvent_model_param_ksol                 0.388351 
_refine.solvent_model_param_bsol                 57.2945 
_refine.pdbx_solvent_vdw_probe_radii             ? 
_refine.pdbx_solvent_ion_probe_radii             ? 
_refine.pdbx_solvent_shrinkage_radii             ? 
_refine.pdbx_ls_cross_valid_method               THROUGHOUT 
_refine.details                                  ? 
_refine.pdbx_starting_model                      'PDB ENTRY 1NCO' 
_refine.pdbx_method_to_determine_struct          'MOLECULAR REPLACEMENT' 
_refine.pdbx_isotropic_thermal_model             RESTRAINED 
_refine.pdbx_stereochemistry_target_values       'MAXIMUM LIKELIHOOD' 
_refine.pdbx_stereochem_target_val_spec_case     ? 
_refine.pdbx_R_Free_selection_details            RANDOM 
_refine.pdbx_overall_ESU_R                       ? 
_refine.pdbx_overall_ESU_R_Free                  ? 
_refine.overall_SU_ML                            ? 
_refine.pdbx_overall_phase_error                 ? 
_refine.overall_SU_B                             ? 
_refine.overall_SU_R_Cruickshank_DPI             ? 
_refine.pdbx_overall_SU_R_free_Cruickshank_DPI   ? 
_refine.pdbx_overall_SU_R_Blow_DPI               ? 
_refine.pdbx_overall_SU_R_free_Blow_DPI          ? 
# 
_refine_analyze.pdbx_refine_id                  'X-RAY DIFFRACTION' 
_refine_analyze.entry_id                        2CBO 
_refine_analyze.Luzzati_coordinate_error_obs    0.20 
_refine_analyze.Luzzati_sigma_a_obs             0.30 
_refine_analyze.Luzzati_d_res_low_obs           5.00 
_refine_analyze.Luzzati_coordinate_error_free   0.25 
_refine_analyze.Luzzati_sigma_a_free            0.27 
_refine_analyze.Luzzati_d_res_low_free          ? 
_refine_analyze.number_disordered_residues      ? 
_refine_analyze.occupancy_sum_hydrogen          ? 
_refine_analyze.occupancy_sum_non_hydrogen      ? 
# 
_refine_hist.pdbx_refine_id                   'X-RAY DIFFRACTION' 
_refine_hist.cycle_id                         LAST 
_refine_hist.pdbx_number_atoms_protein        818 
_refine_hist.pdbx_number_atoms_nucleic_acid   0 
_refine_hist.pdbx_number_atoms_ligand         61 
_refine_hist.number_atoms_solvent             116 
_refine_hist.number_atoms_total               995 
_refine_hist.d_res_high                       1.70 
_refine_hist.d_res_low                        18.51 
# 
loop_
_refine_ls_restr.type 
_refine_ls_restr.dev_ideal 
_refine_ls_restr.dev_ideal_target 
_refine_ls_restr.weight 
_refine_ls_restr.number 
_refine_ls_restr.pdbx_refine_id 
_refine_ls_restr.pdbx_restraint_function 
c_bond_d                0.008 ?    ? ? 'X-RAY DIFFRACTION' ? 
c_bond_d_na             ?     ?    ? ? 'X-RAY DIFFRACTION' ? 
c_bond_d_prot           ?     ?    ? ? 'X-RAY DIFFRACTION' ? 
c_angle_d               ?     ?    ? ? 'X-RAY DIFFRACTION' ? 
c_angle_d_na            ?     ?    ? ? 'X-RAY DIFFRACTION' ? 
c_angle_d_prot          ?     ?    ? ? 'X-RAY DIFFRACTION' ? 
c_angle_deg             1.8   ?    ? ? 'X-RAY DIFFRACTION' ? 
c_angle_deg_na          ?     ?    ? ? 'X-RAY DIFFRACTION' ? 
c_angle_deg_prot        ?     ?    ? ? 'X-RAY DIFFRACTION' ? 
c_dihedral_angle_d      25.7  ?    ? ? 'X-RAY DIFFRACTION' ? 
c_dihedral_angle_d_na   ?     ?    ? ? 'X-RAY DIFFRACTION' ? 
c_dihedral_angle_d_prot ?     ?    ? ? 'X-RAY DIFFRACTION' ? 
c_improper_angle_d      2.34  ?    ? ? 'X-RAY DIFFRACTION' ? 
c_improper_angle_d_na   ?     ?    ? ? 'X-RAY DIFFRACTION' ? 
c_improper_angle_d_prot ?     ?    ? ? 'X-RAY DIFFRACTION' ? 
c_mcbond_it             1.24  1.50 ? ? 'X-RAY DIFFRACTION' ? 
c_mcangle_it            1.81  2.00 ? ? 'X-RAY DIFFRACTION' ? 
c_scbond_it             1.74  2.00 ? ? 'X-RAY DIFFRACTION' ? 
c_scangle_it            2.36  2.50 ? ? 'X-RAY DIFFRACTION' ? 
# 
_refine_ls_shell.pdbx_refine_id                   'X-RAY DIFFRACTION' 
_refine_ls_shell.pdbx_total_number_of_bins_used   6 
_refine_ls_shell.d_res_high                       1.70 
_refine_ls_shell.d_res_low                        1.81 
_refine_ls_shell.number_reflns_R_work             1404 
_refine_ls_shell.R_factor_R_work                  0.344 
_refine_ls_shell.percent_reflns_obs               77.9 
_refine_ls_shell.R_factor_R_free                  0.369 
_refine_ls_shell.R_factor_R_free_error            0.041 
_refine_ls_shell.percent_reflns_R_free            5.6 
_refine_ls_shell.number_reflns_R_free             83 
_refine_ls_shell.number_reflns_all                ? 
_refine_ls_shell.R_factor_all                     ? 
# 
loop_
_pdbx_xplor_file.pdbx_refine_id 
_pdbx_xplor_file.serial_no 
_pdbx_xplor_file.param_file 
_pdbx_xplor_file.topol_file 
'X-RAY DIFFRACTION' 1 PROTEIN_REP.PARAM PROTEIN.TOP 
'X-RAY DIFFRACTION' 2 THS.PARAM         WATER.TOP   
'X-RAY DIFFRACTION' 3 WATER_REP.PARAM   ION.TOP     
'X-RAY DIFFRACTION' 4 ION.PARAM         THS.TOP     
# 
_struct.entry_id                  2CBO 
_struct.title                     'Crystal structure of the neocarzinostatin 3Tes24 mutant bound to testosterone hemisuccinate.' 
_struct.pdbx_model_details        ? 
_struct.pdbx_CASP_flag            ? 
_struct.pdbx_model_type_details   ? 
# 
_struct_keywords.entry_id        2CBO 
_struct_keywords.pdbx_keywords   ANTIBIOTIC 
_struct_keywords.text            'ANTIBIOTIC, PHAGE-DISPLAY, HAPTEN BINDING, NEOCARZINOSTATIN, ANTIMICROBIAL, DNA-BINDING' 
# 
loop_
_struct_asym.id 
_struct_asym.pdbx_blank_PDB_chainid_flag 
_struct_asym.pdbx_modified 
_struct_asym.entity_id 
_struct_asym.details 
A N N 1 ? 
B N N 2 ? 
C N N 3 ? 
D N N 3 ? 
E N N 4 ? 
# 
loop_
_struct_ref.id 
_struct_ref.db_name 
_struct_ref.db_code 
_struct_ref.entity_id 
_struct_ref.pdbx_seq_one_letter_code 
_struct_ref.pdbx_align_begin 
_struct_ref.pdbx_db_accession 
_struct_ref.pdbx_db_isoform 
1 UNP NCZS_STRCZ 1 ? ? P0A3R9 ? 
2 PDB 2CBO       1 ? ? 2CBO   ? 
# 
loop_
_struct_ref_seq.align_id 
_struct_ref_seq.ref_id 
_struct_ref_seq.pdbx_PDB_id_code 
_struct_ref_seq.pdbx_strand_id 
_struct_ref_seq.seq_align_beg 
_struct_ref_seq.pdbx_seq_align_beg_ins_code 
_struct_ref_seq.seq_align_end 
_struct_ref_seq.pdbx_seq_align_end_ins_code 
_struct_ref_seq.pdbx_db_accession 
_struct_ref_seq.db_align_beg 
_struct_ref_seq.pdbx_db_align_beg_ins_code 
_struct_ref_seq.db_align_end 
_struct_ref_seq.pdbx_db_align_end_ins_code 
_struct_ref_seq.pdbx_auth_seq_align_beg 
_struct_ref_seq.pdbx_auth_seq_align_end 
1 1 2CBO A 1   ? 113 ? P0A3R9 35  ? 147 ? 1   113 
2 2 2CBO A 114 ? 115 ? 2CBO   114 ? 115 ? 114 115 
# 
loop_
_struct_ref_seq_dif.align_id 
_struct_ref_seq_dif.pdbx_pdb_id_code 
_struct_ref_seq_dif.mon_id 
_struct_ref_seq_dif.pdbx_pdb_strand_id 
_struct_ref_seq_dif.seq_num 
_struct_ref_seq_dif.pdbx_pdb_ins_code 
_struct_ref_seq_dif.pdbx_seq_db_name 
_struct_ref_seq_dif.pdbx_seq_db_accession_code 
_struct_ref_seq_dif.db_mon_id 
_struct_ref_seq_dif.pdbx_seq_db_seq_num 
_struct_ref_seq_dif.details 
_struct_ref_seq_dif.pdbx_auth_seq_num 
_struct_ref_seq_dif.pdbx_ordinal 
1 2CBO TRP A 33 ? UNP P0A3R9 ASP 67 'engineered mutation' 33 1 
1 2CBO ALA A 35 ? UNP P0A3R9 GLY 69 'engineered mutation' 35 2 
1 2CBO TRP A 37 ? UNP P0A3R9 CYS 71 'engineered mutation' 37 3 
1 2CBO ARG A 39 ? UNP P0A3R9 TRP 73 'engineered mutation' 39 4 
1 2CBO TRP A 45 ? UNP P0A3R9 LEU 79 'engineered mutation' 45 5 
1 2CBO TYR A 47 ? UNP P0A3R9 CYS 81 'engineered mutation' 47 6 
1 2CBO ASN A 52 ? UNP P0A3R9 PHE 86 'engineered mutation' 52 7 
# 
_pdbx_struct_assembly.id                   1 
_pdbx_struct_assembly.details              author_and_software_defined_assembly 
_pdbx_struct_assembly.method_details       PQS 
_pdbx_struct_assembly.oligomeric_details   monomeric 
_pdbx_struct_assembly.oligomeric_count     1 
# 
_pdbx_struct_assembly_gen.assembly_id       1 
_pdbx_struct_assembly_gen.oper_expression   1 
_pdbx_struct_assembly_gen.asym_id_list      A,B,C,D,E 
# 
_pdbx_struct_oper_list.id                   1 
_pdbx_struct_oper_list.type                 'identity operation' 
_pdbx_struct_oper_list.name                 1_555 
_pdbx_struct_oper_list.symmetry_operation   x,y,z 
_pdbx_struct_oper_list.matrix[1][1]         1.0000000000 
_pdbx_struct_oper_list.matrix[1][2]         0.0000000000 
_pdbx_struct_oper_list.matrix[1][3]         0.0000000000 
_pdbx_struct_oper_list.vector[1]            0.0000000000 
_pdbx_struct_oper_list.matrix[2][1]         0.0000000000 
_pdbx_struct_oper_list.matrix[2][2]         1.0000000000 
_pdbx_struct_oper_list.matrix[2][3]         0.0000000000 
_pdbx_struct_oper_list.vector[2]            0.0000000000 
_pdbx_struct_oper_list.matrix[3][1]         0.0000000000 
_pdbx_struct_oper_list.matrix[3][2]         0.0000000000 
_pdbx_struct_oper_list.matrix[3][3]         1.0000000000 
_pdbx_struct_oper_list.vector[3]            0.0000000000 
# 
_struct_biol.id   1 
# 
_struct_conf.conf_type_id            HELX_P 
_struct_conf.id                      HELX_P1 
_struct_conf.pdbx_PDB_helix_id       1 
_struct_conf.beg_label_comp_id       PRO 
_struct_conf.beg_label_asym_id       A 
_struct_conf.beg_label_seq_id        49 
_struct_conf.pdbx_beg_PDB_ins_code   ? 
_struct_conf.end_label_comp_id       ASN 
_struct_conf.end_label_asym_id       A 
_struct_conf.end_label_seq_id        52 
_struct_conf.pdbx_end_PDB_ins_code   ? 
_struct_conf.beg_auth_comp_id        PRO 
_struct_conf.beg_auth_asym_id        A 
_struct_conf.beg_auth_seq_id         49 
_struct_conf.end_auth_comp_id        ASN 
_struct_conf.end_auth_asym_id        A 
_struct_conf.end_auth_seq_id         52 
_struct_conf.pdbx_PDB_helix_class    5 
_struct_conf.details                 ? 
_struct_conf.pdbx_PDB_helix_length   4 
# 
_struct_conf_type.id          HELX_P 
_struct_conf_type.criteria    ? 
_struct_conf_type.reference   ? 
# 
_struct_conn.id                            disulf1 
_struct_conn.conn_type_id                  disulf 
_struct_conn.pdbx_leaving_atom_flag        ? 
_struct_conn.pdbx_PDB_id                   ? 
_struct_conn.ptnr1_label_asym_id           A 
_struct_conn.ptnr1_label_comp_id           CYS 
_struct_conn.ptnr1_label_seq_id            88 
_struct_conn.ptnr1_label_atom_id           SG 
_struct_conn.pdbx_ptnr1_label_alt_id       ? 
_struct_conn.pdbx_ptnr1_PDB_ins_code       ? 
_struct_conn.pdbx_ptnr1_standard_comp_id   ? 
_struct_conn.ptnr1_symmetry                1_555 
_struct_conn.ptnr2_label_asym_id           A 
_struct_conn.ptnr2_label_comp_id           CYS 
_struct_conn.ptnr2_label_seq_id            93 
_struct_conn.ptnr2_label_atom_id           SG 
_struct_conn.pdbx_ptnr2_label_alt_id       ? 
_struct_conn.pdbx_ptnr2_PDB_ins_code       ? 
_struct_conn.ptnr1_auth_asym_id            A 
_struct_conn.ptnr1_auth_comp_id            CYS 
_struct_conn.ptnr1_auth_seq_id             88 
_struct_conn.ptnr2_auth_asym_id            A 
_struct_conn.ptnr2_auth_comp_id            CYS 
_struct_conn.ptnr2_auth_seq_id             93 
_struct_conn.ptnr2_symmetry                1_555 
_struct_conn.pdbx_ptnr3_label_atom_id      ? 
_struct_conn.pdbx_ptnr3_label_seq_id       ? 
_struct_conn.pdbx_ptnr3_label_comp_id      ? 
_struct_conn.pdbx_ptnr3_label_asym_id      ? 
_struct_conn.pdbx_ptnr3_label_alt_id       ? 
_struct_conn.pdbx_ptnr3_PDB_ins_code       ? 
_struct_conn.details                       ? 
_struct_conn.pdbx_dist_value               2.027 
_struct_conn.pdbx_value_order              ? 
_struct_conn.pdbx_role                     ? 
# 
_struct_conn_type.id          disulf 
_struct_conn_type.criteria    ? 
_struct_conn_type.reference   ? 
# 
_pdbx_modification_feature.ordinal                            1 
_pdbx_modification_feature.label_comp_id                      CYS 
_pdbx_modification_feature.label_asym_id                      A 
_pdbx_modification_feature.label_seq_id                       88 
_pdbx_modification_feature.label_alt_id                       ? 
_pdbx_modification_feature.modified_residue_label_comp_id     CYS 
_pdbx_modification_feature.modified_residue_label_asym_id     A 
_pdbx_modification_feature.modified_residue_label_seq_id      93 
_pdbx_modification_feature.modified_residue_label_alt_id      ? 
_pdbx_modification_feature.auth_comp_id                       CYS 
_pdbx_modification_feature.auth_asym_id                       A 
_pdbx_modification_feature.auth_seq_id                        88 
_pdbx_modification_feature.PDB_ins_code                       ? 
_pdbx_modification_feature.symmetry                           1_555 
_pdbx_modification_feature.modified_residue_auth_comp_id      CYS 
_pdbx_modification_feature.modified_residue_auth_asym_id      A 
_pdbx_modification_feature.modified_residue_auth_seq_id       93 
_pdbx_modification_feature.modified_residue_PDB_ins_code      ? 
_pdbx_modification_feature.modified_residue_symmetry          1_555 
_pdbx_modification_feature.comp_id_linking_atom               SG 
_pdbx_modification_feature.modified_residue_id_linking_atom   SG 
_pdbx_modification_feature.modified_residue_id                . 
_pdbx_modification_feature.ref_pcm_id                         . 
_pdbx_modification_feature.ref_comp_id                        . 
_pdbx_modification_feature.type                               None 
_pdbx_modification_feature.category                           'Disulfide bridge' 
# 
_struct_mon_prot_cis.pdbx_id                1 
_struct_mon_prot_cis.label_comp_id          THR 
_struct_mon_prot_cis.label_seq_id           8 
_struct_mon_prot_cis.label_asym_id          A 
_struct_mon_prot_cis.label_alt_id           . 
_struct_mon_prot_cis.pdbx_PDB_ins_code      ? 
_struct_mon_prot_cis.auth_comp_id           THR 
_struct_mon_prot_cis.auth_seq_id            8 
_struct_mon_prot_cis.auth_asym_id           A 
_struct_mon_prot_cis.pdbx_label_comp_id_2   PRO 
_struct_mon_prot_cis.pdbx_label_seq_id_2    9 
_struct_mon_prot_cis.pdbx_label_asym_id_2   A 
_struct_mon_prot_cis.pdbx_PDB_ins_code_2    ? 
_struct_mon_prot_cis.pdbx_auth_comp_id_2    PRO 
_struct_mon_prot_cis.pdbx_auth_seq_id_2     9 
_struct_mon_prot_cis.pdbx_auth_asym_id_2    A 
_struct_mon_prot_cis.pdbx_PDB_model_num     1 
_struct_mon_prot_cis.pdbx_omega_angle       -0.29 
# 
loop_
_struct_sheet.id 
_struct_sheet.type 
_struct_sheet.number_strands 
_struct_sheet.details 
AA ? 3 ? 
AB ? 3 ? 
AC ? 4 ? 
AD ? 2 ? 
# 
loop_
_struct_sheet_order.sheet_id 
_struct_sheet_order.range_id_1 
_struct_sheet_order.range_id_2 
_struct_sheet_order.offset 
_struct_sheet_order.sense 
AA 1 2 ? anti-parallel 
AA 2 3 ? anti-parallel 
AB 1 2 ? anti-parallel 
AB 2 3 ? anti-parallel 
AC 1 2 ? anti-parallel 
AC 2 3 ? anti-parallel 
AC 3 4 ? anti-parallel 
AD 1 2 ? anti-parallel 
# 
loop_
_struct_sheet_range.sheet_id 
_struct_sheet_range.id 
_struct_sheet_range.beg_label_comp_id 
_struct_sheet_range.beg_label_asym_id 
_struct_sheet_range.beg_label_seq_id 
_struct_sheet_range.pdbx_beg_PDB_ins_code 
_struct_sheet_range.end_label_comp_id 
_struct_sheet_range.end_label_asym_id 
_struct_sheet_range.end_label_seq_id 
_struct_sheet_range.pdbx_end_PDB_ins_code 
_struct_sheet_range.beg_auth_comp_id 
_struct_sheet_range.beg_auth_asym_id 
_struct_sheet_range.beg_auth_seq_id 
_struct_sheet_range.end_auth_comp_id 
_struct_sheet_range.end_auth_asym_id 
_struct_sheet_range.end_auth_seq_id 
AA 1 THR A 4   ? THR A 8   ? THR A 4   THR A 8   
AA 2 VAL A 18  ? ALA A 24  ? VAL A 18  ALA A 24  
AA 3 ALA A 63  ? THR A 68  ? ALA A 63  THR A 68  
AB 1 VAL A 44  ? TYR A 47  ? VAL A 44  TYR A 47  
AB 2 ALA A 31  ? ASP A 41  ? ALA A 31  ASP A 41  
AB 3 SER A 53  ? THR A 56  ? SER A 53  THR A 56  
AC 1 VAL A 44  ? TYR A 47  ? VAL A 44  TYR A 47  
AC 2 ALA A 31  ? ASP A 41  ? ALA A 31  ASP A 41  
AC 3 ALA A 92  ? SER A 98  ? ALA A 92  SER A 98  
AC 4 VAL A 108 ? ALA A 109 ? VAL A 108 ALA A 109 
AD 1 SER A 72  ? PHE A 76  ? SER A 72  PHE A 76  
AD 2 ARG A 82  ? ASP A 87  ? ARG A 82  ASP A 87  
# 
loop_
_pdbx_struct_sheet_hbond.sheet_id 
_pdbx_struct_sheet_hbond.range_id_1 
_pdbx_struct_sheet_hbond.range_id_2 
_pdbx_struct_sheet_hbond.range_1_label_atom_id 
_pdbx_struct_sheet_hbond.range_1_label_comp_id 
_pdbx_struct_sheet_hbond.range_1_label_asym_id 
_pdbx_struct_sheet_hbond.range_1_label_seq_id 
_pdbx_struct_sheet_hbond.range_1_PDB_ins_code 
_pdbx_struct_sheet_hbond.range_1_auth_atom_id 
_pdbx_struct_sheet_hbond.range_1_auth_comp_id 
_pdbx_struct_sheet_hbond.range_1_auth_asym_id 
_pdbx_struct_sheet_hbond.range_1_auth_seq_id 
_pdbx_struct_sheet_hbond.range_2_label_atom_id 
_pdbx_struct_sheet_hbond.range_2_label_comp_id 
_pdbx_struct_sheet_hbond.range_2_label_asym_id 
_pdbx_struct_sheet_hbond.range_2_label_seq_id 
_pdbx_struct_sheet_hbond.range_2_PDB_ins_code 
_pdbx_struct_sheet_hbond.range_2_auth_atom_id 
_pdbx_struct_sheet_hbond.range_2_auth_comp_id 
_pdbx_struct_sheet_hbond.range_2_auth_asym_id 
_pdbx_struct_sheet_hbond.range_2_auth_seq_id 
AA 1 2 N THR A 8  ? N THR A 8  O LYS A 20  ? O LYS A 20  
AA 2 3 N GLY A 23 ? N GLY A 23 O ALA A 63  ? O ALA A 63  
AB 1 2 N ALA A 46 ? N ALA A 46 O ALA A 38  ? O ALA A 38  
AB 2 3 N VAL A 34 ? N VAL A 34 O SER A 53  ? O SER A 53  
AC 1 2 N ALA A 46 ? N ALA A 46 O ALA A 38  ? O ALA A 38  
AC 2 3 N ARG A 39 ? N ARG A 39 O ALA A 92  ? O ALA A 92  
AC 3 4 N VAL A 95 ? N VAL A 95 O VAL A 108 ? O VAL A 108 
AD 1 2 O GLY A 75 ? O GLY A 75 N TRP A 83  ? N TRP A 83  
# 
loop_
_struct_site.id 
_struct_site.pdbx_evidence_code 
_struct_site.pdbx_auth_asym_id 
_struct_site.pdbx_auth_comp_id 
_struct_site.pdbx_auth_seq_id 
_struct_site.pdbx_auth_ins_code 
_struct_site.pdbx_num_residues 
_struct_site.details 
AC1 Software A SO4 117 ? 6  'BINDING SITE FOR RESIDUE SO4 A 117' 
AC2 Software A TH2 120 ? 16 'BINDING SITE FOR RESIDUE TH2 A 120' 
AC3 Software A TH2 121 ? 11 'BINDING SITE FOR RESIDUE TH2 A 121' 
# 
loop_
_struct_site_gen.id 
_struct_site_gen.site_id 
_struct_site_gen.pdbx_num_res 
_struct_site_gen.label_comp_id 
_struct_site_gen.label_asym_id 
_struct_site_gen.label_seq_id 
_struct_site_gen.pdbx_auth_ins_code 
_struct_site_gen.auth_comp_id 
_struct_site_gen.auth_asym_id 
_struct_site_gen.auth_seq_id 
_struct_site_gen.label_atom_id 
_struct_site_gen.label_alt_id 
_struct_site_gen.symmetry 
_struct_site_gen.details 
1  AC1 6  SER A 14  ? SER A 14   . ? 1_555 ? 
2  AC1 6  ASP A 15  ? ASP A 15   . ? 1_555 ? 
3  AC1 6  ARG A 71  ? ARG A 71   . ? 1_555 ? 
4  AC1 6  HOH E .   ? HOH A 2113 . ? 1_555 ? 
5  AC1 6  HOH E .   ? HOH A 2114 . ? 1_555 ? 
6  AC1 6  HOH E .   ? HOH A 2115 . ? 1_555 ? 
7  AC2 16 THR A 8   ? THR A 8    . ? 1_555 ? 
8  AC2 16 LYS A 20  ? LYS A 20   . ? 1_555 ? 
9  AC2 16 TRP A 33  ? TRP A 33   . ? 1_555 ? 
10 AC2 16 ALA A 35  ? ALA A 35   . ? 1_555 ? 
11 AC2 16 TYR A 47  ? TYR A 47   . ? 1_555 ? 
12 AC2 16 ASN A 52  ? ASN A 52   . ? 1_555 ? 
13 AC2 16 PHE A 78  ? PHE A 78   . ? 1_555 ? 
14 AC2 16 ARG A 82  ? ARG A 82   . ? 1_555 ? 
15 AC2 16 SER A 98  ? SER A 98   . ? 1_555 ? 
16 AC2 16 ALA A 100 ? ALA A 100  . ? 1_555 ? 
17 AC2 16 ALA A 101 ? ALA A 101  . ? 1_555 ? 
18 AC2 16 GLY A 102 ? GLY A 102  . ? 1_555 ? 
19 AC2 16 TH2 D .   ? TH2 A 121  . ? 1_555 ? 
20 AC2 16 HOH E .   ? HOH A 2012 . ? 1_555 ? 
21 AC2 16 HOH E .   ? HOH A 2013 . ? 1_555 ? 
22 AC2 16 HOH E .   ? HOH A 2116 . ? 1_555 ? 
23 AC3 11 TRP A 37  ? TRP A 37   . ? 1_555 ? 
24 AC3 11 TRP A 45  ? TRP A 45   . ? 1_555 ? 
25 AC3 11 PHE A 78  ? PHE A 78   . ? 1_555 ? 
26 AC3 11 ARG A 82  ? ARG A 82   . ? 1_555 ? 
27 AC3 11 GLN A 94  ? GLN A 94   . ? 1_555 ? 
28 AC3 11 SER A 98  ? SER A 98   . ? 1_555 ? 
29 AC3 11 GLU A 106 ? GLU A 106  . ? 1_555 ? 
30 AC3 11 GLY A 107 ? GLY A 107  . ? 1_555 ? 
31 AC3 11 HIS A 114 ? HIS A 114  . ? 1_555 ? 
32 AC3 11 HIS A 115 ? HIS A 115  . ? 1_555 ? 
33 AC3 11 TH2 C .   ? TH2 A 120  . ? 1_555 ? 
# 
_pdbx_entry_details.entry_id                   2CBO 
_pdbx_entry_details.compound_details           
;HAS ANTIBIOTIC ACTIVITY FOR GRAM-POSITIVE BACTERIA
 AND ANTITUMOR ACTIVITY FOR CERTAIN MOUSE TUMORS
 ENGINEERED RESIDUE IN CHAIN A, ASP 67 TO TRP
 ENGINEERED RESIDUE IN CHAIN A, GLY 69 TO ALA
 ENGINEERED RESIDUE IN CHAIN A, CYS 71 TO TRP
 ENGINEERED RESIDUE IN CHAIN A, TRP 73 TO ARG
 ENGINEERED RESIDUE IN CHAIN A, LEU 79 TO TRP
 ENGINEERED RESIDUE IN CHAIN A, CYS 81 TO TYR
 ENGINEERED RESIDUE IN CHAIN A, PHE 86 TO ASN
;
_pdbx_entry_details.source_details             ? 
_pdbx_entry_details.nonpolymer_details         ? 
_pdbx_entry_details.sequence_details           ? 
_pdbx_entry_details.has_ligand_of_interest     ? 
_pdbx_entry_details.has_protein_modification   Y 
# 
_pdbx_database_remark.id     700 
_pdbx_database_remark.text   
;
SHEET
THE SHEET STRUCTURE OF THIS MOLECULE IS BIFURCATED. IN
ORDER TO REPRESENT THIS FEATURE IN THE SHEET RECORDS BELOW,
TWO SHEETS ARE DEFINED.
;
# 
_pdbx_distant_solvent_atoms.id                                1 
_pdbx_distant_solvent_atoms.PDB_model_num                     1 
_pdbx_distant_solvent_atoms.auth_atom_id                      O 
_pdbx_distant_solvent_atoms.label_alt_id                      ? 
_pdbx_distant_solvent_atoms.auth_asym_id                      A 
_pdbx_distant_solvent_atoms.auth_comp_id                      HOH 
_pdbx_distant_solvent_atoms.auth_seq_id                       2021 
_pdbx_distant_solvent_atoms.PDB_ins_code                      ? 
_pdbx_distant_solvent_atoms.neighbor_macromolecule_distance   5.86 
_pdbx_distant_solvent_atoms.neighbor_ligand_distance          . 
# 
loop_
_chem_comp_atom.comp_id 
_chem_comp_atom.atom_id 
_chem_comp_atom.type_symbol 
_chem_comp_atom.pdbx_aromatic_flag 
_chem_comp_atom.pdbx_stereo_config 
_chem_comp_atom.pdbx_ordinal 
ALA N    N N N 1   
ALA CA   C N S 2   
ALA C    C N N 3   
ALA O    O N N 4   
ALA CB   C N N 5   
ALA OXT  O N N 6   
ALA H    H N N 7   
ALA H2   H N N 8   
ALA HA   H N N 9   
ALA HB1  H N N 10  
ALA HB2  H N N 11  
ALA HB3  H N N 12  
ALA HXT  H N N 13  
ARG N    N N N 14  
ARG CA   C N S 15  
ARG C    C N N 16  
ARG O    O N N 17  
ARG CB   C N N 18  
ARG CG   C N N 19  
ARG CD   C N N 20  
ARG NE   N N N 21  
ARG CZ   C N N 22  
ARG NH1  N N N 23  
ARG NH2  N N N 24  
ARG OXT  O N N 25  
ARG H    H N N 26  
ARG H2   H N N 27  
ARG HA   H N N 28  
ARG HB2  H N N 29  
ARG HB3  H N N 30  
ARG HG2  H N N 31  
ARG HG3  H N N 32  
ARG HD2  H N N 33  
ARG HD3  H N N 34  
ARG HE   H N N 35  
ARG HH11 H N N 36  
ARG HH12 H N N 37  
ARG HH21 H N N 38  
ARG HH22 H N N 39  
ARG HXT  H N N 40  
ASN N    N N N 41  
ASN CA   C N S 42  
ASN C    C N N 43  
ASN O    O N N 44  
ASN CB   C N N 45  
ASN CG   C N N 46  
ASN OD1  O N N 47  
ASN ND2  N N N 48  
ASN OXT  O N N 49  
ASN H    H N N 50  
ASN H2   H N N 51  
ASN HA   H N N 52  
ASN HB2  H N N 53  
ASN HB3  H N N 54  
ASN HD21 H N N 55  
ASN HD22 H N N 56  
ASN HXT  H N N 57  
ASP N    N N N 58  
ASP CA   C N S 59  
ASP C    C N N 60  
ASP O    O N N 61  
ASP CB   C N N 62  
ASP CG   C N N 63  
ASP OD1  O N N 64  
ASP OD2  O N N 65  
ASP OXT  O N N 66  
ASP H    H N N 67  
ASP H2   H N N 68  
ASP HA   H N N 69  
ASP HB2  H N N 70  
ASP HB3  H N N 71  
ASP HD2  H N N 72  
ASP HXT  H N N 73  
CYS N    N N N 74  
CYS CA   C N R 75  
CYS C    C N N 76  
CYS O    O N N 77  
CYS CB   C N N 78  
CYS SG   S N N 79  
CYS OXT  O N N 80  
CYS H    H N N 81  
CYS H2   H N N 82  
CYS HA   H N N 83  
CYS HB2  H N N 84  
CYS HB3  H N N 85  
CYS HG   H N N 86  
CYS HXT  H N N 87  
GLN N    N N N 88  
GLN CA   C N S 89  
GLN C    C N N 90  
GLN O    O N N 91  
GLN CB   C N N 92  
GLN CG   C N N 93  
GLN CD   C N N 94  
GLN OE1  O N N 95  
GLN NE2  N N N 96  
GLN OXT  O N N 97  
GLN H    H N N 98  
GLN H2   H N N 99  
GLN HA   H N N 100 
GLN HB2  H N N 101 
GLN HB3  H N N 102 
GLN HG2  H N N 103 
GLN HG3  H N N 104 
GLN HE21 H N N 105 
GLN HE22 H N N 106 
GLN HXT  H N N 107 
GLU N    N N N 108 
GLU CA   C N S 109 
GLU C    C N N 110 
GLU O    O N N 111 
GLU CB   C N N 112 
GLU CG   C N N 113 
GLU CD   C N N 114 
GLU OE1  O N N 115 
GLU OE2  O N N 116 
GLU OXT  O N N 117 
GLU H    H N N 118 
GLU H2   H N N 119 
GLU HA   H N N 120 
GLU HB2  H N N 121 
GLU HB3  H N N 122 
GLU HG2  H N N 123 
GLU HG3  H N N 124 
GLU HE2  H N N 125 
GLU HXT  H N N 126 
GLY N    N N N 127 
GLY CA   C N N 128 
GLY C    C N N 129 
GLY O    O N N 130 
GLY OXT  O N N 131 
GLY H    H N N 132 
GLY H2   H N N 133 
GLY HA2  H N N 134 
GLY HA3  H N N 135 
GLY HXT  H N N 136 
HIS N    N N N 137 
HIS CA   C N S 138 
HIS C    C N N 139 
HIS O    O N N 140 
HIS CB   C N N 141 
HIS CG   C Y N 142 
HIS ND1  N Y N 143 
HIS CD2  C Y N 144 
HIS CE1  C Y N 145 
HIS NE2  N Y N 146 
HIS OXT  O N N 147 
HIS H    H N N 148 
HIS H2   H N N 149 
HIS HA   H N N 150 
HIS HB2  H N N 151 
HIS HB3  H N N 152 
HIS HD1  H N N 153 
HIS HD2  H N N 154 
HIS HE1  H N N 155 
HIS HE2  H N N 156 
HIS HXT  H N N 157 
HOH O    O N N 158 
HOH H1   H N N 159 
HOH H2   H N N 160 
ILE N    N N N 161 
ILE CA   C N S 162 
ILE C    C N N 163 
ILE O    O N N 164 
ILE CB   C N S 165 
ILE CG1  C N N 166 
ILE CG2  C N N 167 
ILE CD1  C N N 168 
ILE OXT  O N N 169 
ILE H    H N N 170 
ILE H2   H N N 171 
ILE HA   H N N 172 
ILE HB   H N N 173 
ILE HG12 H N N 174 
ILE HG13 H N N 175 
ILE HG21 H N N 176 
ILE HG22 H N N 177 
ILE HG23 H N N 178 
ILE HD11 H N N 179 
ILE HD12 H N N 180 
ILE HD13 H N N 181 
ILE HXT  H N N 182 
LEU N    N N N 183 
LEU CA   C N S 184 
LEU C    C N N 185 
LEU O    O N N 186 
LEU CB   C N N 187 
LEU CG   C N N 188 
LEU CD1  C N N 189 
LEU CD2  C N N 190 
LEU OXT  O N N 191 
LEU H    H N N 192 
LEU H2   H N N 193 
LEU HA   H N N 194 
LEU HB2  H N N 195 
LEU HB3  H N N 196 
LEU HG   H N N 197 
LEU HD11 H N N 198 
LEU HD12 H N N 199 
LEU HD13 H N N 200 
LEU HD21 H N N 201 
LEU HD22 H N N 202 
LEU HD23 H N N 203 
LEU HXT  H N N 204 
LYS N    N N N 205 
LYS CA   C N S 206 
LYS C    C N N 207 
LYS O    O N N 208 
LYS CB   C N N 209 
LYS CG   C N N 210 
LYS CD   C N N 211 
LYS CE   C N N 212 
LYS NZ   N N N 213 
LYS OXT  O N N 214 
LYS H    H N N 215 
LYS H2   H N N 216 
LYS HA   H N N 217 
LYS HB2  H N N 218 
LYS HB3  H N N 219 
LYS HG2  H N N 220 
LYS HG3  H N N 221 
LYS HD2  H N N 222 
LYS HD3  H N N 223 
LYS HE2  H N N 224 
LYS HE3  H N N 225 
LYS HZ1  H N N 226 
LYS HZ2  H N N 227 
LYS HZ3  H N N 228 
LYS HXT  H N N 229 
PHE N    N N N 230 
PHE CA   C N S 231 
PHE C    C N N 232 
PHE O    O N N 233 
PHE CB   C N N 234 
PHE CG   C Y N 235 
PHE CD1  C Y N 236 
PHE CD2  C Y N 237 
PHE CE1  C Y N 238 
PHE CE2  C Y N 239 
PHE CZ   C Y N 240 
PHE OXT  O N N 241 
PHE H    H N N 242 
PHE H2   H N N 243 
PHE HA   H N N 244 
PHE HB2  H N N 245 
PHE HB3  H N N 246 
PHE HD1  H N N 247 
PHE HD2  H N N 248 
PHE HE1  H N N 249 
PHE HE2  H N N 250 
PHE HZ   H N N 251 
PHE HXT  H N N 252 
PRO N    N N N 253 
PRO CA   C N S 254 
PRO C    C N N 255 
PRO O    O N N 256 
PRO CB   C N N 257 
PRO CG   C N N 258 
PRO CD   C N N 259 
PRO OXT  O N N 260 
PRO H    H N N 261 
PRO HA   H N N 262 
PRO HB2  H N N 263 
PRO HB3  H N N 264 
PRO HG2  H N N 265 
PRO HG3  H N N 266 
PRO HD2  H N N 267 
PRO HD3  H N N 268 
PRO HXT  H N N 269 
SER N    N N N 270 
SER CA   C N S 271 
SER C    C N N 272 
SER O    O N N 273 
SER CB   C N N 274 
SER OG   O N N 275 
SER OXT  O N N 276 
SER H    H N N 277 
SER H2   H N N 278 
SER HA   H N N 279 
SER HB2  H N N 280 
SER HB3  H N N 281 
SER HG   H N N 282 
SER HXT  H N N 283 
SO4 S    S N N 284 
SO4 O1   O N N 285 
SO4 O2   O N N 286 
SO4 O3   O N N 287 
SO4 O4   O N N 288 
TH2 C1   C N N 289 
TH2 C2   C N N 290 
TH2 C3   C N N 291 
TH2 O3   O N N 292 
TH2 C4   C N N 293 
TH2 C5   C N N 294 
TH2 C6   C N N 295 
TH2 C7   C N N 296 
TH2 C8   C N R 297 
TH2 C9   C N S 298 
TH2 C10  C N R 299 
TH2 C11  C N N 300 
TH2 C12  C N N 301 
TH2 C13  C N S 302 
TH2 C14  C N S 303 
TH2 C15  C N N 304 
TH2 C16  C N N 305 
TH2 C17  C N S 306 
TH2 O17  O N N 307 
TH2 C18  C N N 308 
TH2 C20  C N N 309 
TH2 O20  O N N 310 
TH2 C21  C N N 311 
TH2 C22  C N N 312 
TH2 C23  C N N 313 
TH2 O23  O N N 314 
TH2 O24  O N N 315 
TH2 C19  C N N 316 
TH2 H1C1 H N N 317 
TH2 H1C2 H N N 318 
TH2 H2C1 H N N 319 
TH2 H2C2 H N N 320 
TH2 H4   H N N 321 
TH2 H6C1 H N N 322 
TH2 H6C2 H N N 323 
TH2 H7C1 H N N 324 
TH2 H7C2 H N N 325 
TH2 H8   H N N 326 
TH2 H9   H N N 327 
TH2 H111 H N N 328 
TH2 H112 H N N 329 
TH2 H121 H N N 330 
TH2 H122 H N N 331 
TH2 H14  H N N 332 
TH2 H151 H N N 333 
TH2 H152 H N N 334 
TH2 H161 H N N 335 
TH2 H162 H N N 336 
TH2 H17  H N N 337 
TH2 H181 H N N 338 
TH2 H182 H N N 339 
TH2 H183 H N N 340 
TH2 H211 H N N 341 
TH2 H212 H N N 342 
TH2 H221 H N N 343 
TH2 H222 H N N 344 
TH2 H24  H N N 345 
TH2 H191 H N N 346 
TH2 H192 H N N 347 
TH2 H193 H N N 348 
THR N    N N N 349 
THR CA   C N S 350 
THR C    C N N 351 
THR O    O N N 352 
THR CB   C N R 353 
THR OG1  O N N 354 
THR CG2  C N N 355 
THR OXT  O N N 356 
THR H    H N N 357 
THR H2   H N N 358 
THR HA   H N N 359 
THR HB   H N N 360 
THR HG1  H N N 361 
THR HG21 H N N 362 
THR HG22 H N N 363 
THR HG23 H N N 364 
THR HXT  H N N 365 
TRP N    N N N 366 
TRP CA   C N S 367 
TRP C    C N N 368 
TRP O    O N N 369 
TRP CB   C N N 370 
TRP CG   C Y N 371 
TRP CD1  C Y N 372 
TRP CD2  C Y N 373 
TRP NE1  N Y N 374 
TRP CE2  C Y N 375 
TRP CE3  C Y N 376 
TRP CZ2  C Y N 377 
TRP CZ3  C Y N 378 
TRP CH2  C Y N 379 
TRP OXT  O N N 380 
TRP H    H N N 381 
TRP H2   H N N 382 
TRP HA   H N N 383 
TRP HB2  H N N 384 
TRP HB3  H N N 385 
TRP HD1  H N N 386 
TRP HE1  H N N 387 
TRP HE3  H N N 388 
TRP HZ2  H N N 389 
TRP HZ3  H N N 390 
TRP HH2  H N N 391 
TRP HXT  H N N 392 
TYR N    N N N 393 
TYR CA   C N S 394 
TYR C    C N N 395 
TYR O    O N N 396 
TYR CB   C N N 397 
TYR CG   C Y N 398 
TYR CD1  C Y N 399 
TYR CD2  C Y N 400 
TYR CE1  C Y N 401 
TYR CE2  C Y N 402 
TYR CZ   C Y N 403 
TYR OH   O N N 404 
TYR OXT  O N N 405 
TYR H    H N N 406 
TYR H2   H N N 407 
TYR HA   H N N 408 
TYR HB2  H N N 409 
TYR HB3  H N N 410 
TYR HD1  H N N 411 
TYR HD2  H N N 412 
TYR HE1  H N N 413 
TYR HE2  H N N 414 
TYR HH   H N N 415 
TYR HXT  H N N 416 
VAL N    N N N 417 
VAL CA   C N S 418 
VAL C    C N N 419 
VAL O    O N N 420 
VAL CB   C N N 421 
VAL CG1  C N N 422 
VAL CG2  C N N 423 
VAL OXT  O N N 424 
VAL H    H N N 425 
VAL H2   H N N 426 
VAL HA   H N N 427 
VAL HB   H N N 428 
VAL HG11 H N N 429 
VAL HG12 H N N 430 
VAL HG13 H N N 431 
VAL HG21 H N N 432 
VAL HG22 H N N 433 
VAL HG23 H N N 434 
VAL HXT  H N N 435 
# 
loop_
_chem_comp_bond.comp_id 
_chem_comp_bond.atom_id_1 
_chem_comp_bond.atom_id_2 
_chem_comp_bond.value_order 
_chem_comp_bond.pdbx_aromatic_flag 
_chem_comp_bond.pdbx_stereo_config 
_chem_comp_bond.pdbx_ordinal 
ALA N   CA   sing N N 1   
ALA N   H    sing N N 2   
ALA N   H2   sing N N 3   
ALA CA  C    sing N N 4   
ALA CA  CB   sing N N 5   
ALA CA  HA   sing N N 6   
ALA C   O    doub N N 7   
ALA C   OXT  sing N N 8   
ALA CB  HB1  sing N N 9   
ALA CB  HB2  sing N N 10  
ALA CB  HB3  sing N N 11  
ALA OXT HXT  sing N N 12  
ARG N   CA   sing N N 13  
ARG N   H    sing N N 14  
ARG N   H2   sing N N 15  
ARG CA  C    sing N N 16  
ARG CA  CB   sing N N 17  
ARG CA  HA   sing N N 18  
ARG C   O    doub N N 19  
ARG C   OXT  sing N N 20  
ARG CB  CG   sing N N 21  
ARG CB  HB2  sing N N 22  
ARG CB  HB3  sing N N 23  
ARG CG  CD   sing N N 24  
ARG CG  HG2  sing N N 25  
ARG CG  HG3  sing N N 26  
ARG CD  NE   sing N N 27  
ARG CD  HD2  sing N N 28  
ARG CD  HD3  sing N N 29  
ARG NE  CZ   sing N N 30  
ARG NE  HE   sing N N 31  
ARG CZ  NH1  sing N N 32  
ARG CZ  NH2  doub N N 33  
ARG NH1 HH11 sing N N 34  
ARG NH1 HH12 sing N N 35  
ARG NH2 HH21 sing N N 36  
ARG NH2 HH22 sing N N 37  
ARG OXT HXT  sing N N 38  
ASN N   CA   sing N N 39  
ASN N   H    sing N N 40  
ASN N   H2   sing N N 41  
ASN CA  C    sing N N 42  
ASN CA  CB   sing N N 43  
ASN CA  HA   sing N N 44  
ASN C   O    doub N N 45  
ASN C   OXT  sing N N 46  
ASN CB  CG   sing N N 47  
ASN CB  HB2  sing N N 48  
ASN CB  HB3  sing N N 49  
ASN CG  OD1  doub N N 50  
ASN CG  ND2  sing N N 51  
ASN ND2 HD21 sing N N 52  
ASN ND2 HD22 sing N N 53  
ASN OXT HXT  sing N N 54  
ASP N   CA   sing N N 55  
ASP N   H    sing N N 56  
ASP N   H2   sing N N 57  
ASP CA  C    sing N N 58  
ASP CA  CB   sing N N 59  
ASP CA  HA   sing N N 60  
ASP C   O    doub N N 61  
ASP C   OXT  sing N N 62  
ASP CB  CG   sing N N 63  
ASP CB  HB2  sing N N 64  
ASP CB  HB3  sing N N 65  
ASP CG  OD1  doub N N 66  
ASP CG  OD2  sing N N 67  
ASP OD2 HD2  sing N N 68  
ASP OXT HXT  sing N N 69  
CYS N   CA   sing N N 70  
CYS N   H    sing N N 71  
CYS N   H2   sing N N 72  
CYS CA  C    sing N N 73  
CYS CA  CB   sing N N 74  
CYS CA  HA   sing N N 75  
CYS C   O    doub N N 76  
CYS C   OXT  sing N N 77  
CYS CB  SG   sing N N 78  
CYS CB  HB2  sing N N 79  
CYS CB  HB3  sing N N 80  
CYS SG  HG   sing N N 81  
CYS OXT HXT  sing N N 82  
GLN N   CA   sing N N 83  
GLN N   H    sing N N 84  
GLN N   H2   sing N N 85  
GLN CA  C    sing N N 86  
GLN CA  CB   sing N N 87  
GLN CA  HA   sing N N 88  
GLN C   O    doub N N 89  
GLN C   OXT  sing N N 90  
GLN CB  CG   sing N N 91  
GLN CB  HB2  sing N N 92  
GLN CB  HB3  sing N N 93  
GLN CG  CD   sing N N 94  
GLN CG  HG2  sing N N 95  
GLN CG  HG3  sing N N 96  
GLN CD  OE1  doub N N 97  
GLN CD  NE2  sing N N 98  
GLN NE2 HE21 sing N N 99  
GLN NE2 HE22 sing N N 100 
GLN OXT HXT  sing N N 101 
GLU N   CA   sing N N 102 
GLU N   H    sing N N 103 
GLU N   H2   sing N N 104 
GLU CA  C    sing N N 105 
GLU CA  CB   sing N N 106 
GLU CA  HA   sing N N 107 
GLU C   O    doub N N 108 
GLU C   OXT  sing N N 109 
GLU CB  CG   sing N N 110 
GLU CB  HB2  sing N N 111 
GLU CB  HB3  sing N N 112 
GLU CG  CD   sing N N 113 
GLU CG  HG2  sing N N 114 
GLU CG  HG3  sing N N 115 
GLU CD  OE1  doub N N 116 
GLU CD  OE2  sing N N 117 
GLU OE2 HE2  sing N N 118 
GLU OXT HXT  sing N N 119 
GLY N   CA   sing N N 120 
GLY N   H    sing N N 121 
GLY N   H2   sing N N 122 
GLY CA  C    sing N N 123 
GLY CA  HA2  sing N N 124 
GLY CA  HA3  sing N N 125 
GLY C   O    doub N N 126 
GLY C   OXT  sing N N 127 
GLY OXT HXT  sing N N 128 
HIS N   CA   sing N N 129 
HIS N   H    sing N N 130 
HIS N   H2   sing N N 131 
HIS CA  C    sing N N 132 
HIS CA  CB   sing N N 133 
HIS CA  HA   sing N N 134 
HIS C   O    doub N N 135 
HIS C   OXT  sing N N 136 
HIS CB  CG   sing N N 137 
HIS CB  HB2  sing N N 138 
HIS CB  HB3  sing N N 139 
HIS CG  ND1  sing Y N 140 
HIS CG  CD2  doub Y N 141 
HIS ND1 CE1  doub Y N 142 
HIS ND1 HD1  sing N N 143 
HIS CD2 NE2  sing Y N 144 
HIS CD2 HD2  sing N N 145 
HIS CE1 NE2  sing Y N 146 
HIS CE1 HE1  sing N N 147 
HIS NE2 HE2  sing N N 148 
HIS OXT HXT  sing N N 149 
HOH O   H1   sing N N 150 
HOH O   H2   sing N N 151 
ILE N   CA   sing N N 152 
ILE N   H    sing N N 153 
ILE N   H2   sing N N 154 
ILE CA  C    sing N N 155 
ILE CA  CB   sing N N 156 
ILE CA  HA   sing N N 157 
ILE C   O    doub N N 158 
ILE C   OXT  sing N N 159 
ILE CB  CG1  sing N N 160 
ILE CB  CG2  sing N N 161 
ILE CB  HB   sing N N 162 
ILE CG1 CD1  sing N N 163 
ILE CG1 HG12 sing N N 164 
ILE CG1 HG13 sing N N 165 
ILE CG2 HG21 sing N N 166 
ILE CG2 HG22 sing N N 167 
ILE CG2 HG23 sing N N 168 
ILE CD1 HD11 sing N N 169 
ILE CD1 HD12 sing N N 170 
ILE CD1 HD13 sing N N 171 
ILE OXT HXT  sing N N 172 
LEU N   CA   sing N N 173 
LEU N   H    sing N N 174 
LEU N   H2   sing N N 175 
LEU CA  C    sing N N 176 
LEU CA  CB   sing N N 177 
LEU CA  HA   sing N N 178 
LEU C   O    doub N N 179 
LEU C   OXT  sing N N 180 
LEU CB  CG   sing N N 181 
LEU CB  HB2  sing N N 182 
LEU CB  HB3  sing N N 183 
LEU CG  CD1  sing N N 184 
LEU CG  CD2  sing N N 185 
LEU CG  HG   sing N N 186 
LEU CD1 HD11 sing N N 187 
LEU CD1 HD12 sing N N 188 
LEU CD1 HD13 sing N N 189 
LEU CD2 HD21 sing N N 190 
LEU CD2 HD22 sing N N 191 
LEU CD2 HD23 sing N N 192 
LEU OXT HXT  sing N N 193 
LYS N   CA   sing N N 194 
LYS N   H    sing N N 195 
LYS N   H2   sing N N 196 
LYS CA  C    sing N N 197 
LYS CA  CB   sing N N 198 
LYS CA  HA   sing N N 199 
LYS C   O    doub N N 200 
LYS C   OXT  sing N N 201 
LYS CB  CG   sing N N 202 
LYS CB  HB2  sing N N 203 
LYS CB  HB3  sing N N 204 
LYS CG  CD   sing N N 205 
LYS CG  HG2  sing N N 206 
LYS CG  HG3  sing N N 207 
LYS CD  CE   sing N N 208 
LYS CD  HD2  sing N N 209 
LYS CD  HD3  sing N N 210 
LYS CE  NZ   sing N N 211 
LYS CE  HE2  sing N N 212 
LYS CE  HE3  sing N N 213 
LYS NZ  HZ1  sing N N 214 
LYS NZ  HZ2  sing N N 215 
LYS NZ  HZ3  sing N N 216 
LYS OXT HXT  sing N N 217 
PHE N   CA   sing N N 218 
PHE N   H    sing N N 219 
PHE N   H2   sing N N 220 
PHE CA  C    sing N N 221 
PHE CA  CB   sing N N 222 
PHE CA  HA   sing N N 223 
PHE C   O    doub N N 224 
PHE C   OXT  sing N N 225 
PHE CB  CG   sing N N 226 
PHE CB  HB2  sing N N 227 
PHE CB  HB3  sing N N 228 
PHE CG  CD1  doub Y N 229 
PHE CG  CD2  sing Y N 230 
PHE CD1 CE1  sing Y N 231 
PHE CD1 HD1  sing N N 232 
PHE CD2 CE2  doub Y N 233 
PHE CD2 HD2  sing N N 234 
PHE CE1 CZ   doub Y N 235 
PHE CE1 HE1  sing N N 236 
PHE CE2 CZ   sing Y N 237 
PHE CE2 HE2  sing N N 238 
PHE CZ  HZ   sing N N 239 
PHE OXT HXT  sing N N 240 
PRO N   CA   sing N N 241 
PRO N   CD   sing N N 242 
PRO N   H    sing N N 243 
PRO CA  C    sing N N 244 
PRO CA  CB   sing N N 245 
PRO CA  HA   sing N N 246 
PRO C   O    doub N N 247 
PRO C   OXT  sing N N 248 
PRO CB  CG   sing N N 249 
PRO CB  HB2  sing N N 250 
PRO CB  HB3  sing N N 251 
PRO CG  CD   sing N N 252 
PRO CG  HG2  sing N N 253 
PRO CG  HG3  sing N N 254 
PRO CD  HD2  sing N N 255 
PRO CD  HD3  sing N N 256 
PRO OXT HXT  sing N N 257 
SER N   CA   sing N N 258 
SER N   H    sing N N 259 
SER N   H2   sing N N 260 
SER CA  C    sing N N 261 
SER CA  CB   sing N N 262 
SER CA  HA   sing N N 263 
SER C   O    doub N N 264 
SER C   OXT  sing N N 265 
SER CB  OG   sing N N 266 
SER CB  HB2  sing N N 267 
SER CB  HB3  sing N N 268 
SER OG  HG   sing N N 269 
SER OXT HXT  sing N N 270 
SO4 S   O1   doub N N 271 
SO4 S   O2   doub N N 272 
SO4 S   O3   sing N N 273 
SO4 S   O4   sing N N 274 
TH2 C1  C2   sing N N 275 
TH2 C1  C10  sing N N 276 
TH2 C1  H1C1 sing N N 277 
TH2 C1  H1C2 sing N N 278 
TH2 C2  C3   sing N N 279 
TH2 C2  H2C1 sing N N 280 
TH2 C2  H2C2 sing N N 281 
TH2 C3  O3   doub N N 282 
TH2 C3  C4   sing N N 283 
TH2 C4  C5   doub N N 284 
TH2 C4  H4   sing N N 285 
TH2 C5  C6   sing N N 286 
TH2 C5  C10  sing N N 287 
TH2 C6  C7   sing N N 288 
TH2 C6  H6C1 sing N N 289 
TH2 C6  H6C2 sing N N 290 
TH2 C7  C8   sing N N 291 
TH2 C7  H7C1 sing N N 292 
TH2 C7  H7C2 sing N N 293 
TH2 C8  C9   sing N N 294 
TH2 C8  C14  sing N N 295 
TH2 C8  H8   sing N N 296 
TH2 C9  C10  sing N N 297 
TH2 C9  C11  sing N N 298 
TH2 C9  H9   sing N N 299 
TH2 C10 C19  sing N N 300 
TH2 C11 C12  sing N N 301 
TH2 C11 H111 sing N N 302 
TH2 C11 H112 sing N N 303 
TH2 C12 C13  sing N N 304 
TH2 C12 H121 sing N N 305 
TH2 C12 H122 sing N N 306 
TH2 C13 C14  sing N N 307 
TH2 C13 C17  sing N N 308 
TH2 C13 C18  sing N N 309 
TH2 C14 C15  sing N N 310 
TH2 C14 H14  sing N N 311 
TH2 C15 C16  sing N N 312 
TH2 C15 H151 sing N N 313 
TH2 C15 H152 sing N N 314 
TH2 C16 C17  sing N N 315 
TH2 C16 H161 sing N N 316 
TH2 C16 H162 sing N N 317 
TH2 C17 O17  sing N N 318 
TH2 C17 H17  sing N N 319 
TH2 O17 C20  sing N N 320 
TH2 C18 H181 sing N N 321 
TH2 C18 H182 sing N N 322 
TH2 C18 H183 sing N N 323 
TH2 C20 O20  doub N N 324 
TH2 C20 C22  sing N N 325 
TH2 C21 C22  sing N N 326 
TH2 C21 C23  sing N N 327 
TH2 C21 H211 sing N N 328 
TH2 C21 H212 sing N N 329 
TH2 C22 H221 sing N N 330 
TH2 C22 H222 sing N N 331 
TH2 C23 O23  doub N N 332 
TH2 C23 O24  sing N N 333 
TH2 O24 H24  sing N N 334 
TH2 C19 H191 sing N N 335 
TH2 C19 H192 sing N N 336 
TH2 C19 H193 sing N N 337 
THR N   CA   sing N N 338 
THR N   H    sing N N 339 
THR N   H2   sing N N 340 
THR CA  C    sing N N 341 
THR CA  CB   sing N N 342 
THR CA  HA   sing N N 343 
THR C   O    doub N N 344 
THR C   OXT  sing N N 345 
THR CB  OG1  sing N N 346 
THR CB  CG2  sing N N 347 
THR CB  HB   sing N N 348 
THR OG1 HG1  sing N N 349 
THR CG2 HG21 sing N N 350 
THR CG2 HG22 sing N N 351 
THR CG2 HG23 sing N N 352 
THR OXT HXT  sing N N 353 
TRP N   CA   sing N N 354 
TRP N   H    sing N N 355 
TRP N   H2   sing N N 356 
TRP CA  C    sing N N 357 
TRP CA  CB   sing N N 358 
TRP CA  HA   sing N N 359 
TRP C   O    doub N N 360 
TRP C   OXT  sing N N 361 
TRP CB  CG   sing N N 362 
TRP CB  HB2  sing N N 363 
TRP CB  HB3  sing N N 364 
TRP CG  CD1  doub Y N 365 
TRP CG  CD2  sing Y N 366 
TRP CD1 NE1  sing Y N 367 
TRP CD1 HD1  sing N N 368 
TRP CD2 CE2  doub Y N 369 
TRP CD2 CE3  sing Y N 370 
TRP NE1 CE2  sing Y N 371 
TRP NE1 HE1  sing N N 372 
TRP CE2 CZ2  sing Y N 373 
TRP CE3 CZ3  doub Y N 374 
TRP CE3 HE3  sing N N 375 
TRP CZ2 CH2  doub Y N 376 
TRP CZ2 HZ2  sing N N 377 
TRP CZ3 CH2  sing Y N 378 
TRP CZ3 HZ3  sing N N 379 
TRP CH2 HH2  sing N N 380 
TRP OXT HXT  sing N N 381 
TYR N   CA   sing N N 382 
TYR N   H    sing N N 383 
TYR N   H2   sing N N 384 
TYR CA  C    sing N N 385 
TYR CA  CB   sing N N 386 
TYR CA  HA   sing N N 387 
TYR C   O    doub N N 388 
TYR C   OXT  sing N N 389 
TYR CB  CG   sing N N 390 
TYR CB  HB2  sing N N 391 
TYR CB  HB3  sing N N 392 
TYR CG  CD1  doub Y N 393 
TYR CG  CD2  sing Y N 394 
TYR CD1 CE1  sing Y N 395 
TYR CD1 HD1  sing N N 396 
TYR CD2 CE2  doub Y N 397 
TYR CD2 HD2  sing N N 398 
TYR CE1 CZ   doub Y N 399 
TYR CE1 HE1  sing N N 400 
TYR CE2 CZ   sing Y N 401 
TYR CE2 HE2  sing N N 402 
TYR CZ  OH   sing N N 403 
TYR OH  HH   sing N N 404 
TYR OXT HXT  sing N N 405 
VAL N   CA   sing N N 406 
VAL N   H    sing N N 407 
VAL N   H2   sing N N 408 
VAL CA  C    sing N N 409 
VAL CA  CB   sing N N 410 
VAL CA  HA   sing N N 411 
VAL C   O    doub N N 412 
VAL C   OXT  sing N N 413 
VAL CB  CG1  sing N N 414 
VAL CB  CG2  sing N N 415 
VAL CB  HB   sing N N 416 
VAL CG1 HG11 sing N N 417 
VAL CG1 HG12 sing N N 418 
VAL CG1 HG13 sing N N 419 
VAL CG2 HG21 sing N N 420 
VAL CG2 HG22 sing N N 421 
VAL CG2 HG23 sing N N 422 
VAL OXT HXT  sing N N 423 
# 
_pdbx_initial_refinement_model.id               1 
_pdbx_initial_refinement_model.entity_id_list   ? 
_pdbx_initial_refinement_model.type             'experimental model' 
_pdbx_initial_refinement_model.source_name      PDB 
_pdbx_initial_refinement_model.accession_code   1NCO 
_pdbx_initial_refinement_model.details          'PDB ENTRY 1NCO' 
# 
_atom_sites.entry_id                    2CBO 
_atom_sites.fract_transf_matrix[1][1]   -0.01545888 
_atom_sites.fract_transf_matrix[1][2]   -0.01658718 
_atom_sites.fract_transf_matrix[1][3]   0.00167755 
_atom_sites.fract_transf_matrix[2][1]   0.01639348 
_atom_sites.fract_transf_matrix[2][2]   -0.01553994 
_atom_sites.fract_transf_matrix[2][3]   -0.00258643 
_atom_sites.fract_transf_matrix[3][1]   0.00243887 
_atom_sites.fract_transf_matrix[3][2]   -0.00044139 
_atom_sites.fract_transf_matrix[3][3]   0.01811019 
_atom_sites.fract_transf_vector[1]      0.163093 
_atom_sites.fract_transf_vector[2]      0.511800 
_atom_sites.fract_transf_vector[3]      0.011981 
# 
loop_
_atom_type.symbol 
C 
N 
O 
S 
# 
loop_
_atom_site.group_PDB 
_atom_site.id 
_atom_site.type_symbol 
_atom_site.label_atom_id 
_atom_site.label_alt_id 
_atom_site.label_comp_id 
_atom_site.label_asym_id 
_atom_site.label_entity_id 
_atom_site.label_seq_id 
_atom_site.pdbx_PDB_ins_code 
_atom_site.Cartn_x 
_atom_site.Cartn_y 
_atom_site.Cartn_z 
_atom_site.occupancy 
_atom_site.B_iso_or_equiv 
_atom_site.pdbx_formal_charge 
_atom_site.auth_seq_id 
_atom_site.auth_comp_id 
_atom_site.auth_asym_id 
_atom_site.auth_atom_id 
_atom_site.pdbx_PDB_model_num 
ATOM   1    N N   . ALA A 1 1   ? 17.864  -6.586  11.470  1.00 41.37 ? 1    ALA A N   1 
ATOM   2    C CA  . ALA A 1 1   ? 17.020  -6.503  10.244  1.00 39.93 ? 1    ALA A CA  1 
ATOM   3    C C   . ALA A 1 1   ? 16.296  -5.161  10.182  1.00 38.53 ? 1    ALA A C   1 
ATOM   4    O O   . ALA A 1 1   ? 15.410  -4.886  10.993  1.00 38.95 ? 1    ALA A O   1 
ATOM   5    C CB  . ALA A 1 1   ? 16.011  -7.647  10.230  1.00 40.44 ? 1    ALA A CB  1 
ATOM   6    N N   . ALA A 1 2   ? 16.682  -4.334  9.214   1.00 36.79 ? 2    ALA A N   1 
ATOM   7    C CA  . ALA A 1 2   ? 16.084  -3.014  9.027   1.00 35.40 ? 2    ALA A CA  1 
ATOM   8    C C   . ALA A 1 2   ? 14.637  -3.114  8.542   1.00 33.22 ? 2    ALA A C   1 
ATOM   9    O O   . ALA A 1 2   ? 14.254  -4.082  7.888   1.00 33.81 ? 2    ALA A O   1 
ATOM   10   C CB  . ALA A 1 2   ? 16.910  -2.214  8.028   1.00 35.33 ? 2    ALA A CB  1 
ATOM   11   N N   . PRO A 1 3   ? 13.809  -2.110  8.869   1.00 31.50 ? 3    PRO A N   1 
ATOM   12   C CA  . PRO A 1 3   ? 12.405  -2.118  8.446   1.00 28.41 ? 3    PRO A CA  1 
ATOM   13   C C   . PRO A 1 3   ? 12.301  -2.002  6.930   1.00 26.99 ? 3    PRO A C   1 
ATOM   14   O O   . PRO A 1 3   ? 12.808  -1.045  6.340   1.00 24.55 ? 3    PRO A O   1 
ATOM   15   C CB  . PRO A 1 3   ? 11.821  -0.897  9.152   1.00 28.98 ? 3    PRO A CB  1 
ATOM   16   C CG  . PRO A 1 3   ? 12.697  -0.740  10.357  1.00 30.22 ? 3    PRO A CG  1 
ATOM   17   C CD  . PRO A 1 3   ? 14.068  -0.996  9.794   1.00 31.26 ? 3    PRO A CD  1 
ATOM   18   N N   . THR A 1 4   ? 11.654  -2.976  6.301   1.00 24.98 ? 4    THR A N   1 
ATOM   19   C CA  . THR A 1 4   ? 11.494  -2.957  4.853   1.00 22.74 ? 4    THR A CA  1 
ATOM   20   C C   . THR A 1 4   ? 10.170  -3.581  4.439   1.00 21.38 ? 4    THR A C   1 
ATOM   21   O O   . THR A 1 4   ? 9.561   -4.341  5.191   1.00 20.66 ? 4    THR A O   1 
ATOM   22   C CB  . THR A 1 4   ? 12.609  -3.745  4.143   1.00 24.47 ? 4    THR A CB  1 
ATOM   23   O OG1 . THR A 1 4   ? 12.479  -5.137  4.459   1.00 26.06 ? 4    THR A OG1 1 
ATOM   24   C CG2 . THR A 1 4   ? 13.983  -3.255  4.585   1.00 26.65 ? 4    THR A CG2 1 
ATOM   25   N N   . ALA A 1 5   ? 9.733   -3.244  3.232   1.00 19.28 ? 5    ALA A N   1 
ATOM   26   C CA  . ALA A 1 5   ? 8.501   -3.784  2.682   1.00 19.22 ? 5    ALA A CA  1 
ATOM   27   C C   . ALA A 1 5   ? 8.802   -4.188  1.244   1.00 18.21 ? 5    ALA A C   1 
ATOM   28   O O   . ALA A 1 5   ? 9.616   -3.558  0.572   1.00 19.72 ? 5    ALA A O   1 
ATOM   29   C CB  . ALA A 1 5   ? 7.396   -2.727  2.712   1.00 19.40 ? 5    ALA A CB  1 
ATOM   30   N N   . THR A 1 6   ? 8.159   -5.250  0.779   1.00 17.85 ? 6    THR A N   1 
ATOM   31   C CA  . THR A 1 6   ? 8.347   -5.715  -0.587  1.00 19.18 ? 6    THR A CA  1 
ATOM   32   C C   . THR A 1 6   ? 6.974   -6.000  -1.174  1.00 18.71 ? 6    THR A C   1 
ATOM   33   O O   . THR A 1 6   ? 6.104   -6.537  -0.491  1.00 19.79 ? 6    THR A O   1 
ATOM   34   C CB  . THR A 1 6   ? 9.171   -7.010  -0.644  1.00 20.39 ? 6    THR A CB  1 
ATOM   35   O OG1 . THR A 1 6   ? 8.492   -8.035  0.088   1.00 22.65 ? 6    THR A OG1 1 
ATOM   36   C CG2 . THR A 1 6   ? 10.555  -6.788  -0.046  1.00 20.47 ? 6    THR A CG2 1 
ATOM   37   N N   . VAL A 1 7   ? 6.787   -5.623  -2.433  1.00 17.62 ? 7    VAL A N   1 
ATOM   38   C CA  . VAL A 1 7   ? 5.524   -5.843  -3.121  1.00 13.95 ? 7    VAL A CA  1 
ATOM   39   C C   . VAL A 1 7   ? 5.822   -6.474  -4.474  1.00 15.03 ? 7    VAL A C   1 
ATOM   40   O O   . VAL A 1 7   ? 6.631   -5.956  -5.243  1.00 15.28 ? 7    VAL A O   1 
ATOM   41   C CB  . VAL A 1 7   ? 4.772   -4.510  -3.343  1.00 16.04 ? 7    VAL A CB  1 
ATOM   42   C CG1 . VAL A 1 7   ? 3.490   -4.751  -4.141  1.00 13.32 ? 7    VAL A CG1 1 
ATOM   43   C CG2 . VAL A 1 7   ? 4.456   -3.864  -1.992  1.00 13.68 ? 7    VAL A CG2 1 
ATOM   44   N N   . THR A 1 8   ? 5.172   -7.595  -4.764  1.00 13.54 ? 8    THR A N   1 
ATOM   45   C CA  . THR A 1 8   ? 5.388   -8.261  -6.039  1.00 14.05 ? 8    THR A CA  1 
ATOM   46   C C   . THR A 1 8   ? 4.152   -9.064  -6.425  1.00 13.06 ? 8    THR A C   1 
ATOM   47   O O   . THR A 1 8   ? 3.544   -9.730  -5.589  1.00 13.52 ? 8    THR A O   1 
ATOM   48   C CB  . THR A 1 8   ? 6.650   -9.187  -5.981  1.00 16.25 ? 8    THR A CB  1 
ATOM   49   O OG1 . THR A 1 8   ? 7.063   -9.527  -7.311  1.00 17.16 ? 8    THR A OG1 1 
ATOM   50   C CG2 . THR A 1 8   ? 6.361   -10.463 -5.201  1.00 17.42 ? 8    THR A CG2 1 
ATOM   51   N N   . PRO A 1 9   ? 3.722   -8.953  -7.693  1.00 14.42 ? 9    PRO A N   1 
ATOM   52   C CA  . PRO A 1 9   ? 4.358   -8.113  -8.715  1.00 12.95 ? 9    PRO A CA  1 
ATOM   53   C C   . PRO A 1 9   ? 4.142   -6.639  -8.384  1.00 13.36 ? 9    PRO A C   1 
ATOM   54   O O   . PRO A 1 9   ? 3.206   -6.303  -7.657  1.00 12.08 ? 9    PRO A O   1 
ATOM   55   C CB  . PRO A 1 9   ? 3.624   -8.518  -9.990  1.00 12.90 ? 9    PRO A CB  1 
ATOM   56   C CG  . PRO A 1 9   ? 2.238   -8.794  -9.478  1.00 13.67 ? 9    PRO A CG  1 
ATOM   57   C CD  . PRO A 1 9   ? 2.516   -9.609  -8.228  1.00 11.07 ? 9    PRO A CD  1 
ATOM   58   N N   . SER A 1 10  ? 5.008   -5.768  -8.898  1.00 14.70 ? 10   SER A N   1 
ATOM   59   C CA  . SER A 1 10  ? 4.872   -4.331  -8.664  1.00 16.24 ? 10   SER A CA  1 
ATOM   60   C C   . SER A 1 10  ? 4.754   -3.558  -9.976  1.00 17.19 ? 10   SER A C   1 
ATOM   61   O O   . SER A 1 10  ? 4.543   -2.347  -9.969  1.00 19.37 ? 10   SER A O   1 
ATOM   62   C CB  . SER A 1 10  ? 6.048   -3.793  -7.842  1.00 14.83 ? 10   SER A CB  1 
ATOM   63   O OG  . SER A 1 10  ? 7.288   -4.157  -8.409  1.00 19.95 ? 10   SER A OG  1 
ATOM   64   N N   A SER A 1 11  ? 4.893   -4.268  -11.092 0.50 16.94 ? 11   SER A N   1 
ATOM   65   N N   B SER A 1 11  ? 4.903   -4.259  -11.097 0.50 16.70 ? 11   SER A N   1 
ATOM   66   C CA  A SER A 1 11  ? 4.789   -3.666  -12.418 0.50 16.99 ? 11   SER A CA  1 
ATOM   67   C CA  B SER A 1 11  ? 4.776   -3.637  -12.412 0.50 16.51 ? 11   SER A CA  1 
ATOM   68   C C   A SER A 1 11  ? 3.912   -4.539  -13.312 0.50 16.70 ? 11   SER A C   1 
ATOM   69   C C   B SER A 1 11  ? 3.937   -4.533  -13.321 0.50 16.43 ? 11   SER A C   1 
ATOM   70   O O   A SER A 1 11  ? 3.695   -5.717  -13.022 0.50 16.78 ? 11   SER A O   1 
ATOM   71   O O   B SER A 1 11  ? 3.769   -5.724  -13.047 0.50 16.55 ? 11   SER A O   1 
ATOM   72   C CB  A SER A 1 11  ? 6.174   -3.525  -13.053 0.50 17.67 ? 11   SER A CB  1 
ATOM   73   C CB  B SER A 1 11  ? 6.157   -3.381  -13.036 0.50 16.82 ? 11   SER A CB  1 
ATOM   74   O OG  A SER A 1 11  ? 7.029   -2.733  -12.250 0.50 17.52 ? 11   SER A OG  1 
ATOM   75   O OG  B SER A 1 11  ? 6.904   -4.576  -13.179 0.50 15.02 ? 11   SER A OG  1 
ATOM   76   N N   . GLY A 1 12  ? 3.406   -3.955  -14.394 1.00 16.78 ? 12   GLY A N   1 
ATOM   77   C CA  . GLY A 1 12  ? 2.568   -4.708  -15.317 1.00 16.53 ? 12   GLY A CA  1 
ATOM   78   C C   . GLY A 1 12  ? 1.225   -5.069  -14.703 1.00 16.51 ? 12   GLY A C   1 
ATOM   79   O O   . GLY A 1 12  ? 0.542   -5.992  -15.155 1.00 17.39 ? 12   GLY A O   1 
ATOM   80   N N   . LEU A 1 13  ? 0.839   -4.328  -13.672 1.00 14.18 ? 13   LEU A N   1 
ATOM   81   C CA  . LEU A 1 13  ? -0.419  -4.584  -12.972 1.00 13.31 ? 13   LEU A CA  1 
ATOM   82   C C   . LEU A 1 13  ? -1.663  -4.116  -13.718 1.00 13.40 ? 13   LEU A C   1 
ATOM   83   O O   . LEU A 1 13  ? -1.599  -3.224  -14.564 1.00 14.03 ? 13   LEU A O   1 
ATOM   84   C CB  . LEU A 1 13  ? -0.395  -3.892  -11.608 1.00 12.73 ? 13   LEU A CB  1 
ATOM   85   C CG  . LEU A 1 13  ? 0.850   -4.089  -10.739 1.00 12.41 ? 13   LEU A CG  1 
ATOM   86   C CD1 . LEU A 1 13  ? 0.747   -3.214  -9.493  1.00 11.52 ? 13   LEU A CD1 1 
ATOM   87   C CD2 . LEU A 1 13  ? 0.999   -5.566  -10.369 1.00 13.69 ? 13   LEU A CD2 1 
ATOM   88   N N   A SER A 1 14  ? -2.794  -4.734  -13.392 0.50 13.63 ? 14   SER A N   1 
ATOM   89   N N   B SER A 1 14  ? -2.794  -4.742  -13.401 0.50 12.84 ? 14   SER A N   1 
ATOM   90   C CA  A SER A 1 14  ? -4.076  -4.374  -13.982 0.50 14.67 ? 14   SER A CA  1 
ATOM   91   C CA  B SER A 1 14  ? -4.083  -4.383  -13.981 0.50 13.15 ? 14   SER A CA  1 
ATOM   92   C C   A SER A 1 14  ? -4.997  -4.122  -12.798 0.50 14.42 ? 14   SER A C   1 
ATOM   93   C C   B SER A 1 14  ? -4.998  -4.124  -12.797 0.50 13.55 ? 14   SER A C   1 
ATOM   94   O O   A SER A 1 14  ? -4.692  -4.527  -11.677 0.50 13.46 ? 14   SER A O   1 
ATOM   95   O O   B SER A 1 14  ? -4.692  -4.525  -11.673 0.50 12.64 ? 14   SER A O   1 
ATOM   96   C CB  A SER A 1 14  ? -4.639  -5.528  -14.821 0.50 15.60 ? 14   SER A CB  1 
ATOM   97   C CB  B SER A 1 14  ? -4.671  -5.533  -14.813 0.50 12.87 ? 14   SER A CB  1 
ATOM   98   O OG  A SER A 1 14  ? -5.095  -6.580  -13.985 0.50 19.41 ? 14   SER A OG  1 
ATOM   99   O OG  B SER A 1 14  ? -3.925  -5.774  -15.987 0.50 11.96 ? 14   SER A OG  1 
ATOM   100  N N   . ASP A 1 15  ? -6.116  -3.450  -13.038 1.00 15.50 ? 15   ASP A N   1 
ATOM   101  C CA  . ASP A 1 15  ? -7.060  -3.192  -11.965 1.00 15.12 ? 15   ASP A CA  1 
ATOM   102  C C   . ASP A 1 15  ? -7.564  -4.585  -11.567 1.00 15.75 ? 15   ASP A C   1 
ATOM   103  O O   . ASP A 1 15  ? -8.067  -5.334  -12.414 1.00 14.83 ? 15   ASP A O   1 
ATOM   104  C CB  . ASP A 1 15  ? -8.236  -2.347  -12.459 1.00 16.52 ? 15   ASP A CB  1 
ATOM   105  C CG  . ASP A 1 15  ? -9.150  -1.912  -11.328 1.00 15.89 ? 15   ASP A CG  1 
ATOM   106  O OD1 . ASP A 1 15  ? -8.933  -0.812  -10.781 1.00 16.55 ? 15   ASP A OD1 1 
ATOM   107  O OD2 . ASP A 1 15  ? -10.074 -2.679  -10.978 1.00 16.46 ? 15   ASP A OD2 1 
ATOM   108  N N   . GLY A 1 16  ? -7.415  -4.942  -10.295 1.00 13.54 ? 16   GLY A N   1 
ATOM   109  C CA  . GLY A 1 16  ? -7.873  -6.246  -9.840  1.00 14.61 ? 16   GLY A CA  1 
ATOM   110  C C   . GLY A 1 16  ? -6.745  -7.234  -9.603  1.00 12.25 ? 16   GLY A C   1 
ATOM   111  O O   . GLY A 1 16  ? -6.957  -8.306  -9.029  1.00 13.29 ? 16   GLY A O   1 
ATOM   112  N N   . THR A 1 17  ? -5.542  -6.892  -10.049 1.00 12.46 ? 17   THR A N   1 
ATOM   113  C CA  . THR A 1 17  ? -4.403  -7.777  -9.848  1.00 11.37 ? 17   THR A CA  1 
ATOM   114  C C   . THR A 1 17  ? -4.167  -7.937  -8.346  1.00 11.63 ? 17   THR A C   1 
ATOM   115  O O   . THR A 1 17  ? -4.275  -6.970  -7.594  1.00 13.71 ? 17   THR A O   1 
ATOM   116  C CB  . THR A 1 17  ? -3.128  -7.207  -10.517 1.00 11.23 ? 17   THR A CB  1 
ATOM   117  O OG1 . THR A 1 17  ? -3.270  -7.282  -11.941 1.00 10.58 ? 17   THR A OG1 1 
ATOM   118  C CG2 . THR A 1 17  ? -1.876  -7.998  -10.089 1.00 8.46  ? 17   THR A CG2 1 
ATOM   119  N N   . VAL A 1 18  ? -3.873  -9.160  -7.913  1.00 12.64 ? 18   VAL A N   1 
ATOM   120  C CA  . VAL A 1 18  ? -3.608  -9.417  -6.504  1.00 13.05 ? 18   VAL A CA  1 
ATOM   121  C C   . VAL A 1 18  ? -2.092  -9.490  -6.320  1.00 13.30 ? 18   VAL A C   1 
ATOM   122  O O   . VAL A 1 18  ? -1.409  -10.265 -6.995  1.00 12.60 ? 18   VAL A O   1 
ATOM   123  C CB  . VAL A 1 18  ? -4.250  -10.741 -6.037  1.00 12.63 ? 18   VAL A CB  1 
ATOM   124  C CG1 . VAL A 1 18  ? -4.000  -10.944 -4.544  1.00 13.21 ? 18   VAL A CG1 1 
ATOM   125  C CG2 . VAL A 1 18  ? -5.744  -10.714 -6.310  1.00 11.57 ? 18   VAL A CG2 1 
ATOM   126  N N   . VAL A 1 19  ? -1.563  -8.673  -5.415  1.00 12.76 ? 19   VAL A N   1 
ATOM   127  C CA  . VAL A 1 19  ? -0.125  -8.669  -5.191  1.00 13.05 ? 19   VAL A CA  1 
ATOM   128  C C   . VAL A 1 19  ? 0.229   -9.174  -3.805  1.00 14.60 ? 19   VAL A C   1 
ATOM   129  O O   . VAL A 1 19  ? -0.603  -9.162  -2.890  1.00 12.68 ? 19   VAL A O   1 
ATOM   130  C CB  . VAL A 1 19  ? 0.469   -7.240  -5.369  1.00 13.86 ? 19   VAL A CB  1 
ATOM   131  C CG1 . VAL A 1 19  ? 0.158   -6.715  -6.773  1.00 12.52 ? 19   VAL A CG1 1 
ATOM   132  C CG2 . VAL A 1 19  ? -0.104  -6.286  -4.312  1.00 13.21 ? 19   VAL A CG2 1 
ATOM   133  N N   . LYS A 1 20  ? 1.463   -9.639  -3.653  1.00 14.25 ? 20   LYS A N   1 
ATOM   134  C CA  . LYS A 1 20  ? 1.918   -10.094 -2.353  1.00 15.73 ? 20   LYS A CA  1 
ATOM   135  C C   . LYS A 1 20  ? 2.654   -8.936  -1.697  1.00 16.02 ? 20   LYS A C   1 
ATOM   136  O O   . LYS A 1 20  ? 3.555   -8.338  -2.293  1.00 15.51 ? 20   LYS A O   1 
ATOM   137  C CB  . LYS A 1 20  ? 2.868   -11.290 -2.461  1.00 18.08 ? 20   LYS A CB  1 
ATOM   138  C CG  . LYS A 1 20  ? 3.389   -11.724 -1.087  1.00 17.14 ? 20   LYS A CG  1 
ATOM   139  C CD  . LYS A 1 20  ? 4.440   -12.818 -1.151  1.00 15.43 ? 20   LYS A CD  1 
ATOM   140  C CE  . LYS A 1 20  ? 4.943   -13.158 0.248   1.00 18.56 ? 20   LYS A CE  1 
ATOM   141  N NZ  . LYS A 1 20  ? 6.031   -14.180 0.211   1.00 18.77 ? 20   LYS A NZ  1 
ATOM   142  N N   . VAL A 1 21  ? 2.254   -8.615  -0.473  1.00 15.02 ? 21   VAL A N   1 
ATOM   143  C CA  . VAL A 1 21  ? 2.882   -7.540  0.284   1.00 15.57 ? 21   VAL A CA  1 
ATOM   144  C C   . VAL A 1 21  ? 3.547   -8.207  1.481   1.00 16.63 ? 21   VAL A C   1 
ATOM   145  O O   . VAL A 1 21  ? 2.909   -8.965  2.214   1.00 14.99 ? 21   VAL A O   1 
ATOM   146  C CB  . VAL A 1 21  ? 1.838   -6.514  0.792   1.00 14.58 ? 21   VAL A CB  1 
ATOM   147  C CG1 . VAL A 1 21  ? 2.550   -5.347  1.459   1.00 14.64 ? 21   VAL A CG1 1 
ATOM   148  C CG2 . VAL A 1 21  ? 0.972   -6.019  -0.362  1.00 15.61 ? 21   VAL A CG2 1 
ATOM   149  N N   . ALA A 1 22  ? 4.832   -7.942  1.670   1.00 16.36 ? 22   ALA A N   1 
ATOM   150  C CA  . ALA A 1 22  ? 5.552   -8.542  2.778   1.00 18.24 ? 22   ALA A CA  1 
ATOM   151  C C   . ALA A 1 22  ? 6.353   -7.489  3.520   1.00 19.19 ? 22   ALA A C   1 
ATOM   152  O O   . ALA A 1 22  ? 6.851   -6.534  2.921   1.00 18.89 ? 22   ALA A O   1 
ATOM   153  C CB  . ALA A 1 22  ? 6.472   -9.643  2.266   1.00 19.68 ? 22   ALA A CB  1 
ATOM   154  N N   . GLY A 1 23  ? 6.465   -7.670  4.829   1.00 19.86 ? 23   GLY A N   1 
ATOM   155  C CA  . GLY A 1 23  ? 7.214   -6.730  5.638   1.00 19.66 ? 23   GLY A CA  1 
ATOM   156  C C   . GLY A 1 23  ? 8.219   -7.443  6.513   1.00 21.36 ? 23   GLY A C   1 
ATOM   157  O O   . GLY A 1 23  ? 7.986   -8.575  6.951   1.00 20.16 ? 23   GLY A O   1 
ATOM   158  N N   . ALA A 1 24  ? 9.343   -6.781  6.765   1.00 21.16 ? 24   ALA A N   1 
ATOM   159  C CA  . ALA A 1 24  ? 10.393  -7.342  7.602   1.00 21.11 ? 24   ALA A CA  1 
ATOM   160  C C   . ALA A 1 24  ? 10.988  -6.231  8.468   1.00 21.58 ? 24   ALA A C   1 
ATOM   161  O O   . ALA A 1 24  ? 10.953  -5.057  8.095   1.00 20.84 ? 24   ALA A O   1 
ATOM   162  C CB  . ALA A 1 24  ? 11.471  -7.980  6.726   1.00 21.65 ? 24   ALA A CB  1 
ATOM   163  N N   . GLY A 1 25  ? 11.514  -6.605  9.631   1.00 21.41 ? 25   GLY A N   1 
ATOM   164  C CA  . GLY A 1 25  ? 12.102  -5.629  10.528  1.00 21.80 ? 25   GLY A CA  1 
ATOM   165  C C   . GLY A 1 25  ? 11.052  -4.759  11.190  1.00 22.54 ? 25   GLY A C   1 
ATOM   166  O O   . GLY A 1 25  ? 11.359  -3.688  11.716  1.00 23.51 ? 25   GLY A O   1 
ATOM   167  N N   . LEU A 1 26  ? 9.806   -5.226  11.169  1.00 20.94 ? 26   LEU A N   1 
ATOM   168  C CA  . LEU A 1 26  ? 8.687   -4.492  11.752  1.00 19.98 ? 26   LEU A CA  1 
ATOM   169  C C   . LEU A 1 26  ? 8.597   -4.670  13.266  1.00 20.00 ? 26   LEU A C   1 
ATOM   170  O O   . LEU A 1 26  ? 9.400   -5.379  13.874  1.00 18.28 ? 26   LEU A O   1 
ATOM   171  C CB  . LEU A 1 26  ? 7.372   -4.966  11.125  1.00 19.67 ? 26   LEU A CB  1 
ATOM   172  C CG  . LEU A 1 26  ? 7.298   -5.012  9.598   1.00 20.07 ? 26   LEU A CG  1 
ATOM   173  C CD1 . LEU A 1 26  ? 5.998   -5.696  9.174   1.00 20.05 ? 26   LEU A CD1 1 
ATOM   174  C CD2 . LEU A 1 26  ? 7.386   -3.600  9.029   1.00 18.49 ? 26   LEU A CD2 1 
ATOM   175  N N   . GLN A 1 27  ? 7.611   -4.007  13.867  1.00 19.55 ? 27   GLN A N   1 
ATOM   176  C CA  . GLN A 1 27  ? 7.381   -4.113  15.303  1.00 21.19 ? 27   GLN A CA  1 
ATOM   177  C C   . GLN A 1 27  ? 6.767   -5.479  15.572  1.00 20.47 ? 27   GLN A C   1 
ATOM   178  O O   . GLN A 1 27  ? 5.670   -5.767  15.106  1.00 19.92 ? 27   GLN A O   1 
ATOM   179  C CB  . GLN A 1 27  ? 6.402   -3.036  15.776  1.00 23.13 ? 27   GLN A CB  1 
ATOM   180  C CG  . GLN A 1 27  ? 7.004   -1.660  15.965  1.00 25.16 ? 27   GLN A CG  1 
ATOM   181  C CD  . GLN A 1 27  ? 5.970   -0.649  16.421  1.00 26.84 ? 27   GLN A CD  1 
ATOM   182  O OE1 . GLN A 1 27  ? 5.032   -0.988  17.145  1.00 27.82 ? 27   GLN A OE1 1 
ATOM   183  N NE2 . GLN A 1 27  ? 6.144   0.602   16.013  1.00 27.98 ? 27   GLN A NE2 1 
ATOM   184  N N   . ALA A 1 28  ? 7.473   -6.320  16.318  1.00 22.12 ? 28   ALA A N   1 
ATOM   185  C CA  . ALA A 1 28  ? 6.960   -7.645  16.632  1.00 22.21 ? 28   ALA A CA  1 
ATOM   186  C C   . ALA A 1 28  ? 5.582   -7.529  17.280  1.00 22.79 ? 28   ALA A C   1 
ATOM   187  O O   . ALA A 1 28  ? 5.382   -6.720  18.193  1.00 23.33 ? 28   ALA A O   1 
ATOM   188  C CB  . ALA A 1 28  ? 7.923   -8.372  17.569  1.00 23.56 ? 28   ALA A CB  1 
ATOM   189  N N   . GLY A 1 29  ? 4.635   -8.324  16.789  1.00 21.58 ? 29   GLY A N   1 
ATOM   190  C CA  . GLY A 1 29  ? 3.288   -8.321  17.341  1.00 21.64 ? 29   GLY A CA  1 
ATOM   191  C C   . GLY A 1 29  ? 2.406   -7.117  17.057  1.00 20.14 ? 29   GLY A C   1 
ATOM   192  O O   . GLY A 1 29  ? 1.302   -7.022  17.588  1.00 23.13 ? 29   GLY A O   1 
ATOM   193  N N   . THR A 1 30  ? 2.869   -6.191  16.230  1.00 20.22 ? 30   THR A N   1 
ATOM   194  C CA  . THR A 1 30  ? 2.064   -5.015  15.928  1.00 19.98 ? 30   THR A CA  1 
ATOM   195  C C   . THR A 1 30  ? 1.218   -5.231  14.686  1.00 19.09 ? 30   THR A C   1 
ATOM   196  O O   . THR A 1 30  ? 1.656   -5.871  13.737  1.00 19.33 ? 30   THR A O   1 
ATOM   197  C CB  . THR A 1 30  ? 2.947   -3.773  15.719  1.00 20.31 ? 30   THR A CB  1 
ATOM   198  O OG1 . THR A 1 30  ? 3.548   -3.406  16.966  1.00 22.56 ? 30   THR A OG1 1 
ATOM   199  C CG2 . THR A 1 30  ? 2.119   -2.604  15.199  1.00 20.83 ? 30   THR A CG2 1 
ATOM   200  N N   . ALA A 1 31  ? -0.002  -4.702  14.707  1.00 19.06 ? 31   ALA A N   1 
ATOM   201  C CA  . ALA A 1 31  ? -0.911  -4.824  13.570  1.00 18.80 ? 31   ALA A CA  1 
ATOM   202  C C   . ALA A 1 31  ? -0.625  -3.726  12.551  1.00 18.98 ? 31   ALA A C   1 
ATOM   203  O O   . ALA A 1 31  ? -0.561  -2.541  12.895  1.00 18.39 ? 31   ALA A O   1 
ATOM   204  C CB  . ALA A 1 31  ? -2.349  -4.724  14.040  1.00 18.94 ? 31   ALA A CB  1 
ATOM   205  N N   . TYR A 1 32  ? -0.456  -4.126  11.295  1.00 17.45 ? 32   TYR A N   1 
ATOM   206  C CA  . TYR A 1 32  ? -0.184  -3.176  10.224  1.00 17.12 ? 32   TYR A CA  1 
ATOM   207  C C   . TYR A 1 32  ? -1.269  -3.163  9.153   1.00 16.70 ? 32   TYR A C   1 
ATOM   208  O O   . TYR A 1 32  ? -1.673  -4.215  8.653   1.00 17.19 ? 32   TYR A O   1 
ATOM   209  C CB  . TYR A 1 32  ? 1.147   -3.497  9.535   1.00 17.18 ? 32   TYR A CB  1 
ATOM   210  C CG  . TYR A 1 32  ? 2.369   -3.170  10.351  1.00 17.70 ? 32   TYR A CG  1 
ATOM   211  C CD1 . TYR A 1 32  ? 2.853   -4.057  11.319  1.00 16.98 ? 32   TYR A CD1 1 
ATOM   212  C CD2 . TYR A 1 32  ? 3.024   -1.951  10.184  1.00 18.20 ? 32   TYR A CD2 1 
ATOM   213  C CE1 . TYR A 1 32  ? 3.963   -3.730  12.100  1.00 17.42 ? 32   TYR A CE1 1 
ATOM   214  C CE2 . TYR A 1 32  ? 4.127   -1.615  10.957  1.00 19.11 ? 32   TYR A CE2 1 
ATOM   215  C CZ  . TYR A 1 32  ? 4.591   -2.506  11.914  1.00 19.20 ? 32   TYR A CZ  1 
ATOM   216  O OH  . TYR A 1 32  ? 5.673   -2.156  12.685  1.00 18.54 ? 32   TYR A OH  1 
ATOM   217  N N   . TRP A 1 33  ? -1.742  -1.970  8.808   1.00 15.33 ? 33   TRP A N   1 
ATOM   218  C CA  . TRP A 1 33  ? -2.724  -1.845  7.741   1.00 15.17 ? 33   TRP A CA  1 
ATOM   219  C C   . TRP A 1 33  ? -1.927  -1.965  6.445   1.00 15.15 ? 33   TRP A C   1 
ATOM   220  O O   . TRP A 1 33  ? -0.782  -1.510  6.371   1.00 15.57 ? 33   TRP A O   1 
ATOM   221  C CB  . TRP A 1 33  ? -3.401  -0.476  7.780   1.00 13.66 ? 33   TRP A CB  1 
ATOM   222  C CG  . TRP A 1 33  ? -4.653  -0.428  8.592   1.00 15.59 ? 33   TRP A CG  1 
ATOM   223  C CD1 . TRP A 1 33  ? -5.924  -0.680  8.157   1.00 14.39 ? 33   TRP A CD1 1 
ATOM   224  C CD2 . TRP A 1 33  ? -4.757  -0.137  9.991   1.00 17.18 ? 33   TRP A CD2 1 
ATOM   225  N NE1 . TRP A 1 33  ? -6.813  -0.560  9.197   1.00 17.22 ? 33   TRP A NE1 1 
ATOM   226  C CE2 . TRP A 1 33  ? -6.125  -0.229  10.336  1.00 17.68 ? 33   TRP A CE2 1 
ATOM   227  C CE3 . TRP A 1 33  ? -3.825  0.189   10.990  1.00 20.16 ? 33   TRP A CE3 1 
ATOM   228  C CZ2 . TRP A 1 33  ? -6.587  -0.006  11.636  1.00 17.54 ? 33   TRP A CZ2 1 
ATOM   229  C CZ3 . TRP A 1 33  ? -4.287  0.411   12.289  1.00 19.15 ? 33   TRP A CZ3 1 
ATOM   230  C CH2 . TRP A 1 33  ? -5.657  0.311   12.596  1.00 19.63 ? 33   TRP A CH2 1 
ATOM   231  N N   . VAL A 1 34  ? -2.521  -2.597  5.438   1.00 14.41 ? 34   VAL A N   1 
ATOM   232  C CA  . VAL A 1 34  ? -1.889  -2.738  4.134   1.00 14.65 ? 34   VAL A CA  1 
ATOM   233  C C   . VAL A 1 34  ? -2.803  -1.965  3.196   1.00 14.62 ? 34   VAL A C   1 
ATOM   234  O O   . VAL A 1 34  ? -4.004  -2.238  3.138   1.00 12.73 ? 34   VAL A O   1 
ATOM   235  C CB  . VAL A 1 34  ? -1.827  -4.211  3.673   1.00 15.66 ? 34   VAL A CB  1 
ATOM   236  C CG1 . VAL A 1 34  ? -1.049  -4.312  2.370   1.00 16.44 ? 34   VAL A CG1 1 
ATOM   237  C CG2 . VAL A 1 34  ? -1.175  -5.068  4.749   1.00 18.65 ? 34   VAL A CG2 1 
ATOM   238  N N   . ALA A 1 35  ? -2.250  -0.995  2.474   1.00 12.39 ? 35   ALA A N   1 
ATOM   239  C CA  . ALA A 1 35  ? -3.075  -0.196  1.576   1.00 13.00 ? 35   ALA A CA  1 
ATOM   240  C C   . ALA A 1 35  ? -2.328  0.396   0.399   1.00 12.76 ? 35   ALA A C   1 
ATOM   241  O O   . ALA A 1 35  ? -1.102  0.530   0.418   1.00 12.38 ? 35   ALA A O   1 
ATOM   242  C CB  . ALA A 1 35  ? -3.757  0.933   2.361   1.00 11.03 ? 35   ALA A CB  1 
ATOM   243  N N   . GLN A 1 36  ? -3.094  0.764   -0.621  1.00 11.23 ? 36   GLN A N   1 
ATOM   244  C CA  . GLN A 1 36  ? -2.547  1.375   -1.818  1.00 13.09 ? 36   GLN A CA  1 
ATOM   245  C C   . GLN A 1 36  ? -2.636  2.888   -1.628  1.00 13.93 ? 36   GLN A C   1 
ATOM   246  O O   . GLN A 1 36  ? -3.693  3.407   -1.266  1.00 13.69 ? 36   GLN A O   1 
ATOM   247  C CB  . GLN A 1 36  ? -3.359  0.945   -3.035  1.00 12.76 ? 36   GLN A CB  1 
ATOM   248  C CG  . GLN A 1 36  ? -2.776  1.398   -4.351  1.00 12.94 ? 36   GLN A CG  1 
ATOM   249  C CD  . GLN A 1 36  ? -3.620  0.948   -5.524  1.00 12.43 ? 36   GLN A CD  1 
ATOM   250  O OE1 . GLN A 1 36  ? -4.396  0.000   -5.411  1.00 10.52 ? 36   GLN A OE1 1 
ATOM   251  N NE2 . GLN A 1 36  ? -3.465  1.621   -6.662  1.00 11.69 ? 36   GLN A NE2 1 
ATOM   252  N N   . TRP A 1 37  ? -1.517  3.575   -1.853  1.00 15.38 ? 37   TRP A N   1 
ATOM   253  C CA  . TRP A 1 37  ? -1.429  5.027   -1.699  1.00 16.06 ? 37   TRP A CA  1 
ATOM   254  C C   . TRP A 1 37  ? -1.068  5.732   -3.002  1.00 17.23 ? 37   TRP A C   1 
ATOM   255  O O   . TRP A 1 37  ? -0.545  5.123   -3.934  1.00 14.69 ? 37   TRP A O   1 
ATOM   256  C CB  . TRP A 1 37  ? -0.371  5.400   -0.658  1.00 14.80 ? 37   TRP A CB  1 
ATOM   257  C CG  . TRP A 1 37  ? -0.707  5.007   0.732   1.00 16.46 ? 37   TRP A CG  1 
ATOM   258  C CD1 . TRP A 1 37  ? -0.504  3.792   1.315   1.00 15.74 ? 37   TRP A CD1 1 
ATOM   259  C CD2 . TRP A 1 37  ? -1.332  5.831   1.719   1.00 15.60 ? 37   TRP A CD2 1 
ATOM   260  N NE1 . TRP A 1 37  ? -0.965  3.804   2.606   1.00 16.91 ? 37   TRP A NE1 1 
ATOM   261  C CE2 . TRP A 1 37  ? -1.481  5.044   2.882   1.00 16.92 ? 37   TRP A CE2 1 
ATOM   262  C CE3 . TRP A 1 37  ? -1.784  7.160   1.736   1.00 14.83 ? 37   TRP A CE3 1 
ATOM   263  C CZ2 . TRP A 1 37  ? -2.067  5.541   4.053   1.00 15.94 ? 37   TRP A CZ2 1 
ATOM   264  C CZ3 . TRP A 1 37  ? -2.368  7.654   2.900   1.00 14.04 ? 37   TRP A CZ3 1 
ATOM   265  C CH2 . TRP A 1 37  ? -2.503  6.844   4.041   1.00 14.01 ? 37   TRP A CH2 1 
ATOM   266  N N   . ALA A 1 38  ? -1.336  7.032   -3.040  1.00 18.07 ? 38   ALA A N   1 
ATOM   267  C CA  . ALA A 1 38  ? -1.038  7.849   -4.207  1.00 21.32 ? 38   ALA A CA  1 
ATOM   268  C C   . ALA A 1 38  ? -0.747  9.281   -3.772  1.00 22.57 ? 38   ALA A C   1 
ATOM   269  O O   . ALA A 1 38  ? -1.414  9.809   -2.884  1.00 22.51 ? 38   ALA A O   1 
ATOM   270  C CB  . ALA A 1 38  ? -2.216  7.827   -5.166  1.00 20.52 ? 38   ALA A CB  1 
ATOM   271  N N   . ARG A 1 39  ? 0.257   9.909   -4.376  1.00 25.66 ? 39   ARG A N   1 
ATOM   272  C CA  . ARG A 1 39  ? 0.553   11.294  -4.024  1.00 27.65 ? 39   ARG A CA  1 
ATOM   273  C C   . ARG A 1 39  ? -0.386  12.128  -4.880  1.00 28.18 ? 39   ARG A C   1 
ATOM   274  O O   . ARG A 1 39  ? -0.186  12.255  -6.087  1.00 29.45 ? 39   ARG A O   1 
ATOM   275  C CB  . ARG A 1 39  ? 2.011   11.668  -4.334  1.00 29.42 ? 39   ARG A CB  1 
ATOM   276  C CG  . ARG A 1 39  ? 2.359   13.085  -3.865  1.00 31.18 ? 39   ARG A CG  1 
ATOM   277  C CD  . ARG A 1 39  ? 3.690   13.613  -4.397  1.00 32.87 ? 39   ARG A CD  1 
ATOM   278  N NE  . ARG A 1 39  ? 4.854   12.997  -3.764  1.00 34.01 ? 39   ARG A NE  1 
ATOM   279  C CZ  . ARG A 1 39  ? 5.517   11.956  -4.259  1.00 34.16 ? 39   ARG A CZ  1 
ATOM   280  N NH1 . ARG A 1 39  ? 6.564   11.467  -3.608  1.00 33.36 ? 39   ARG A NH1 1 
ATOM   281  N NH2 . ARG A 1 39  ? 5.141   11.410  -5.407  1.00 33.09 ? 39   ARG A NH2 1 
ATOM   282  N N   . VAL A 1 40  ? -1.423  12.677  -4.256  1.00 27.66 ? 40   VAL A N   1 
ATOM   283  C CA  . VAL A 1 40  ? -2.409  13.483  -4.967  1.00 27.36 ? 40   VAL A CA  1 
ATOM   284  C C   . VAL A 1 40  ? -1.957  14.932  -5.121  1.00 27.69 ? 40   VAL A C   1 
ATOM   285  O O   . VAL A 1 40  ? -2.539  15.706  -5.881  1.00 27.73 ? 40   VAL A O   1 
ATOM   286  C CB  . VAL A 1 40  ? -3.775  13.435  -4.249  1.00 27.10 ? 40   VAL A CB  1 
ATOM   287  C CG1 . VAL A 1 40  ? -4.290  12.000  -4.225  1.00 27.63 ? 40   VAL A CG1 1 
ATOM   288  C CG2 . VAL A 1 40  ? -3.644  13.970  -2.833  1.00 27.07 ? 40   VAL A CG2 1 
ATOM   289  N N   . ASP A 1 41  ? -0.905  15.288  -4.399  1.00 28.50 ? 41   ASP A N   1 
ATOM   290  C CA  . ASP A 1 41  ? -0.360  16.632  -4.464  1.00 29.98 ? 41   ASP A CA  1 
ATOM   291  C C   . ASP A 1 41  ? 0.898   16.659  -3.615  1.00 30.57 ? 41   ASP A C   1 
ATOM   292  O O   . ASP A 1 41  ? 1.107   15.780  -2.776  1.00 29.44 ? 41   ASP A O   1 
ATOM   293  C CB  . ASP A 1 41  ? -1.390  17.642  -3.952  1.00 31.62 ? 41   ASP A CB  1 
ATOM   294  C CG  . ASP A 1 41  ? -0.937  19.077  -4.125  1.00 35.17 ? 41   ASP A CG  1 
ATOM   295  O OD1 . ASP A 1 41  ? -0.138  19.348  -5.049  1.00 34.73 ? 41   ASP A OD1 1 
ATOM   296  O OD2 . ASP A 1 41  ? -1.393  19.938  -3.345  1.00 36.42 ? 41   ASP A OD2 1 
ATOM   297  N N   . THR A 1 42  ? 1.745   17.656  -3.844  1.00 29.98 ? 42   THR A N   1 
ATOM   298  C CA  . THR A 1 42  ? 2.984   17.778  -3.092  1.00 30.17 ? 42   THR A CA  1 
ATOM   299  C C   . THR A 1 42  ? 2.741   17.602  -1.592  1.00 29.80 ? 42   THR A C   1 
ATOM   300  O O   . THR A 1 42  ? 1.999   18.372  -0.980  1.00 29.49 ? 42   THR A O   1 
ATOM   301  C CB  . THR A 1 42  ? 3.632   19.149  -3.329  1.00 31.17 ? 42   THR A CB  1 
ATOM   302  O OG1 . THR A 1 42  ? 3.748   19.378  -4.739  1.00 32.94 ? 42   THR A OG1 1 
ATOM   303  C CG2 . THR A 1 42  ? 5.014   19.199  -2.696  1.00 30.71 ? 42   THR A CG2 1 
ATOM   304  N N   . GLY A 1 43  ? 3.362   16.581  -1.010  1.00 29.14 ? 43   GLY A N   1 
ATOM   305  C CA  . GLY A 1 43  ? 3.212   16.330  0.415   1.00 29.56 ? 43   GLY A CA  1 
ATOM   306  C C   . GLY A 1 43  ? 1.848   15.812  0.844   1.00 29.07 ? 43   GLY A C   1 
ATOM   307  O O   . GLY A 1 43  ? 1.572   15.704  2.042   1.00 30.46 ? 43   GLY A O   1 
ATOM   308  N N   . VAL A 1 44  ? 0.995   15.486  -0.123  1.00 27.70 ? 44   VAL A N   1 
ATOM   309  C CA  . VAL A 1 44  ? -0.343  14.980  0.181   1.00 25.55 ? 44   VAL A CA  1 
ATOM   310  C C   . VAL A 1 44  ? -0.601  13.612  -0.449  1.00 23.76 ? 44   VAL A C   1 
ATOM   311  O O   . VAL A 1 44  ? -0.522  13.452  -1.669  1.00 23.50 ? 44   VAL A O   1 
ATOM   312  C CB  . VAL A 1 44  ? -1.438  15.952  -0.311  1.00 26.22 ? 44   VAL A CB  1 
ATOM   313  C CG1 . VAL A 1 44  ? -2.805  15.454  0.123   1.00 25.02 ? 44   VAL A CG1 1 
ATOM   314  C CG2 . VAL A 1 44  ? -1.184  17.344  0.234   1.00 26.33 ? 44   VAL A CG2 1 
ATOM   315  N N   . TRP A 1 45  ? -0.922  12.631  0.390   1.00 22.10 ? 45   TRP A N   1 
ATOM   316  C CA  . TRP A 1 45  ? -1.192  11.279  -0.089  1.00 21.65 ? 45   TRP A CA  1 
ATOM   317  C C   . TRP A 1 45  ? -2.601  10.809  0.275   1.00 20.17 ? 45   TRP A C   1 
ATOM   318  O O   . TRP A 1 45  ? -3.125  11.151  1.333   1.00 20.68 ? 45   TRP A O   1 
ATOM   319  C CB  . TRP A 1 45  ? -0.168  10.296  0.488   1.00 23.29 ? 45   TRP A CB  1 
ATOM   320  C CG  . TRP A 1 45  ? 1.253   10.610  0.122   1.00 25.61 ? 45   TRP A CG  1 
ATOM   321  C CD1 . TRP A 1 45  ? 2.036   11.611  0.632   1.00 25.84 ? 45   TRP A CD1 1 
ATOM   322  C CD2 . TRP A 1 45  ? 2.057   9.925   -0.844  1.00 26.78 ? 45   TRP A CD2 1 
ATOM   323  N NE1 . TRP A 1 45  ? 3.279   11.588  0.044   1.00 25.85 ? 45   TRP A NE1 1 
ATOM   324  C CE2 . TRP A 1 45  ? 3.320   10.565  -0.867  1.00 27.43 ? 45   TRP A CE2 1 
ATOM   325  C CE3 . TRP A 1 45  ? 1.836   8.831   -1.693  1.00 26.80 ? 45   TRP A CE3 1 
ATOM   326  C CZ2 . TRP A 1 45  ? 4.357   10.147  -1.709  1.00 27.86 ? 45   TRP A CZ2 1 
ATOM   327  C CZ3 . TRP A 1 45  ? 2.866   8.414   -2.529  1.00 29.51 ? 45   TRP A CZ3 1 
ATOM   328  C CH2 . TRP A 1 45  ? 4.112   9.073   -2.530  1.00 29.62 ? 45   TRP A CH2 1 
ATOM   329  N N   . ALA A 1 46  ? -3.203  10.030  -0.617  1.00 17.68 ? 46   ALA A N   1 
ATOM   330  C CA  . ALA A 1 46  ? -4.539  9.484   -0.397  1.00 16.02 ? 46   ALA A CA  1 
ATOM   331  C C   . ALA A 1 46  ? -4.478  7.969   -0.597  1.00 15.16 ? 46   ALA A C   1 
ATOM   332  O O   . ALA A 1 46  ? -3.670  7.476   -1.389  1.00 15.60 ? 46   ALA A O   1 
ATOM   333  C CB  . ALA A 1 46  ? -5.528  10.104  -1.377  1.00 17.09 ? 46   ALA A CB  1 
ATOM   334  N N   . TYR A 1 47  ? -5.326  7.226   0.110   1.00 12.24 ? 47   TYR A N   1 
ATOM   335  C CA  . TYR A 1 47  ? -5.321  5.776   -0.032  1.00 12.11 ? 47   TYR A CA  1 
ATOM   336  C C   . TYR A 1 47  ? -6.677  5.218   -0.434  1.00 12.79 ? 47   TYR A C   1 
ATOM   337  O O   . TYR A 1 47  ? -7.678  5.938   -0.497  1.00 12.20 ? 47   TYR A O   1 
ATOM   338  C CB  . TYR A 1 47  ? -4.852  5.108   1.267   1.00 11.31 ? 47   TYR A CB  1 
ATOM   339  C CG  . TYR A 1 47  ? -5.844  5.169   2.403   1.00 12.41 ? 47   TYR A CG  1 
ATOM   340  C CD1 . TYR A 1 47  ? -6.457  4.012   2.871   1.00 12.29 ? 47   TYR A CD1 1 
ATOM   341  C CD2 . TYR A 1 47  ? -6.165  6.385   3.021   1.00 10.21 ? 47   TYR A CD2 1 
ATOM   342  C CE1 . TYR A 1 47  ? -7.365  4.052   3.928   1.00 13.53 ? 47   TYR A CE1 1 
ATOM   343  C CE2 . TYR A 1 47  ? -7.077  6.436   4.081   1.00 10.14 ? 47   TYR A CE2 1 
ATOM   344  C CZ  . TYR A 1 47  ? -7.669  5.264   4.528   1.00 11.07 ? 47   TYR A CZ  1 
ATOM   345  O OH  . TYR A 1 47  ? -8.556  5.282   5.580   1.00 11.89 ? 47   TYR A OH  1 
ATOM   346  N N   . ASN A 1 48  ? -6.696  3.919   -0.693  1.00 12.07 ? 48   ASN A N   1 
ATOM   347  C CA  . ASN A 1 48  ? -7.906  3.225   -1.103  1.00 12.35 ? 48   ASN A CA  1 
ATOM   348  C C   . ASN A 1 48  ? -8.432  2.315   0.014   1.00 13.15 ? 48   ASN A C   1 
ATOM   349  O O   . ASN A 1 48  ? -8.049  1.146   0.123   1.00 10.73 ? 48   ASN A O   1 
ATOM   350  C CB  . ASN A 1 48  ? -7.611  2.419   -2.368  1.00 13.42 ? 48   ASN A CB  1 
ATOM   351  C CG  . ASN A 1 48  ? -8.755  1.522   -2.762  1.00 14.20 ? 48   ASN A CG  1 
ATOM   352  O OD1 . ASN A 1 48  ? -9.918  1.860   -2.551  1.00 15.11 ? 48   ASN A OD1 1 
ATOM   353  N ND2 . ASN A 1 48  ? -8.434  0.372   -3.349  1.00 13.61 ? 48   ASN A ND2 1 
ATOM   354  N N   . PRO A 1 49  ? -9.324  2.848   0.865   1.00 11.38 ? 49   PRO A N   1 
ATOM   355  C CA  . PRO A 1 49  ? -9.873  2.044   1.962   1.00 12.22 ? 49   PRO A CA  1 
ATOM   356  C C   . PRO A 1 49  ? -10.730 0.871   1.493   1.00 13.33 ? 49   PRO A C   1 
ATOM   357  O O   . PRO A 1 49  ? -10.882 -0.117  2.211   1.00 14.58 ? 49   PRO A O   1 
ATOM   358  C CB  . PRO A 1 49  ? -10.681 3.067   2.766   1.00 12.77 ? 49   PRO A CB  1 
ATOM   359  C CG  . PRO A 1 49  ? -11.142 4.032   1.716   1.00 12.07 ? 49   PRO A CG  1 
ATOM   360  C CD  . PRO A 1 49  ? -9.895  4.210   0.867   1.00 12.79 ? 49   PRO A CD  1 
ATOM   361  N N   . ALA A 1 50  ? -11.271 0.980   0.280   1.00 12.83 ? 50   ALA A N   1 
ATOM   362  C CA  . ALA A 1 50  ? -12.142 -0.051  -0.283  1.00 13.11 ? 50   ALA A CA  1 
ATOM   363  C C   . ALA A 1 50  ? -11.477 -1.406  -0.506  1.00 13.96 ? 50   ALA A C   1 
ATOM   364  O O   . ALA A 1 50  ? -12.162 -2.415  -0.650  1.00 16.71 ? 50   ALA A O   1 
ATOM   365  C CB  . ALA A 1 50  ? -12.751 0.443   -1.593  1.00 14.12 ? 50   ALA A CB  1 
ATOM   366  N N   . ASP A 1 51  ? -10.152 -1.435  -0.543  1.00 12.37 ? 51   ASP A N   1 
ATOM   367  C CA  . ASP A 1 51  ? -9.443  -2.690  -0.752  1.00 13.76 ? 51   ASP A CA  1 
ATOM   368  C C   . ASP A 1 51  ? -8.314  -2.852  0.247   1.00 13.81 ? 51   ASP A C   1 
ATOM   369  O O   . ASP A 1 51  ? -7.387  -3.628  0.011   1.00 12.45 ? 51   ASP A O   1 
ATOM   370  C CB  . ASP A 1 51  ? -8.876  -2.754  -2.176  1.00 12.82 ? 51   ASP A CB  1 
ATOM   371  C CG  . ASP A 1 51  ? -9.958  -2.847  -3.227  1.00 14.68 ? 51   ASP A CG  1 
ATOM   372  O OD1 . ASP A 1 51  ? -10.579 -3.930  -3.349  1.00 13.26 ? 51   ASP A OD1 1 
ATOM   373  O OD2 . ASP A 1 51  ? -10.191 -1.835  -3.923  1.00 12.16 ? 51   ASP A OD2 1 
ATOM   374  N N   . ASN A 1 52  ? -8.381  -2.122  1.358   1.00 12.07 ? 52   ASN A N   1 
ATOM   375  C CA  . ASN A 1 52  ? -7.324  -2.229  2.352   1.00 13.02 ? 52   ASN A CA  1 
ATOM   376  C C   . ASN A 1 52  ? -7.407  -3.555  3.090   1.00 14.18 ? 52   ASN A C   1 
ATOM   377  O O   . ASN A 1 52  ? -8.365  -4.318  2.931   1.00 13.81 ? 52   ASN A O   1 
ATOM   378  C CB  . ASN A 1 52  ? -7.353  -1.040  3.343   1.00 13.15 ? 52   ASN A CB  1 
ATOM   379  C CG  . ASN A 1 52  ? -8.340  -1.221  4.496   1.00 13.80 ? 52   ASN A CG  1 
ATOM   380  O OD1 . ASN A 1 52  ? -9.142  -2.152  4.524   1.00 14.35 ? 52   ASN A OD1 1 
ATOM   381  N ND2 . ASN A 1 52  ? -8.276  -0.308  5.461   1.00 12.78 ? 52   ASN A ND2 1 
ATOM   382  N N   . SER A 1 53  ? -6.382  -3.839  3.874   1.00 14.70 ? 53   SER A N   1 
ATOM   383  C CA  . SER A 1 53  ? -6.349  -5.069  4.643   1.00 16.75 ? 53   SER A CA  1 
ATOM   384  C C   . SER A 1 53  ? -5.478  -4.834  5.860   1.00 16.26 ? 53   SER A C   1 
ATOM   385  O O   . SER A 1 53  ? -5.024  -3.710  6.103   1.00 14.18 ? 53   SER A O   1 
ATOM   386  C CB  . SER A 1 53  ? -5.785  -6.216  3.800   1.00 16.18 ? 53   SER A CB  1 
ATOM   387  O OG  . SER A 1 53  ? -5.944  -7.453  4.473   1.00 19.31 ? 53   SER A OG  1 
ATOM   388  N N   . SER A 1 54  ? -5.241  -5.892  6.623   1.00 16.31 ? 54   SER A N   1 
ATOM   389  C CA  . SER A 1 54  ? -4.422  -5.782  7.818   1.00 18.24 ? 54   SER A CA  1 
ATOM   390  C C   . SER A 1 54  ? -3.685  -7.081  8.082   1.00 16.61 ? 54   SER A C   1 
ATOM   391  O O   . SER A 1 54  ? -4.143  -8.151  7.700   1.00 15.89 ? 54   SER A O   1 
ATOM   392  C CB  . SER A 1 54  ? -5.293  -5.435  9.022   1.00 18.95 ? 54   SER A CB  1 
ATOM   393  O OG  . SER A 1 54  ? -4.513  -5.377  10.198  1.00 24.79 ? 54   SER A OG  1 
ATOM   394  N N   . VAL A 1 55  ? -2.534  -6.970  8.731   1.00 18.31 ? 55   VAL A N   1 
ATOM   395  C CA  . VAL A 1 55  ? -1.718  -8.126  9.057   1.00 17.79 ? 55   VAL A CA  1 
ATOM   396  C C   . VAL A 1 55  ? -0.918  -7.792  10.315  1.00 20.15 ? 55   VAL A C   1 
ATOM   397  O O   . VAL A 1 55  ? -0.531  -6.646  10.529  1.00 21.32 ? 55   VAL A O   1 
ATOM   398  C CB  . VAL A 1 55  ? -0.760  -8.473  7.891   1.00 17.92 ? 55   VAL A CB  1 
ATOM   399  C CG1 . VAL A 1 55  ? 0.255   -7.362  7.694   1.00 18.10 ? 55   VAL A CG1 1 
ATOM   400  C CG2 . VAL A 1 55  ? -0.069  -9.800  8.160   1.00 19.10 ? 55   VAL A CG2 1 
ATOM   401  N N   . THR A 1 56  ? -0.701  -8.790  11.160  1.00 21.01 ? 56   THR A N   1 
ATOM   402  C CA  . THR A 1 56  ? 0.048   -8.586  12.391  1.00 20.31 ? 56   THR A CA  1 
ATOM   403  C C   . THR A 1 56  ? 1.435   -9.189  12.253  1.00 20.70 ? 56   THR A C   1 
ATOM   404  O O   . THR A 1 56  ? 1.582   -10.352 11.881  1.00 21.40 ? 56   THR A O   1 
ATOM   405  C CB  . THR A 1 56  ? -0.678  -9.230  13.582  1.00 21.07 ? 56   THR A CB  1 
ATOM   406  O OG1 . THR A 1 56  ? -1.969  -8.626  13.724  1.00 21.48 ? 56   THR A OG1 1 
ATOM   407  C CG2 . THR A 1 56  ? 0.111   -9.026  14.868  1.00 20.69 ? 56   THR A CG2 1 
ATOM   408  N N   . ALA A 1 57  ? 2.457   -8.388  12.538  1.00 19.98 ? 57   ALA A N   1 
ATOM   409  C CA  . ALA A 1 57  ? 3.832   -8.857  12.439  1.00 21.28 ? 57   ALA A CA  1 
ATOM   410  C C   . ALA A 1 57  ? 4.051   -9.970  13.454  1.00 22.29 ? 57   ALA A C   1 
ATOM   411  O O   . ALA A 1 57  ? 3.523   -9.912  14.566  1.00 21.27 ? 57   ALA A O   1 
ATOM   412  C CB  . ALA A 1 57  ? 4.802   -7.705  12.702  1.00 20.78 ? 57   ALA A CB  1 
ATOM   413  N N   . ASP A 1 58  ? 4.814   -10.988 13.071  1.00 23.25 ? 58   ASP A N   1 
ATOM   414  C CA  . ASP A 1 58  ? 5.076   -12.090 13.987  1.00 25.51 ? 58   ASP A CA  1 
ATOM   415  C C   . ASP A 1 58  ? 6.171   -11.713 14.982  1.00 26.68 ? 58   ASP A C   1 
ATOM   416  O O   . ASP A 1 58  ? 6.723   -10.606 14.930  1.00 25.80 ? 58   ASP A O   1 
ATOM   417  C CB  . ASP A 1 58  ? 5.468   -13.365 13.226  1.00 24.36 ? 58   ASP A CB  1 
ATOM   418  C CG  . ASP A 1 58  ? 6.695   -13.184 12.354  1.00 26.96 ? 58   ASP A CG  1 
ATOM   419  O OD1 . ASP A 1 58  ? 7.579   -12.375 12.709  1.00 26.20 ? 58   ASP A OD1 1 
ATOM   420  O OD2 . ASP A 1 58  ? 6.781   -13.873 11.313  1.00 27.21 ? 58   ASP A OD2 1 
ATOM   421  N N   . ALA A 1 59  ? 6.480   -12.636 15.884  1.00 27.36 ? 59   ALA A N   1 
ATOM   422  C CA  . ALA A 1 59  ? 7.496   -12.405 16.904  1.00 27.92 ? 59   ALA A CA  1 
ATOM   423  C C   . ALA A 1 59  ? 8.833   -11.982 16.306  1.00 27.90 ? 59   ALA A C   1 
ATOM   424  O O   . ALA A 1 59  ? 9.689   -11.447 17.007  1.00 28.11 ? 59   ALA A O   1 
ATOM   425  C CB  . ALA A 1 59  ? 7.672   -13.661 17.748  1.00 27.53 ? 59   ALA A CB  1 
ATOM   426  N N   . ASN A 1 60  ? 9.010   -12.208 15.009  1.00 28.35 ? 60   ASN A N   1 
ATOM   427  C CA  . ASN A 1 60  ? 10.258  -11.850 14.344  1.00 29.22 ? 60   ASN A CA  1 
ATOM   428  C C   . ASN A 1 60  ? 10.184  -10.539 13.563  1.00 28.30 ? 60   ASN A C   1 
ATOM   429  O O   . ASN A 1 60  ? 11.156  -10.140 12.923  1.00 28.21 ? 60   ASN A O   1 
ATOM   430  C CB  . ASN A 1 60  ? 10.697  -12.975 13.405  1.00 33.25 ? 60   ASN A CB  1 
ATOM   431  C CG  . ASN A 1 60  ? 11.043  -14.251 14.148  1.00 37.69 ? 60   ASN A CG  1 
ATOM   432  O OD1 . ASN A 1 60  ? 11.902  -14.253 15.033  1.00 40.23 ? 60   ASN A OD1 1 
ATOM   433  N ND2 . ASN A 1 60  ? 10.377  -15.345 13.790  1.00 39.48 ? 60   ASN A ND2 1 
ATOM   434  N N   . GLY A 1 61  ? 9.036   -9.871  13.625  1.00 25.51 ? 61   GLY A N   1 
ATOM   435  C CA  . GLY A 1 61  ? 8.878   -8.614  12.911  1.00 24.52 ? 61   GLY A CA  1 
ATOM   436  C C   . GLY A 1 61  ? 8.545   -8.812  11.444  1.00 22.86 ? 61   GLY A C   1 
ATOM   437  O O   . GLY A 1 61  ? 8.654   -7.885  10.641  1.00 23.88 ? 61   GLY A O   1 
ATOM   438  N N   . SER A 1 62  ? 8.138   -10.024 11.090  1.00 21.76 ? 62   SER A N   1 
ATOM   439  C CA  . SER A 1 62  ? 7.791   -10.333 9.711   1.00 23.06 ? 62   SER A CA  1 
ATOM   440  C C   . SER A 1 62  ? 6.291   -10.495 9.520   1.00 22.22 ? 62   SER A C   1 
ATOM   441  O O   . SER A 1 62  ? 5.579   -10.952 10.415  1.00 23.62 ? 62   SER A O   1 
ATOM   442  C CB  . SER A 1 62  ? 8.504   -11.606 9.255   1.00 22.89 ? 62   SER A CB  1 
ATOM   443  O OG  . SER A 1 62  ? 9.909   -11.412 9.241   1.00 26.63 ? 62   SER A OG  1 
ATOM   444  N N   . ALA A 1 63  ? 5.820   -10.119 8.338   1.00 21.98 ? 63   ALA A N   1 
ATOM   445  C CA  . ALA A 1 63  ? 4.409   -10.224 8.004   1.00 23.11 ? 63   ALA A CA  1 
ATOM   446  C C   . ALA A 1 63  ? 4.274   -10.317 6.493   1.00 22.69 ? 63   ALA A C   1 
ATOM   447  O O   . ALA A 1 63  ? 5.148   -9.870  5.752   1.00 23.72 ? 63   ALA A O   1 
ATOM   448  C CB  . ALA A 1 63  ? 3.658   -9.003  8.523   1.00 22.56 ? 63   ALA A CB  1 
ATOM   449  N N   . SER A 1 64  ? 3.178   -10.900 6.035   1.00 23.47 ? 64   SER A N   1 
ATOM   450  C CA  . SER A 1 64  ? 2.945   -11.018 4.606   1.00 24.04 ? 64   SER A CA  1 
ATOM   451  C C   . SER A 1 64  ? 1.478   -11.300 4.367   1.00 22.82 ? 64   SER A C   1 
ATOM   452  O O   . SER A 1 64  ? 0.864   -12.118 5.054   1.00 21.11 ? 64   SER A O   1 
ATOM   453  C CB  . SER A 1 64  ? 3.796   -12.139 4.008   1.00 25.34 ? 64   SER A CB  1 
ATOM   454  O OG  . SER A 1 64  ? 3.413   -13.394 4.533   1.00 28.24 ? 64   SER A OG  1 
ATOM   455  N N   . THR A 1 65  ? 0.915   -10.606 3.392   1.00 20.50 ? 65   THR A N   1 
ATOM   456  C CA  . THR A 1 65  ? -0.485  -10.781 3.066   1.00 20.10 ? 65   THR A CA  1 
ATOM   457  C C   . THR A 1 65  ? -0.679  -10.423 1.599   1.00 18.84 ? 65   THR A C   1 
ATOM   458  O O   . THR A 1 65  ? 0.287   -10.150 0.887   1.00 19.44 ? 65   THR A O   1 
ATOM   459  C CB  . THR A 1 65  ? -1.368  -9.884  3.970   1.00 20.88 ? 65   THR A CB  1 
ATOM   460  O OG1 . THR A 1 65  ? -2.752  -10.185 3.749   1.00 23.50 ? 65   THR A OG1 1 
ATOM   461  C CG2 . THR A 1 65  ? -1.109  -8.419  3.682   1.00 21.62 ? 65   THR A CG2 1 
ATOM   462  N N   A SER A 1 66  ? -1.925  -10.437 1.145   0.50 18.59 ? 66   SER A N   1 
ATOM   463  N N   B SER A 1 66  ? -1.927  -10.435 1.149   0.50 19.35 ? 66   SER A N   1 
ATOM   464  C CA  A SER A 1 66  ? -2.220  -10.108 -0.241  0.50 17.14 ? 66   SER A CA  1 
ATOM   465  C CA  B SER A 1 66  ? -2.235  -10.110 -0.236  0.50 18.66 ? 66   SER A CA  1 
ATOM   466  C C   A SER A 1 66  ? -3.028  -8.819  -0.308  0.50 16.86 ? 66   SER A C   1 
ATOM   467  C C   B SER A 1 66  ? -3.017  -8.807  -0.300  0.50 17.70 ? 66   SER A C   1 
ATOM   468  O O   A SER A 1 66  ? -3.683  -8.429  0.660   0.50 17.33 ? 66   SER A O   1 
ATOM   469  O O   B SER A 1 66  ? -3.642  -8.393  0.678   0.50 18.00 ? 66   SER A O   1 
ATOM   470  C CB  A SER A 1 66  ? -2.994  -11.252 -0.907  0.50 15.27 ? 66   SER A CB  1 
ATOM   471  C CB  B SER A 1 66  ? -3.063  -11.231 -0.876  0.50 18.24 ? 66   SER A CB  1 
ATOM   472  O OG  A SER A 1 66  ? -4.209  -11.522 -0.230  0.50 14.44 ? 66   SER A OG  1 
ATOM   473  O OG  B SER A 1 66  ? -2.355  -12.456 -0.892  0.50 22.09 ? 66   SER A OG  1 
ATOM   474  N N   . LEU A 1 67  ? -2.974  -8.158  -1.457  1.00 16.49 ? 67   LEU A N   1 
ATOM   475  C CA  . LEU A 1 67  ? -3.698  -6.914  -1.644  1.00 14.77 ? 67   LEU A CA  1 
ATOM   476  C C   . LEU A 1 67  ? -4.143  -6.805  -3.091  1.00 15.44 ? 67   LEU A C   1 
ATOM   477  O O   . LEU A 1 67  ? -3.376  -7.114  -4.003  1.00 15.71 ? 67   LEU A O   1 
ATOM   478  C CB  . LEU A 1 67  ? -2.808  -5.716  -1.308  1.00 16.15 ? 67   LEU A CB  1 
ATOM   479  C CG  . LEU A 1 67  ? -3.534  -4.367  -1.403  1.00 16.96 ? 67   LEU A CG  1 
ATOM   480  C CD1 . LEU A 1 67  ? -4.458  -4.229  -0.207  1.00 20.99 ? 67   LEU A CD1 1 
ATOM   481  C CD2 . LEU A 1 67  ? -2.541  -3.222  -1.444  1.00 19.86 ? 67   LEU A CD2 1 
ATOM   482  N N   . THR A 1 68  ? -5.391  -6.391  -3.291  1.00 15.49 ? 68   THR A N   1 
ATOM   483  C CA  . THR A 1 68  ? -5.918  -6.195  -4.635  1.00 14.42 ? 68   THR A CA  1 
ATOM   484  C C   . THR A 1 68  ? -5.655  -4.731  -4.979  1.00 13.16 ? 68   THR A C   1 
ATOM   485  O O   . THR A 1 68  ? -6.066  -3.831  -4.245  1.00 12.90 ? 68   THR A O   1 
ATOM   486  C CB  . THR A 1 68  ? -7.434  -6.448  -4.704  1.00 13.79 ? 68   THR A CB  1 
ATOM   487  O OG1 . THR A 1 68  ? -7.708  -7.825  -4.413  1.00 15.85 ? 68   THR A OG1 1 
ATOM   488  C CG2 . THR A 1 68  ? -7.961  -6.108  -6.094  1.00 15.36 ? 68   THR A CG2 1 
ATOM   489  N N   . VAL A 1 69  ? -4.961  -4.493  -6.085  1.00 11.76 ? 69   VAL A N   1 
ATOM   490  C CA  . VAL A 1 69  ? -4.659  -3.129  -6.497  1.00 13.14 ? 69   VAL A CA  1 
ATOM   491  C C   . VAL A 1 69  ? -5.679  -2.610  -7.509  1.00 14.30 ? 69   VAL A C   1 
ATOM   492  O O   . VAL A 1 69  ? -6.344  -3.391  -8.196  1.00 13.34 ? 69   VAL A O   1 
ATOM   493  C CB  . VAL A 1 69  ? -3.236  -3.026  -7.103  1.00 12.77 ? 69   VAL A CB  1 
ATOM   494  C CG1 . VAL A 1 69  ? -2.195  -3.340  -6.037  1.00 14.94 ? 69   VAL A CG1 1 
ATOM   495  C CG2 . VAL A 1 69  ? -3.100  -3.986  -8.286  1.00 13.86 ? 69   VAL A CG2 1 
ATOM   496  N N   . ARG A 1 70  ? -5.810  -1.289  -7.579  1.00 13.93 ? 70   ARG A N   1 
ATOM   497  C CA  . ARG A 1 70  ? -6.746  -0.654  -8.503  1.00 13.75 ? 70   ARG A CA  1 
ATOM   498  C C   . ARG A 1 70  ? -6.013  0.373   -9.360  1.00 12.47 ? 70   ARG A C   1 
ATOM   499  O O   . ARG A 1 70  ? -5.187  1.128   -8.847  1.00 12.42 ? 70   ARG A O   1 
ATOM   500  C CB  . ARG A 1 70  ? -7.855  0.061   -7.723  1.00 14.86 ? 70   ARG A CB  1 
ATOM   501  C CG  . ARG A 1 70  ? -8.635  -0.820  -6.768  1.00 12.63 ? 70   ARG A CG  1 
ATOM   502  C CD  . ARG A 1 70  ? -9.367  -1.922  -7.510  1.00 12.32 ? 70   ARG A CD  1 
ATOM   503  N NE  . ARG A 1 70  ? -10.087 -2.808  -6.602  1.00 12.48 ? 70   ARG A NE  1 
ATOM   504  C CZ  . ARG A 1 70  ? -10.700 -3.923  -6.987  1.00 13.17 ? 70   ARG A CZ  1 
ATOM   505  N NH1 . ARG A 1 70  ? -10.676 -4.283  -8.261  1.00 13.46 ? 70   ARG A NH1 1 
ATOM   506  N NH2 . ARG A 1 70  ? -11.336 -4.679  -6.100  1.00 14.19 ? 70   ARG A NH2 1 
ATOM   507  N N   . ARG A 1 71  ? -6.313  0.408   -10.658 1.00 12.99 ? 71   ARG A N   1 
ATOM   508  C CA  . ARG A 1 71  ? -5.680  1.383   -11.536 1.00 13.03 ? 71   ARG A CA  1 
ATOM   509  C C   . ARG A 1 71  ? -6.131  2.769   -11.082 1.00 14.99 ? 71   ARG A C   1 
ATOM   510  O O   . ARG A 1 71  ? -5.322  3.688   -10.956 1.00 14.81 ? 71   ARG A O   1 
ATOM   511  C CB  . ARG A 1 71  ? -6.086  1.164   -12.994 1.00 14.30 ? 71   ARG A CB  1 
ATOM   512  C CG  . ARG A 1 71  ? -5.513  2.224   -13.934 1.00 14.75 ? 71   ARG A CG  1 
ATOM   513  C CD  . ARG A 1 71  ? -5.933  1.981   -15.382 1.00 17.05 ? 71   ARG A CD  1 
ATOM   514  N NE  . ARG A 1 71  ? -5.251  0.832   -15.964 1.00 17.17 ? 71   ARG A NE  1 
ATOM   515  C CZ  . ARG A 1 71  ? -3.984  0.834   -16.369 1.00 20.13 ? 71   ARG A CZ  1 
ATOM   516  N NH1 . ARG A 1 71  ? -3.452  -0.269  -16.881 1.00 20.68 ? 71   ARG A NH1 1 
ATOM   517  N NH2 . ARG A 1 71  ? -3.250  1.938   -16.277 1.00 19.95 ? 71   ARG A NH2 1 
ATOM   518  N N   . SER A 1 72  ? -7.432  2.912   -10.847 1.00 13.43 ? 72   SER A N   1 
ATOM   519  C CA  . SER A 1 72  ? -7.998  4.176   -10.364 1.00 15.34 ? 72   SER A CA  1 
ATOM   520  C C   . SER A 1 72  ? -8.880  3.851   -9.170  1.00 15.07 ? 72   SER A C   1 
ATOM   521  O O   . SER A 1 72  ? -9.484  2.776   -9.114  1.00 13.34 ? 72   SER A O   1 
ATOM   522  C CB  . SER A 1 72  ? -8.839  4.857   -11.448 1.00 17.00 ? 72   SER A CB  1 
ATOM   523  O OG  . SER A 1 72  ? -8.023  5.379   -12.481 1.00 21.55 ? 72   SER A OG  1 
ATOM   524  N N   . PHE A 1 73  ? -8.954  4.773   -8.215  1.00 14.97 ? 73   PHE A N   1 
ATOM   525  C CA  . PHE A 1 73  ? -9.769  4.552   -7.026  1.00 15.74 ? 73   PHE A CA  1 
ATOM   526  C C   . PHE A 1 73  ? -10.112 5.867   -6.344  1.00 16.03 ? 73   PHE A C   1 
ATOM   527  O O   . PHE A 1 73  ? -9.433  6.879   -6.546  1.00 15.15 ? 73   PHE A O   1 
ATOM   528  C CB  . PHE A 1 73  ? -9.013  3.649   -6.042  1.00 16.30 ? 73   PHE A CB  1 
ATOM   529  C CG  . PHE A 1 73  ? -7.726  4.249   -5.536  1.00 15.00 ? 73   PHE A CG  1 
ATOM   530  C CD1 . PHE A 1 73  ? -7.731  5.159   -4.485  1.00 14.79 ? 73   PHE A CD1 1 
ATOM   531  C CD2 . PHE A 1 73  ? -6.510  3.914   -6.126  1.00 14.68 ? 73   PHE A CD2 1 
ATOM   532  C CE1 . PHE A 1 73  ? -6.546  5.730   -4.026  1.00 14.96 ? 73   PHE A CE1 1 
ATOM   533  C CE2 . PHE A 1 73  ? -5.320  4.479   -5.675  1.00 15.13 ? 73   PHE A CE2 1 
ATOM   534  C CZ  . PHE A 1 73  ? -5.336  5.389   -4.623  1.00 15.49 ? 73   PHE A CZ  1 
ATOM   535  N N   . GLU A 1 74  ? -11.174 5.841   -5.544  1.00 16.52 ? 74   GLU A N   1 
ATOM   536  C CA  . GLU A 1 74  ? -11.602 7.014   -4.791  1.00 16.10 ? 74   GLU A CA  1 
ATOM   537  C C   . GLU A 1 74  ? -10.620 7.150   -3.631  1.00 14.40 ? 74   GLU A C   1 
ATOM   538  O O   . GLU A 1 74  ? -10.612 6.332   -2.711  1.00 14.90 ? 74   GLU A O   1 
ATOM   539  C CB  . GLU A 1 74  ? -13.018 6.816   -4.251  1.00 19.68 ? 74   GLU A CB  1 
ATOM   540  C CG  . GLU A 1 74  ? -13.570 8.001   -3.479  1.00 22.07 ? 74   GLU A CG  1 
ATOM   541  C CD  . GLU A 1 74  ? -13.902 9.188   -4.369  1.00 24.40 ? 74   GLU A CD  1 
ATOM   542  O OE1 . GLU A 1 74  ? -14.412 10.197  -3.846  1.00 25.06 ? 74   GLU A OE1 1 
ATOM   543  O OE2 . GLU A 1 74  ? -13.655 9.114   -5.591  1.00 28.88 ? 74   GLU A OE2 1 
ATOM   544  N N   . GLY A 1 75  ? -9.787  8.181   -3.683  1.00 14.32 ? 75   GLY A N   1 
ATOM   545  C CA  . GLY A 1 75  ? -8.801  8.372   -2.636  1.00 14.13 ? 75   GLY A CA  1 
ATOM   546  C C   . GLY A 1 75  ? -9.304  9.119   -1.417  1.00 15.13 ? 75   GLY A C   1 
ATOM   547  O O   . GLY A 1 75  ? -10.135 10.018  -1.530  1.00 15.17 ? 75   GLY A O   1 
ATOM   548  N N   . PHE A 1 76  ? -8.785  8.730   -0.253  1.00 13.76 ? 76   PHE A N   1 
ATOM   549  C CA  . PHE A 1 76  ? -9.125  9.345   1.028   1.00 13.14 ? 76   PHE A CA  1 
ATOM   550  C C   . PHE A 1 76  ? -7.846  9.770   1.726   1.00 13.33 ? 76   PHE A C   1 
ATOM   551  O O   . PHE A 1 76  ? -6.826  9.085   1.632   1.00 12.04 ? 76   PHE A O   1 
ATOM   552  C CB  . PHE A 1 76  ? -9.877  8.352   1.914   1.00 11.37 ? 76   PHE A CB  1 
ATOM   553  C CG  . PHE A 1 76  ? -11.291 8.132   1.487   1.00 12.37 ? 76   PHE A CG  1 
ATOM   554  C CD1 . PHE A 1 76  ? -12.330 8.841   2.087   1.00 12.67 ? 76   PHE A CD1 1 
ATOM   555  C CD2 . PHE A 1 76  ? -11.586 7.255   0.450   1.00 10.63 ? 76   PHE A CD2 1 
ATOM   556  C CE1 . PHE A 1 76  ? -13.642 8.676   1.654   1.00 13.52 ? 76   PHE A CE1 1 
ATOM   557  C CE2 . PHE A 1 76  ? -12.896 7.084   0.011   1.00 12.66 ? 76   PHE A CE2 1 
ATOM   558  C CZ  . PHE A 1 76  ? -13.928 7.799   0.616   1.00 12.38 ? 76   PHE A CZ  1 
ATOM   559  N N   . LEU A 1 77  ? -7.893  10.904  2.416   1.00 14.39 ? 77   LEU A N   1 
ATOM   560  C CA  . LEU A 1 77  ? -6.720  11.384  3.127   1.00 15.40 ? 77   LEU A CA  1 
ATOM   561  C C   . LEU A 1 77  ? -6.507  10.563  4.395   1.00 16.83 ? 77   LEU A C   1 
ATOM   562  O O   . LEU A 1 77  ? -7.362  9.764   4.778   1.00 16.37 ? 77   LEU A O   1 
ATOM   563  C CB  . LEU A 1 77  ? -6.867  12.867  3.466   1.00 17.51 ? 77   LEU A CB  1 
ATOM   564  C CG  . LEU A 1 77  ? -7.055  13.788  2.259   1.00 18.44 ? 77   LEU A CG  1 
ATOM   565  C CD1 . LEU A 1 77  ? -6.980  15.234  2.723   1.00 19.80 ? 77   LEU A CD1 1 
ATOM   566  C CD2 . LEU A 1 77  ? -5.985  13.509  1.203   1.00 19.85 ? 77   LEU A CD2 1 
ATOM   567  N N   . PHE A 1 78  ? -5.360  10.761  5.035   1.00 16.45 ? 78   PHE A N   1 
ATOM   568  C CA  . PHE A 1 78  ? -5.010  10.027  6.246   1.00 16.80 ? 78   PHE A CA  1 
ATOM   569  C C   . PHE A 1 78  ? -6.100  10.078  7.313   1.00 17.71 ? 78   PHE A C   1 
ATOM   570  O O   . PHE A 1 78  ? -6.313  9.098   8.033   1.00 17.94 ? 78   PHE A O   1 
ATOM   571  C CB  . PHE A 1 78  ? -3.701  10.573  6.829   1.00 17.93 ? 78   PHE A CB  1 
ATOM   572  C CG  . PHE A 1 78  ? -3.867  11.851  7.607   1.00 18.85 ? 78   PHE A CG  1 
ATOM   573  C CD1 . PHE A 1 78  ? -3.990  11.825  8.998   1.00 20.23 ? 78   PHE A CD1 1 
ATOM   574  C CD2 . PHE A 1 78  ? -3.929  13.080  6.950   1.00 20.06 ? 78   PHE A CD2 1 
ATOM   575  C CE1 . PHE A 1 78  ? -4.171  13.001  9.724   1.00 22.02 ? 78   PHE A CE1 1 
ATOM   576  C CE2 . PHE A 1 78  ? -4.110  14.264  7.669   1.00 21.34 ? 78   PHE A CE2 1 
ATOM   577  C CZ  . PHE A 1 78  ? -4.230  14.224  9.057   1.00 19.95 ? 78   PHE A CZ  1 
ATOM   578  N N   . ASP A 1 79  ? -6.788  11.212  7.416   1.00 16.59 ? 79   ASP A N   1 
ATOM   579  C CA  . ASP A 1 79  ? -7.832  11.361  8.420   1.00 18.41 ? 79   ASP A CA  1 
ATOM   580  C C   . ASP A 1 79  ? -9.212  10.882  7.970   1.00 19.18 ? 79   ASP A C   1 
ATOM   581  O O   . ASP A 1 79  ? -10.205 11.104  8.663   1.00 20.74 ? 79   ASP A O   1 
ATOM   582  C CB  . ASP A 1 79  ? -7.920  12.819  8.886   1.00 20.06 ? 79   ASP A CB  1 
ATOM   583  C CG  . ASP A 1 79  ? -8.155  13.791  7.745   1.00 24.21 ? 79   ASP A CG  1 
ATOM   584  O OD1 . ASP A 1 79  ? -8.639  13.373  6.670   1.00 23.19 ? 79   ASP A OD1 1 
ATOM   585  O OD2 . ASP A 1 79  ? -7.869  14.990  7.932   1.00 28.20 ? 79   ASP A OD2 1 
ATOM   586  N N   . GLY A 1 80  ? -9.278  10.223  6.817   1.00 17.79 ? 80   GLY A N   1 
ATOM   587  C CA  . GLY A 1 80  ? -10.555 9.720   6.342   1.00 16.93 ? 80   GLY A CA  1 
ATOM   588  C C   . GLY A 1 80  ? -11.341 10.702  5.493   1.00 17.59 ? 80   GLY A C   1 
ATOM   589  O O   . GLY A 1 80  ? -12.460 10.408  5.078   1.00 17.18 ? 80   GLY A O   1 
ATOM   590  N N   . THR A 1 81  ? -10.757 11.870  5.239   1.00 18.20 ? 81   THR A N   1 
ATOM   591  C CA  . THR A 1 81  ? -11.395 12.893  4.421   1.00 18.22 ? 81   THR A CA  1 
ATOM   592  C C   . THR A 1 81  ? -11.395 12.435  2.967   1.00 18.46 ? 81   THR A C   1 
ATOM   593  O O   . THR A 1 81  ? -10.374 11.974  2.463   1.00 15.98 ? 81   THR A O   1 
ATOM   594  C CB  . THR A 1 81  ? -10.626 14.237  4.501   1.00 20.02 ? 81   THR A CB  1 
ATOM   595  O OG1 . THR A 1 81  ? -10.637 14.722  5.850   1.00 22.85 ? 81   THR A OG1 1 
ATOM   596  C CG2 . THR A 1 81  ? -11.262 15.271  3.590   1.00 22.13 ? 81   THR A CG2 1 
ATOM   597  N N   . ARG A 1 82  ? -12.535 12.556  2.292   1.00 17.30 ? 82   ARG A N   1 
ATOM   598  C CA  . ARG A 1 82  ? -12.616 12.160  0.892   1.00 17.69 ? 82   ARG A CA  1 
ATOM   599  C C   . ARG A 1 82  ? -11.813 13.150  0.052   1.00 19.28 ? 82   ARG A C   1 
ATOM   600  O O   . ARG A 1 82  ? -11.974 14.363  0.183   1.00 19.59 ? 82   ARG A O   1 
ATOM   601  C CB  . ARG A 1 82  ? -14.075 12.149  0.414   1.00 17.90 ? 82   ARG A CB  1 
ATOM   602  C CG  . ARG A 1 82  ? -14.257 11.694  -1.036  1.00 19.81 ? 82   ARG A CG  1 
ATOM   603  C CD  . ARG A 1 82  ? -15.726 11.720  -1.459  1.00 20.57 ? 82   ARG A CD  1 
ATOM   604  N NE  . ARG A 1 82  ? -16.536 10.744  -0.725  1.00 20.97 ? 82   ARG A NE  1 
ATOM   605  C CZ  . ARG A 1 82  ? -16.604 9.448   -1.021  1.00 22.75 ? 82   ARG A CZ  1 
ATOM   606  N NH1 . ARG A 1 82  ? -15.913 8.961   -2.044  1.00 23.09 ? 82   ARG A NH1 1 
ATOM   607  N NH2 . ARG A 1 82  ? -17.361 8.634   -0.293  1.00 23.71 ? 82   ARG A NH2 1 
ATOM   608  N N   . TRP A 1 83  ? -10.934 12.635  -0.798  1.00 18.45 ? 83   TRP A N   1 
ATOM   609  C CA  . TRP A 1 83  ? -10.133 13.493  -1.658  1.00 19.92 ? 83   TRP A CA  1 
ATOM   610  C C   . TRP A 1 83  ? -10.729 13.522  -3.056  1.00 20.70 ? 83   TRP A C   1 
ATOM   611  O O   . TRP A 1 83  ? -11.034 14.589  -3.587  1.00 21.04 ? 83   TRP A O   1 
ATOM   612  C CB  . TRP A 1 83  ? -8.682  13.004  -1.724  1.00 20.72 ? 83   TRP A CB  1 
ATOM   613  C CG  . TRP A 1 83  ? -7.923  13.595  -2.875  1.00 22.84 ? 83   TRP A CG  1 
ATOM   614  C CD1 . TRP A 1 83  ? -7.837  13.096  -4.146  1.00 24.07 ? 83   TRP A CD1 1 
ATOM   615  C CD2 . TRP A 1 83  ? -7.222  14.840  -2.886  1.00 23.89 ? 83   TRP A CD2 1 
ATOM   616  N NE1 . TRP A 1 83  ? -7.130  13.956  -4.946  1.00 25.72 ? 83   TRP A NE1 1 
ATOM   617  C CE2 . TRP A 1 83  ? -6.741  15.037  -4.199  1.00 23.90 ? 83   TRP A CE2 1 
ATOM   618  C CE3 . TRP A 1 83  ? -6.955  15.814  -1.915  1.00 24.68 ? 83   TRP A CE3 1 
ATOM   619  C CZ2 . TRP A 1 83  ? -6.007  16.167  -4.567  1.00 25.11 ? 83   TRP A CZ2 1 
ATOM   620  C CZ3 . TRP A 1 83  ? -6.226  16.937  -2.280  1.00 26.43 ? 83   TRP A CZ3 1 
ATOM   621  C CH2 . TRP A 1 83  ? -5.761  17.104  -3.596  1.00 27.41 ? 83   TRP A CH2 1 
ATOM   622  N N   . GLY A 1 84  ? -10.894 12.341  -3.643  1.00 18.81 ? 84   GLY A N   1 
ATOM   623  C CA  . GLY A 1 84  ? -11.440 12.250  -4.982  1.00 19.79 ? 84   GLY A CA  1 
ATOM   624  C C   . GLY A 1 84  ? -10.793 11.133  -5.780  1.00 20.36 ? 84   GLY A C   1 
ATOM   625  O O   . GLY A 1 84  ? -9.988  10.361  -5.255  1.00 18.58 ? 84   GLY A O   1 
ATOM   626  N N   . THR A 1 85  ? -11.132 11.051  -7.060  1.00 19.43 ? 85   THR A N   1 
ATOM   627  C CA  . THR A 1 85  ? -10.586 10.009  -7.910  1.00 20.76 ? 85   THR A CA  1 
ATOM   628  C C   . THR A 1 85  ? -9.089  10.161  -8.124  1.00 18.71 ? 85   THR A C   1 
ATOM   629  O O   . THR A 1 85  ? -8.580  11.269  -8.293  1.00 18.75 ? 85   THR A O   1 
ATOM   630  C CB  . THR A 1 85  ? -11.283 9.991   -9.280  1.00 22.15 ? 85   THR A CB  1 
ATOM   631  O OG1 . THR A 1 85  ? -12.700 9.920   -9.085  1.00 26.24 ? 85   THR A OG1 1 
ATOM   632  C CG2 . THR A 1 85  ? -10.829 8.779   -10.091 1.00 22.70 ? 85   THR A CG2 1 
ATOM   633  N N   . VAL A 1 86  ? -8.399  9.027   -8.109  1.00 16.48 ? 86   VAL A N   1 
ATOM   634  C CA  . VAL A 1 86  ? -6.959  8.968   -8.313  1.00 19.02 ? 86   VAL A CA  1 
ATOM   635  C C   . VAL A 1 86  ? -6.693  7.965   -9.428  1.00 16.98 ? 86   VAL A C   1 
ATOM   636  O O   . VAL A 1 86  ? -7.229  6.861   -9.406  1.00 16.98 ? 86   VAL A O   1 
ATOM   637  C CB  . VAL A 1 86  ? -6.234  8.483   -7.037  1.00 17.86 ? 86   VAL A CB  1 
ATOM   638  C CG1 . VAL A 1 86  ? -4.753  8.279   -7.322  1.00 22.90 ? 86   VAL A CG1 1 
ATOM   639  C CG2 . VAL A 1 86  ? -6.424  9.490   -5.924  1.00 21.39 ? 86   VAL A CG2 1 
ATOM   640  N N   . ASP A 1 87  ? -5.873  8.352   -10.401 1.00 17.35 ? 87   ASP A N   1 
ATOM   641  C CA  . ASP A 1 87  ? -5.543  7.471   -11.521 1.00 14.78 ? 87   ASP A CA  1 
ATOM   642  C C   . ASP A 1 87  ? -4.054  7.145   -11.474 1.00 14.87 ? 87   ASP A C   1 
ATOM   643  O O   . ASP A 1 87  ? -3.210  7.988   -11.804 1.00 15.21 ? 87   ASP A O   1 
ATOM   644  C CB  . ASP A 1 87  ? -5.896  8.156   -12.849 1.00 17.61 ? 87   ASP A CB  1 
ATOM   645  C CG  . ASP A 1 87  ? -5.617  7.274   -14.058 1.00 17.26 ? 87   ASP A CG  1 
ATOM   646  O OD1 . ASP A 1 87  ? -5.120  6.141   -13.879 1.00 18.09 ? 87   ASP A OD1 1 
ATOM   647  O OD2 . ASP A 1 87  ? -5.903  7.717   -15.190 1.00 20.16 ? 87   ASP A OD2 1 
ATOM   648  N N   . CYS A 1 88  ? -3.736  5.919   -11.062 1.00 13.73 ? 88   CYS A N   1 
ATOM   649  C CA  . CYS A 1 88  ? -2.350  5.479   -10.942 1.00 14.98 ? 88   CYS A CA  1 
ATOM   650  C C   . CYS A 1 88  ? -1.602  5.375   -12.267 1.00 16.35 ? 88   CYS A C   1 
ATOM   651  O O   . CYS A 1 88  ? -0.400  5.082   -12.291 1.00 15.72 ? 88   CYS A O   1 
ATOM   652  C CB  . CYS A 1 88  ? -2.291  4.142   -10.201 1.00 15.59 ? 88   CYS A CB  1 
ATOM   653  S SG  . CYS A 1 88  ? -2.819  4.282   -8.461  1.00 15.32 ? 88   CYS A SG  1 
ATOM   654  N N   . THR A 1 89  ? -2.316  5.605   -13.365 1.00 16.39 ? 89   THR A N   1 
ATOM   655  C CA  . THR A 1 89  ? -1.706  5.585   -14.690 1.00 17.16 ? 89   THR A CA  1 
ATOM   656  C C   . THR A 1 89  ? -0.722  6.756   -14.759 1.00 17.80 ? 89   THR A C   1 
ATOM   657  O O   . THR A 1 89  ? 0.326   6.667   -15.405 1.00 15.99 ? 89   THR A O   1 
ATOM   658  C CB  . THR A 1 89  ? -2.762  5.769   -15.797 1.00 17.88 ? 89   THR A CB  1 
ATOM   659  O OG1 . THR A 1 89  ? -3.707  4.689   -15.745 1.00 17.94 ? 89   THR A OG1 1 
ATOM   660  C CG2 . THR A 1 89  ? -2.098  5.801   -17.168 1.00 19.29 ? 89   THR A CG2 1 
ATOM   661  N N   . THR A 1 90  ? -1.069  7.852   -14.083 1.00 15.93 ? 90   THR A N   1 
ATOM   662  C CA  . THR A 1 90  ? -0.228  9.044   -14.062 1.00 17.44 ? 90   THR A CA  1 
ATOM   663  C C   . THR A 1 90  ? 0.273   9.371   -12.653 1.00 17.44 ? 90   THR A C   1 
ATOM   664  O O   . THR A 1 90  ? 1.446   9.710   -12.460 1.00 17.29 ? 90   THR A O   1 
ATOM   665  C CB  . THR A 1 90  ? -0.989  10.266  -14.616 1.00 18.08 ? 90   THR A CB  1 
ATOM   666  O OG1 . THR A 1 90  ? -1.300  10.047  -15.999 1.00 18.86 ? 90   THR A OG1 1 
ATOM   667  C CG2 . THR A 1 90  ? -0.140  11.533  -14.483 1.00 18.09 ? 90   THR A CG2 1 
ATOM   668  N N   . ALA A 1 91  ? -0.620  9.276   -11.675 1.00 15.90 ? 91   ALA A N   1 
ATOM   669  C CA  . ALA A 1 91  ? -0.265  9.561   -10.290 1.00 16.87 ? 91   ALA A CA  1 
ATOM   670  C C   . ALA A 1 91  ? 0.776   8.557   -9.806  1.00 16.71 ? 91   ALA A C   1 
ATOM   671  O O   . ALA A 1 91  ? 0.840   7.431   -10.297 1.00 16.57 ? 91   ALA A O   1 
ATOM   672  C CB  . ALA A 1 91  ? -1.517  9.498   -9.408  1.00 16.32 ? 91   ALA A CB  1 
ATOM   673  N N   . ALA A 1 92  ? 1.606   8.975   -8.856  1.00 16.63 ? 92   ALA A N   1 
ATOM   674  C CA  . ALA A 1 92  ? 2.636   8.100   -8.302  1.00 18.52 ? 92   ALA A CA  1 
ATOM   675  C C   . ALA A 1 92  ? 1.996   7.266   -7.203  1.00 18.38 ? 92   ALA A C   1 
ATOM   676  O O   . ALA A 1 92  ? 1.772   7.756   -6.103  1.00 20.27 ? 92   ALA A O   1 
ATOM   677  C CB  . ALA A 1 92  ? 3.784   8.929   -7.726  1.00 17.50 ? 92   ALA A CB  1 
ATOM   678  N N   . CYS A 1 93  ? 1.701   6.007   -7.498  1.00 18.06 ? 93   CYS A N   1 
ATOM   679  C CA  . CYS A 1 93  ? 1.074   5.149   -6.501  1.00 17.58 ? 93   CYS A CA  1 
ATOM   680  C C   . CYS A 1 93  ? 2.043   4.162   -5.874  1.00 17.94 ? 93   CYS A C   1 
ATOM   681  O O   . CYS A 1 93  ? 3.057   3.803   -6.470  1.00 16.48 ? 93   CYS A O   1 
ATOM   682  C CB  . CYS A 1 93  ? -0.108  4.407   -7.124  1.00 16.75 ? 93   CYS A CB  1 
ATOM   683  S SG  . CYS A 1 93  ? -1.429  5.531   -7.677  1.00 18.45 ? 93   CYS A SG  1 
ATOM   684  N N   . GLN A 1 94  ? 1.722   3.734   -4.657  1.00 17.70 ? 94   GLN A N   1 
ATOM   685  C CA  . GLN A 1 94  ? 2.554   2.788   -3.918  1.00 19.22 ? 94   GLN A CA  1 
ATOM   686  C C   . GLN A 1 94  ? 1.678   1.903   -3.042  1.00 19.73 ? 94   GLN A C   1 
ATOM   687  O O   . GLN A 1 94  ? 0.484   2.155   -2.870  1.00 17.87 ? 94   GLN A O   1 
ATOM   688  C CB  . GLN A 1 94  ? 3.513   3.517   -2.975  1.00 21.69 ? 94   GLN A CB  1 
ATOM   689  C CG  . GLN A 1 94  ? 4.339   4.635   -3.567  1.00 26.39 ? 94   GLN A CG  1 
ATOM   690  C CD  . GLN A 1 94  ? 5.138   5.366   -2.495  1.00 30.31 ? 94   GLN A CD  1 
ATOM   691  O OE1 . GLN A 1 94  ? 5.873   6.312   -2.783  1.00 31.80 ? 94   GLN A OE1 1 
ATOM   692  N NE2 . GLN A 1 94  ? 4.992   4.926   -1.249  1.00 28.44 ? 94   GLN A NE2 1 
ATOM   693  N N   . VAL A 1 95  ? 2.288   0.860   -2.492  1.00 18.32 ? 95   VAL A N   1 
ATOM   694  C CA  . VAL A 1 95  ? 1.602   -0.024  -1.563  1.00 19.22 ? 95   VAL A CA  1 
ATOM   695  C C   . VAL A 1 95  ? 2.436   0.096   -0.298  1.00 19.70 ? 95   VAL A C   1 
ATOM   696  O O   . VAL A 1 95  ? 3.668   0.060   -0.357  1.00 20.12 ? 95   VAL A O   1 
ATOM   697  C CB  . VAL A 1 95  ? 1.590   -1.487  -2.031  1.00 20.45 ? 95   VAL A CB  1 
ATOM   698  C CG1 . VAL A 1 95  ? 1.094   -2.386  -0.896  1.00 21.65 ? 95   VAL A CG1 1 
ATOM   699  C CG2 . VAL A 1 95  ? 0.684   -1.632  -3.243  1.00 22.34 ? 95   VAL A CG2 1 
ATOM   700  N N   . GLY A 1 96  ? 1.776   0.264   0.841   1.00 19.61 ? 96   GLY A N   1 
ATOM   701  C CA  . GLY A 1 96  ? 2.523   0.404   2.073   1.00 18.88 ? 96   GLY A CA  1 
ATOM   702  C C   . GLY A 1 96  ? 1.896   -0.238  3.288   1.00 18.72 ? 96   GLY A C   1 
ATOM   703  O O   . GLY A 1 96  ? 0.712   -0.576  3.294   1.00 16.05 ? 96   GLY A O   1 
ATOM   704  N N   . LEU A 1 97  ? 2.722   -0.408  4.315   1.00 16.44 ? 97   LEU A N   1 
ATOM   705  C CA  . LEU A 1 97  ? 2.307   -0.988  5.585   1.00 15.82 ? 97   LEU A CA  1 
ATOM   706  C C   . LEU A 1 97  ? 2.439   0.141   6.601   1.00 15.74 ? 97   LEU A C   1 
ATOM   707  O O   . LEU A 1 97  ? 3.470   0.807   6.665   1.00 16.47 ? 97   LEU A O   1 
ATOM   708  C CB  . LEU A 1 97  ? 3.237   -2.142  5.982   1.00 15.22 ? 97   LEU A CB  1 
ATOM   709  C CG  . LEU A 1 97  ? 3.245   -3.402  5.103   1.00 20.05 ? 97   LEU A CG  1 
ATOM   710  C CD1 . LEU A 1 97  ? 4.438   -4.293  5.446   1.00 20.65 ? 97   LEU A CD1 1 
ATOM   711  C CD2 . LEU A 1 97  ? 1.946   -4.158  5.299   1.00 19.75 ? 97   LEU A CD2 1 
ATOM   712  N N   A SER A 1 98  ? 1.402   0.361   7.397   0.50 15.31 ? 98   SER A N   1 
ATOM   713  N N   B SER A 1 98  ? 1.387   0.355   7.382   0.50 15.26 ? 98   SER A N   1 
ATOM   714  C CA  A SER A 1 98  ? 1.454   1.407   8.408   0.50 15.67 ? 98   SER A CA  1 
ATOM   715  C CA  B SER A 1 98  ? 1.387   1.408   8.389   0.50 15.54 ? 98   SER A CA  1 
ATOM   716  C C   A SER A 1 98  ? 0.641   0.981   9.622   0.50 16.57 ? 98   SER A C   1 
ATOM   717  C C   B SER A 1 98  ? 0.636   0.938   9.629   0.50 16.52 ? 98   SER A C   1 
ATOM   718  O O   A SER A 1 98  ? -0.484  0.502   9.479   0.50 15.27 ? 98   SER A O   1 
ATOM   719  O O   B SER A 1 98  ? -0.456  0.383   9.512   0.50 15.22 ? 98   SER A O   1 
ATOM   720  C CB  A SER A 1 98  ? 0.921   2.727   7.840   0.50 15.57 ? 98   SER A CB  1 
ATOM   721  C CB  B SER A 1 98  ? 0.696   2.664   7.841   0.50 15.34 ? 98   SER A CB  1 
ATOM   722  O OG  A SER A 1 98  ? -0.389  2.581   7.331   0.50 14.41 ? 98   SER A OG  1 
ATOM   723  O OG  B SER A 1 98  ? 1.240   3.066   6.598   0.50 13.65 ? 98   SER A OG  1 
ATOM   724  N N   . ASP A 1 99  ? 1.218   1.148   10.811  1.00 15.92 ? 99   ASP A N   1 
ATOM   725  C CA  . ASP A 1 99  ? 0.542   0.762   12.045  1.00 16.98 ? 99   ASP A CA  1 
ATOM   726  C C   . ASP A 1 99  ? -0.435  1.858   12.463  1.00 17.21 ? 99   ASP A C   1 
ATOM   727  O O   . ASP A 1 99  ? -0.613  2.844   11.740  1.00 15.09 ? 99   ASP A O   1 
ATOM   728  C CB  . ASP A 1 99  ? 1.537   0.444   13.185  1.00 17.61 ? 99   ASP A CB  1 
ATOM   729  C CG  . ASP A 1 99  ? 2.393   1.640   13.599  1.00 19.74 ? 99   ASP A CG  1 
ATOM   730  O OD1 . ASP A 1 99  ? 1.904   2.789   13.568  1.00 18.47 ? 99   ASP A OD1 1 
ATOM   731  O OD2 . ASP A 1 99  ? 3.563   1.419   13.986  1.00 18.65 ? 99   ASP A OD2 1 
ATOM   732  N N   . ALA A 1 100 ? -1.066  1.685   13.621  1.00 16.67 ? 100  ALA A N   1 
ATOM   733  C CA  . ALA A 1 100 ? -2.058  2.637   14.110  1.00 17.64 ? 100  ALA A CA  1 
ATOM   734  C C   . ALA A 1 100 ? -1.562  4.058   14.362  1.00 18.31 ? 100  ALA A C   1 
ATOM   735  O O   . ALA A 1 100 ? -2.371  4.977   14.465  1.00 19.43 ? 100  ALA A O   1 
ATOM   736  C CB  . ALA A 1 100 ? -2.722  2.090   15.376  1.00 18.72 ? 100  ALA A CB  1 
ATOM   737  N N   . ALA A 1 101 ? -0.249  4.242   14.465  1.00 17.63 ? 101  ALA A N   1 
ATOM   738  C CA  . ALA A 1 101 ? 0.308   5.576   14.701  1.00 17.02 ? 101  ALA A CA  1 
ATOM   739  C C   . ALA A 1 101 ? 0.889   6.177   13.425  1.00 17.79 ? 101  ALA A C   1 
ATOM   740  O O   . ALA A 1 101 ? 1.451   7.271   13.447  1.00 17.02 ? 101  ALA A O   1 
ATOM   741  C CB  . ALA A 1 101 ? 1.387   5.513   15.783  1.00 16.06 ? 101  ALA A CB  1 
ATOM   742  N N   . GLY A 1 102 ? 0.753   5.454   12.320  1.00 15.50 ? 102  GLY A N   1 
ATOM   743  C CA  . GLY A 1 102 ? 1.276   5.931   11.052  1.00 16.39 ? 102  GLY A CA  1 
ATOM   744  C C   . GLY A 1 102 ? 2.722   5.542   10.789  1.00 16.15 ? 102  GLY A C   1 
ATOM   745  O O   . GLY A 1 102 ? 3.311   5.970   9.796   1.00 15.36 ? 102  GLY A O   1 
ATOM   746  N N   . ASN A 1 103 ? 3.305   4.738   11.673  1.00 16.58 ? 103  ASN A N   1 
ATOM   747  C CA  . ASN A 1 103 ? 4.688   4.314   11.483  1.00 17.81 ? 103  ASN A CA  1 
ATOM   748  C C   . ASN A 1 103 ? 4.755   3.065   10.609  1.00 19.05 ? 103  ASN A C   1 
ATOM   749  O O   . ASN A 1 103 ? 3.792   2.309   10.512  1.00 18.18 ? 103  ASN A O   1 
ATOM   750  C CB  . ASN A 1 103 ? 5.364   4.056   12.835  1.00 19.18 ? 103  ASN A CB  1 
ATOM   751  C CG  . ASN A 1 103 ? 5.399   5.302   13.712  1.00 21.50 ? 103  ASN A CG  1 
ATOM   752  O OD1 . ASN A 1 103 ? 5.696   6.400   13.234  1.00 19.70 ? 103  ASN A OD1 1 
ATOM   753  N ND2 . ASN A 1 103 ? 5.099   5.137   14.998  1.00 22.23 ? 103  ASN A ND2 1 
ATOM   754  N N   . GLY A 1 104 ? 5.899   2.867   9.967   1.00 18.76 ? 104  GLY A N   1 
ATOM   755  C CA  . GLY A 1 104 ? 6.076   1.722   9.095   1.00 20.12 ? 104  GLY A CA  1 
ATOM   756  C C   . GLY A 1 104 ? 7.163   2.016   8.082   1.00 20.46 ? 104  GLY A C   1 
ATOM   757  O O   . GLY A 1 104 ? 7.558   3.174   7.927   1.00 20.48 ? 104  GLY A O   1 
ATOM   758  N N   . PRO A 1 105 ? 7.659   0.994   7.366   1.00 19.72 ? 105  PRO A N   1 
ATOM   759  C CA  . PRO A 1 105 ? 8.715   1.175   6.367   1.00 21.62 ? 105  PRO A CA  1 
ATOM   760  C C   . PRO A 1 105 ? 8.263   1.952   5.137   1.00 21.78 ? 105  PRO A C   1 
ATOM   761  O O   . PRO A 1 105 ? 7.084   2.268   4.976   1.00 20.28 ? 105  PRO A O   1 
ATOM   762  C CB  . PRO A 1 105 ? 9.110   -0.257  6.027   1.00 19.84 ? 105  PRO A CB  1 
ATOM   763  C CG  . PRO A 1 105 ? 7.810   -0.985  6.142   1.00 21.82 ? 105  PRO A CG  1 
ATOM   764  C CD  . PRO A 1 105 ? 7.240   -0.417  7.430   1.00 21.43 ? 105  PRO A CD  1 
ATOM   765  N N   . GLU A 1 106 ? 9.218   2.256   4.271   1.00 22.67 ? 106  GLU A N   1 
ATOM   766  C CA  . GLU A 1 106 ? 8.932   2.988   3.045   1.00 23.98 ? 106  GLU A CA  1 
ATOM   767  C C   . GLU A 1 106 ? 7.997   2.162   2.161   1.00 21.49 ? 106  GLU A C   1 
ATOM   768  O O   . GLU A 1 106 ? 8.106   0.938   2.102   1.00 20.30 ? 106  GLU A O   1 
ATOM   769  C CB  . GLU A 1 106 ? 10.245  3.271   2.311   1.00 26.61 ? 106  GLU A CB  1 
ATOM   770  C CG  . GLU A 1 106 ? 10.102  4.052   1.020   1.00 33.94 ? 106  GLU A CG  1 
ATOM   771  C CD  . GLU A 1 106 ? 11.440  4.278   0.341   1.00 37.69 ? 106  GLU A CD  1 
ATOM   772  O OE1 . GLU A 1 106 ? 12.308  4.945   0.945   1.00 39.65 ? 106  GLU A OE1 1 
ATOM   773  O OE2 . GLU A 1 106 ? 11.625  3.785   -0.793  1.00 41.59 ? 106  GLU A OE2 1 
ATOM   774  N N   . GLY A 1 107 ? 7.069   2.832   1.485   1.00 21.34 ? 107  GLY A N   1 
ATOM   775  C CA  . GLY A 1 107 ? 6.152   2.131   0.604   1.00 20.59 ? 107  GLY A CA  1 
ATOM   776  C C   . GLY A 1 107 ? 6.861   1.717   -0.675  1.00 21.02 ? 107  GLY A C   1 
ATOM   777  O O   . GLY A 1 107 ? 7.955   2.204   -0.971  1.00 20.59 ? 107  GLY A O   1 
ATOM   778  N N   . VAL A 1 108 ? 6.245   0.814   -1.432  1.00 20.18 ? 108  VAL A N   1 
ATOM   779  C CA  . VAL A 1 108 ? 6.830   0.335   -2.683  1.00 18.82 ? 108  VAL A CA  1 
ATOM   780  C C   . VAL A 1 108 ? 6.024   0.867   -3.863  1.00 17.73 ? 108  VAL A C   1 
ATOM   781  O O   . VAL A 1 108 ? 4.805   0.712   -3.915  1.00 15.63 ? 108  VAL A O   1 
ATOM   782  C CB  . VAL A 1 108 ? 6.849   -1.213  -2.734  1.00 20.05 ? 108  VAL A CB  1 
ATOM   783  C CG1 . VAL A 1 108 ? 7.440   -1.693  -4.059  1.00 17.40 ? 108  VAL A CG1 1 
ATOM   784  C CG2 . VAL A 1 108 ? 7.652   -1.759  -1.563  1.00 17.86 ? 108  VAL A CG2 1 
ATOM   785  N N   . ALA A 1 109 ? 6.711   1.502   -4.806  1.00 17.07 ? 109  ALA A N   1 
ATOM   786  C CA  . ALA A 1 109 ? 6.054   2.056   -5.977  1.00 17.85 ? 109  ALA A CA  1 
ATOM   787  C C   . ALA A 1 109 ? 5.494   0.947   -6.866  1.00 18.38 ? 109  ALA A C   1 
ATOM   788  O O   . ALA A 1 109 ? 6.077   -0.132  -6.977  1.00 18.58 ? 109  ALA A O   1 
ATOM   789  C CB  . ALA A 1 109 ? 7.040   2.914   -6.769  1.00 19.49 ? 109  ALA A CB  1 
ATOM   790  N N   . ILE A 1 110 ? 4.356   1.215   -7.492  1.00 17.47 ? 110  ILE A N   1 
ATOM   791  C CA  . ILE A 1 110 ? 3.747   0.246   -8.390  1.00 16.14 ? 110  ILE A CA  1 
ATOM   792  C C   . ILE A 1 110 ? 3.388   0.929   -9.701  1.00 17.92 ? 110  ILE A C   1 
ATOM   793  O O   . ILE A 1 110 ? 3.175   2.143   -9.746  1.00 16.75 ? 110  ILE A O   1 
ATOM   794  C CB  . ILE A 1 110 ? 2.469   -0.388  -7.779  1.00 15.02 ? 110  ILE A CB  1 
ATOM   795  C CG1 . ILE A 1 110 ? 1.448   0.700   -7.432  1.00 13.52 ? 110  ILE A CG1 1 
ATOM   796  C CG2 . ILE A 1 110 ? 2.831   -1.201  -6.544  1.00 14.91 ? 110  ILE A CG2 1 
ATOM   797  C CD1 . ILE A 1 110 ? 0.104   0.159   -6.960  1.00 15.83 ? 110  ILE A CD1 1 
ATOM   798  N N   . SER A 1 111 ? 3.342   0.149   -10.774 1.00 17.42 ? 111  SER A N   1 
ATOM   799  C CA  . SER A 1 111 ? 2.983   0.690   -12.073 1.00 17.74 ? 111  SER A CA  1 
ATOM   800  C C   . SER A 1 111 ? 2.015   -0.280  -12.725 1.00 17.10 ? 111  SER A C   1 
ATOM   801  O O   . SER A 1 111 ? 2.031   -1.480  -12.432 1.00 16.19 ? 111  SER A O   1 
ATOM   802  C CB  . SER A 1 111 ? 4.228   0.888   -12.944 1.00 21.50 ? 111  SER A CB  1 
ATOM   803  O OG  . SER A 1 111 ? 4.932   -0.324  -13.121 1.00 26.37 ? 111  SER A OG  1 
ATOM   804  N N   . PHE A 1 112 ? 1.162   0.247   -13.595 1.00 16.45 ? 112  PHE A N   1 
ATOM   805  C CA  . PHE A 1 112 ? 0.170   -0.564  -14.276 1.00 17.70 ? 112  PHE A CA  1 
ATOM   806  C C   . PHE A 1 112 ? 0.476   -0.754  -15.756 1.00 19.52 ? 112  PHE A C   1 
ATOM   807  O O   . PHE A 1 112 ? 1.220   0.024   -16.354 1.00 21.34 ? 112  PHE A O   1 
ATOM   808  C CB  . PHE A 1 112 ? -1.219  0.060   -14.104 1.00 15.83 ? 112  PHE A CB  1 
ATOM   809  C CG  . PHE A 1 112 ? -1.726  0.013   -12.691 1.00 15.29 ? 112  PHE A CG  1 
ATOM   810  C CD1 . PHE A 1 112 ? -1.157  0.818   -11.706 1.00 14.22 ? 112  PHE A CD1 1 
ATOM   811  C CD2 . PHE A 1 112 ? -2.718  -0.895  -12.329 1.00 12.81 ? 112  PHE A CD2 1 
ATOM   812  C CE1 . PHE A 1 112 ? -1.563  0.715   -10.377 1.00 13.68 ? 112  PHE A CE1 1 
ATOM   813  C CE2 . PHE A 1 112 ? -3.133  -1.008  -11.006 1.00 14.50 ? 112  PHE A CE2 1 
ATOM   814  C CZ  . PHE A 1 112 ? -2.552  -0.202  -10.026 1.00 14.44 ? 112  PHE A CZ  1 
ATOM   815  N N   . ASN A 1 113 ? -0.105  -1.805  -16.324 1.00 23.07 ? 113  ASN A N   1 
ATOM   816  C CA  . ASN A 1 113 ? 0.054   -2.156  -17.734 1.00 26.85 ? 113  ASN A CA  1 
ATOM   817  C C   . ASN A 1 113 ? -0.281  -0.966  -18.636 1.00 29.36 ? 113  ASN A C   1 
ATOM   818  O O   . ASN A 1 113 ? -1.273  -0.274  -18.408 1.00 28.67 ? 113  ASN A O   1 
ATOM   819  C CB  . ASN A 1 113 ? -0.880  -3.326  -18.068 1.00 29.71 ? 113  ASN A CB  1 
ATOM   820  C CG  . ASN A 1 113 ? -0.814  -3.738  -19.528 1.00 32.71 ? 113  ASN A CG  1 
ATOM   821  O OD1 . ASN A 1 113 ? -1.732  -4.381  -20.042 1.00 35.61 ? 113  ASN A OD1 1 
ATOM   822  N ND2 . ASN A 1 113 ? 0.275   -3.384  -20.200 1.00 35.07 ? 113  ASN A ND2 1 
ATOM   823  N N   . HIS A 1 114 ? 0.537   -0.735  -19.663 1.00 30.73 ? 114  HIS A N   1 
ATOM   824  C CA  . HIS A 1 114 ? 0.299   0.373   -20.588 1.00 35.08 ? 114  HIS A CA  1 
ATOM   825  C C   . HIS A 1 114 ? -0.361  -0.085  -21.886 1.00 38.38 ? 114  HIS A C   1 
ATOM   826  O O   . HIS A 1 114 ? -0.573  0.718   -22.795 1.00 39.36 ? 114  HIS A O   1 
ATOM   827  C CB  . HIS A 1 114 ? 1.608   1.083   -20.951 1.00 33.87 ? 114  HIS A CB  1 
ATOM   828  C CG  . HIS A 1 114 ? 2.347   1.653   -19.780 1.00 32.71 ? 114  HIS A CG  1 
ATOM   829  N ND1 . HIS A 1 114 ? 3.201   0.904   -19.000 1.00 33.05 ? 114  HIS A ND1 1 
ATOM   830  C CD2 . HIS A 1 114 ? 2.371   2.905   -19.266 1.00 33.44 ? 114  HIS A CD2 1 
ATOM   831  C CE1 . HIS A 1 114 ? 3.720   1.669   -18.056 1.00 32.50 ? 114  HIS A CE1 1 
ATOM   832  N NE2 . HIS A 1 114 ? 3.233   2.889   -18.195 1.00 33.32 ? 114  HIS A NE2 1 
ATOM   833  N N   . HIS A 1 115 ? -0.686  -1.370  -21.976 1.00 41.40 ? 115  HIS A N   1 
ATOM   834  C CA  . HIS A 1 115 ? -1.295  -1.912  -23.187 1.00 45.13 ? 115  HIS A CA  1 
ATOM   835  C C   . HIS A 1 115 ? -2.768  -2.273  -23.006 1.00 46.43 ? 115  HIS A C   1 
ATOM   836  O O   . HIS A 1 115 ? -3.186  -2.714  -21.936 1.00 49.48 ? 115  HIS A O   1 
ATOM   837  C CB  . HIS A 1 115 ? -0.506  -3.140  -23.636 1.00 46.08 ? 115  HIS A CB  1 
ATOM   838  C CG  . HIS A 1 115 ? 0.977   -2.937  -23.607 1.00 47.46 ? 115  HIS A CG  1 
ATOM   839  N ND1 . HIS A 1 115 ? 1.617   -2.013  -24.405 1.00 48.42 ? 115  HIS A ND1 1 
ATOM   840  C CD2 . HIS A 1 115 ? 1.940   -3.512  -22.849 1.00 48.06 ? 115  HIS A CD2 1 
ATOM   841  C CE1 . HIS A 1 115 ? 2.912   -2.026  -24.139 1.00 49.00 ? 115  HIS A CE1 1 
ATOM   842  N NE2 . HIS A 1 115 ? 3.134   -2.928  -23.197 1.00 48.57 ? 115  HIS A NE2 1 
HETATM 843  S S   . SO4 B 2 .   ? -6.941  -2.192  -16.422 1.00 46.63 ? 117  SO4 A S   1 
HETATM 844  O O1  . SO4 B 2 .   ? -7.658  -0.921  -16.198 1.00 48.93 ? 117  SO4 A O1  1 
HETATM 845  O O2  . SO4 B 2 .   ? -5.513  -2.005  -16.114 1.00 49.86 ? 117  SO4 A O2  1 
HETATM 846  O O3  . SO4 B 2 .   ? -7.497  -3.238  -15.546 1.00 49.53 ? 117  SO4 A O3  1 
HETATM 847  O O4  . SO4 B 2 .   ? -7.089  -2.604  -17.827 1.00 49.40 ? 117  SO4 A O4  1 
HETATM 848  C C1  . TH2 C 3 .   ? -3.449  3.315   7.015   1.00 13.49 ? 120  TH2 A C1  1 
HETATM 849  C C2  . TH2 C 3 .   ? -4.013  2.514   5.804   1.00 13.98 ? 120  TH2 A C2  1 
HETATM 850  C C3  . TH2 C 3 .   ? -5.405  1.951   6.010   1.00 15.26 ? 120  TH2 A C3  1 
HETATM 851  O O3  . TH2 C 3 .   ? -5.877  1.091   5.312   1.00 14.68 ? 120  TH2 A O3  1 
HETATM 852  C C4  . TH2 C 3 .   ? -6.214  2.520   7.100   1.00 15.08 ? 120  TH2 A C4  1 
HETATM 853  C C5  . TH2 C 3 .   ? -5.837  3.589   7.876   1.00 14.97 ? 120  TH2 A C5  1 
HETATM 854  C C6  . TH2 C 3 .   ? -6.806  4.092   8.944   1.00 15.73 ? 120  TH2 A C6  1 
HETATM 855  C C7  . TH2 C 3 .   ? -6.143  4.635   10.225  1.00 16.28 ? 120  TH2 A C7  1 
HETATM 856  C C8  . TH2 C 3 .   ? -4.947  5.569   9.904   1.00 15.20 ? 120  TH2 A C8  1 
HETATM 857  C C9  . TH2 C 3 .   ? -3.888  4.849   9.033   1.00 16.75 ? 120  TH2 A C9  1 
HETATM 858  C C10 . TH2 C 3 .   ? -4.466  4.332   7.659   1.00 15.66 ? 120  TH2 A C10 1 
HETATM 859  C C11 . TH2 C 3 .   ? -2.576  5.675   8.719   1.00 17.66 ? 120  TH2 A C11 1 
HETATM 860  C C12 . TH2 C 3 .   ? -1.986  6.229   10.052  1.00 19.81 ? 120  TH2 A C12 1 
HETATM 861  C C13 . TH2 C 3 .   ? -3.038  7.044   10.855  1.00 18.83 ? 120  TH2 A C13 1 
HETATM 862  C C14 . TH2 C 3 .   ? -4.242  6.097   11.171  1.00 17.45 ? 120  TH2 A C14 1 
HETATM 863  C C15 . TH2 C 3 .   ? -5.089  6.871   12.217  1.00 19.51 ? 120  TH2 A C15 1 
HETATM 864  C C16 . TH2 C 3 .   ? -4.030  7.712   12.984  1.00 20.23 ? 120  TH2 A C16 1 
HETATM 865  C C17 . TH2 C 3 .   ? -2.661  7.378   12.315  1.00 20.71 ? 120  TH2 A C17 1 
HETATM 866  O O17 . TH2 C 3 .   ? -1.747  8.491   12.378  1.00 24.24 ? 120  TH2 A O17 1 
HETATM 867  C C18 . TH2 C 3 .   ? -3.443  8.339   10.063  1.00 19.38 ? 120  TH2 A C18 1 
HETATM 868  C C20 . TH2 C 3 .   ? -1.296  8.974   13.333  1.00 26.22 ? 120  TH2 A C20 1 
HETATM 869  O O20 . TH2 C 3 .   ? -1.256  8.381   14.440  1.00 22.45 ? 120  TH2 A O20 1 
HETATM 870  C C21 . TH2 C 3 .   ? -1.574  11.354  12.853  1.00 31.46 ? 120  TH2 A C21 1 
HETATM 871  C C22 . TH2 C 3 .   ? -0.622  10.299  13.457  1.00 28.74 ? 120  TH2 A C22 1 
HETATM 872  C C23 . TH2 C 3 .   ? -0.844  12.658  12.660  1.00 33.78 ? 120  TH2 A C23 1 
HETATM 873  O O23 . TH2 C 3 .   ? -1.560  13.689  12.646  1.00 35.43 ? 120  TH2 A O23 1 
HETATM 874  O O24 . TH2 C 3 .   ? 0.430   12.655  12.640  1.00 34.84 ? 120  TH2 A O24 1 
HETATM 875  C C19 . TH2 C 3 .   ? -4.766  5.524   6.692   1.00 15.10 ? 120  TH2 A C19 1 
HETATM 876  C C1  . TH2 D 3 .   ? 4.815   8.092   2.378   1.00 29.06 ? 121  TH2 A C1  1 
HETATM 877  C C2  . TH2 D 3 .   ? 5.680   7.290   1.397   1.00 28.51 ? 121  TH2 A C2  1 
HETATM 878  C C3  . TH2 D 3 .   ? 5.925   5.909   1.874   1.00 28.17 ? 121  TH2 A C3  1 
HETATM 879  O O3  . TH2 D 3 .   ? 6.974   5.325   1.750   1.00 30.93 ? 121  TH2 A O3  1 
HETATM 880  C C4  . TH2 D 3 .   ? 4.795   5.249   2.482   1.00 28.74 ? 121  TH2 A C4  1 
HETATM 881  C C5  . TH2 D 3 .   ? 3.656   5.881   2.851   1.00 28.06 ? 121  TH2 A C5  1 
HETATM 882  C C6  . TH2 D 3 .   ? 2.536   5.079   3.442   1.00 27.88 ? 121  TH2 A C6  1 
HETATM 883  C C7  . TH2 D 3 .   ? 2.072   5.622   4.787   1.00 27.32 ? 121  TH2 A C7  1 
HETATM 884  C C8  . TH2 D 3 .   ? 1.789   7.120   4.655   1.00 26.20 ? 121  TH2 A C8  1 
HETATM 885  C C9  . TH2 D 3 .   ? 2.960   7.926   4.079   1.00 25.55 ? 121  TH2 A C9  1 
HETATM 886  C C10 . TH2 D 3 .   ? 3.469   7.411   2.726   1.00 27.53 ? 121  TH2 A C10 1 
HETATM 887  C C11 . TH2 D 3 .   ? 2.710   9.448   3.965   1.00 25.71 ? 121  TH2 A C11 1 
HETATM 888  C C12 . TH2 D 3 .   ? 2.295   10.015  5.332   1.00 25.50 ? 121  TH2 A C12 1 
HETATM 889  C C13 . TH2 D 3 .   ? 1.107   9.257   5.913   1.00 26.70 ? 121  TH2 A C13 1 
HETATM 890  C C14 . TH2 D 3 .   ? 1.451   7.764   5.995   1.00 25.91 ? 121  TH2 A C14 1 
HETATM 891  C C15 . TH2 D 3 .   ? 0.339   7.148   6.846   1.00 26.58 ? 121  TH2 A C15 1 
HETATM 892  C C16 . TH2 D 3 .   ? 0.085   8.231   7.912   1.00 25.43 ? 121  TH2 A C16 1 
HETATM 893  C C17 . TH2 D 3 .   ? 0.895   9.469   7.448   1.00 26.15 ? 121  TH2 A C17 1 
HETATM 894  O O17 . TH2 D 3 .   ? 0.310   10.727  7.802   1.00 27.55 ? 121  TH2 A O17 1 
HETATM 895  C C18 . TH2 D 3 .   ? -0.190  9.510   5.120   1.00 25.04 ? 121  TH2 A C18 1 
HETATM 896  C C20 . TH2 D 3 .   ? 0.000   11.501  8.576   1.00 31.72 ? 121  TH2 A C20 1 
HETATM 897  O O20 . TH2 D 3 .   ? 0.248   11.061  9.724   1.00 29.77 ? 121  TH2 A O20 1 
HETATM 898  C C21 . TH2 D 3 .   ? -0.425  13.483  7.219   1.00 35.33 ? 121  TH2 A C21 1 
HETATM 899  C C22 . TH2 D 3 .   ? -0.330  12.954  8.660   1.00 31.93 ? 121  TH2 A C22 1 
HETATM 900  C C23 . TH2 D 3 .   ? 0.945   13.841  6.710   1.00 37.27 ? 121  TH2 A C23 1 
HETATM 901  O O23 . TH2 D 3 .   ? 0.979   14.683  5.779   1.00 38.87 ? 121  TH2 A O23 1 
HETATM 902  O O24 . TH2 D 3 .   ? 1.963   13.377  7.304   1.00 35.64 ? 121  TH2 A O24 1 
HETATM 903  C C19 . TH2 D 3 .   ? 2.427   7.656   1.618   1.00 28.06 ? 121  TH2 A C19 1 
HETATM 904  O O   . HOH E 4 .   ? 14.020  -2.874  12.098  1.00 33.92 ? 2001 HOH A O   1 
HETATM 905  O O   . HOH E 4 .   ? 14.505  -6.260  6.609   1.00 39.83 ? 2002 HOH A O   1 
HETATM 906  O O   . HOH E 4 .   ? 15.213  -0.023  6.420   1.00 36.86 ? 2003 HOH A O   1 
HETATM 907  O O   . HOH E 4 .   ? 12.269  1.218   4.748   1.00 44.60 ? 2004 HOH A O   1 
HETATM 908  O O   . HOH E 4 .   ? 10.389  -7.178  -4.816  1.00 32.64 ? 2005 HOH A O   1 
HETATM 909  O O   . HOH E 4 .   ? 10.798  -3.248  -2.028  1.00 28.93 ? 2006 HOH A O   1 
HETATM 910  O O   . HOH E 4 .   ? 6.289   -9.272  -1.489  1.00 24.81 ? 2007 HOH A O   1 
HETATM 911  O O   . HOH E 4 .   ? 9.179   -4.755  -3.811  1.00 24.07 ? 2008 HOH A O   1 
HETATM 912  O O   . HOH E 4 .   ? 8.276   -7.020  -7.555  1.00 21.26 ? 2009 HOH A O   1 
HETATM 913  O O   . HOH E 4 .   ? 9.852   -5.585  -9.156  1.00 42.09 ? 2010 HOH A O   1 
HETATM 914  O O   . HOH E 4 .   ? 9.134   -3.534  -6.433  1.00 24.37 ? 2011 HOH A O   1 
HETATM 915  O O   . HOH E 4 .   ? 9.414   -3.812  -14.307 1.00 47.88 ? 2012 HOH A O   1 
HETATM 916  O O   . HOH E 4 .   ? 7.522   -0.702  -13.837 1.00 48.67 ? 2013 HOH A O   1 
HETATM 917  O O   . HOH E 4 .   ? 0.388   0.151   17.187  1.00 35.99 ? 2014 HOH A O   1 
HETATM 918  O O   . HOH E 4 .   ? 1.335   -6.633  -17.711 1.00 17.44 ? 2015 HOH A O   1 
HETATM 919  O O   . HOH E 4 .   ? 3.966   -1.611  -15.753 1.00 22.03 ? 2016 HOH A O   1 
HETATM 920  O O   . HOH E 4 .   ? -7.867  -8.506  -13.664 1.00 32.63 ? 2017 HOH A O   1 
HETATM 921  O O   . HOH E 4 .   ? -11.085 -5.766  -11.894 1.00 38.31 ? 2018 HOH A O   1 
HETATM 922  O O   . HOH E 4 .   ? -9.630  1.264   -12.069 1.00 23.48 ? 2019 HOH A O   1 
HETATM 923  O O   . HOH E 4 .   ? -12.166 -1.240  -10.014 1.00 35.06 ? 2020 HOH A O   1 
HETATM 924  O O   . HOH E 4 .   ? 9.268   4.557   -9.098  1.00 35.61 ? 2021 HOH A O   1 
HETATM 925  O O   . HOH E 4 .   ? -9.600  -9.025  -8.047  1.00 32.77 ? 2022 HOH A O   1 
HETATM 926  O O   . HOH E 4 .   ? -3.014  14.844  4.106   1.00 37.30 ? 2023 HOH A O   1 
HETATM 927  O O   . HOH E 4 .   ? -7.547  -8.453  9.147   1.00 46.30 ? 2024 HOH A O   1 
HETATM 928  O O   . HOH E 4 .   ? 8.112   -12.718 -0.507  1.00 46.11 ? 2025 HOH A O   1 
HETATM 929  O O   . HOH E 4 .   ? 9.919   -6.946  3.113   1.00 29.06 ? 2026 HOH A O   1 
HETATM 930  O O   . HOH E 4 .   ? 8.956   -10.521 5.155   1.00 38.41 ? 2027 HOH A O   1 
HETATM 931  O O   . HOH E 4 .   ? 11.239  -1.941  13.863  1.00 27.88 ? 2028 HOH A O   1 
HETATM 932  O O   . HOH E 4 .   ? 11.949  -6.567  14.109  1.00 29.24 ? 2029 HOH A O   1 
HETATM 933  O O   . HOH E 4 .   ? 2.873   0.791   17.725  1.00 35.89 ? 2030 HOH A O   1 
HETATM 934  O O   . HOH E 4 .   ? -10.795 4.596   -15.362 1.00 45.75 ? 2031 HOH A O   1 
HETATM 935  O O   . HOH E 4 .   ? 9.970   -5.583  17.194  1.00 29.21 ? 2032 HOH A O   1 
HETATM 936  O O   . HOH E 4 .   ? 7.114   -4.782  19.573  1.00 35.78 ? 2033 HOH A O   1 
HETATM 937  O O   . HOH E 4 .   ? -13.710 4.353   -8.211  1.00 54.59 ? 2034 HOH A O   1 
HETATM 938  O O   . HOH E 4 .   ? -1.850  -5.957  17.661  1.00 46.18 ? 2035 HOH A O   1 
HETATM 939  O O   . HOH E 4 .   ? 2.884   -4.730  19.681  1.00 45.15 ? 2036 HOH A O   1 
HETATM 940  O O   . HOH E 4 .   ? -4.545  16.194  11.934  1.00 61.63 ? 2037 HOH A O   1 
HETATM 941  O O   . HOH E 4 .   ? -0.834  -3.566  17.207  1.00 28.59 ? 2038 HOH A O   1 
HETATM 942  O O   . HOH E 4 .   ? -1.106  -0.811  14.920  1.00 22.06 ? 2039 HOH A O   1 
HETATM 943  O O   . HOH E 4 .   ? 5.717   0.380   12.891  1.00 16.65 ? 2040 HOH A O   1 
HETATM 944  O O   . HOH E 4 .   ? -8.983  10.470  -13.528 1.00 34.41 ? 2041 HOH A O   1 
HETATM 945  O O   . HOH E 4 .   ? -0.472  1.835   4.591   1.00 19.59 ? 2042 HOH A O   1 
HETATM 946  O O   . HOH E 4 .   ? 1.384   11.907  -8.089  1.00 41.98 ? 2043 HOH A O   1 
HETATM 947  O O   . HOH E 4 .   ? -0.618  13.527  -9.017  1.00 30.49 ? 2044 HOH A O   1 
HETATM 948  O O   . HOH E 4 .   ? 4.000   12.839  -7.608  1.00 36.48 ? 2045 HOH A O   1 
HETATM 949  O O   . HOH E 4 .   ? 7.659   2.289   -10.538 1.00 29.90 ? 2046 HOH A O   1 
HETATM 950  O O   . HOH E 4 .   ? -0.540  12.922  3.437   1.00 30.36 ? 2047 HOH A O   1 
HETATM 951  O O   . HOH E 4 .   ? -3.242  12.254  3.693   1.00 19.29 ? 2048 HOH A O   1 
HETATM 952  O O   . HOH E 4 .   ? -8.252  7.301   7.364   1.00 17.78 ? 2049 HOH A O   1 
HETATM 953  O O   . HOH E 4 .   ? -5.855  -0.233  -0.738  1.00 12.24 ? 2050 HOH A O   1 
HETATM 954  O O   . HOH E 4 .   ? -13.348 -4.805  -1.880  1.00 38.80 ? 2051 HOH A O   1 
HETATM 955  O O   . HOH E 4 .   ? -7.220  -6.129  -1.146  1.00 14.42 ? 2052 HOH A O   1 
HETATM 956  O O   . HOH E 4 .   ? -10.178 -6.159  -1.993  1.00 17.18 ? 2053 HOH A O   1 
HETATM 957  O O   . HOH E 4 .   ? -12.842 -1.371  -4.825  1.00 27.82 ? 2054 HOH A O   1 
HETATM 958  O O   . HOH E 4 .   ? -11.112 -3.861  2.158   1.00 16.09 ? 2055 HOH A O   1 
HETATM 959  O O   . HOH E 4 .   ? -9.523  -6.653  4.030   1.00 31.04 ? 2056 HOH A O   1 
HETATM 960  O O   . HOH E 4 .   ? -8.133  -8.471  6.417   1.00 37.19 ? 2057 HOH A O   1 
HETATM 961  O O   . HOH E 4 .   ? -5.269  -9.470  2.789   1.00 32.65 ? 2058 HOH A O   1 
HETATM 962  O O   . HOH E 4 .   ? -4.610  -2.869  11.684  1.00 30.68 ? 2059 HOH A O   1 
HETATM 963  O O   . HOH E 4 .   ? -2.945  -7.876  15.965  1.00 35.47 ? 2060 HOH A O   1 
HETATM 964  O O   . HOH E 4 .   ? -2.271  -11.320 11.021  1.00 27.08 ? 2061 HOH A O   1 
HETATM 965  O O   . HOH E 4 .   ? 2.560   -11.781 16.409  1.00 56.91 ? 2062 HOH A O   1 
HETATM 966  O O   . HOH E 4 .   ? 9.686   -10.888 19.560  1.00 41.02 ? 2063 HOH A O   1 
HETATM 967  O O   . HOH E 4 .   ? 5.612   -15.370 15.498  1.00 45.70 ? 2064 HOH A O   1 
HETATM 968  O O   . HOH E 4 .   ? 9.716   -14.946 10.906  1.00 35.12 ? 2065 HOH A O   1 
HETATM 969  O O   . HOH E 4 .   ? 11.600  -9.589  10.344  1.00 22.40 ? 2066 HOH A O   1 
HETATM 970  O O   . HOH E 4 .   ? 2.276   -12.777 8.129   1.00 32.39 ? 2067 HOH A O   1 
HETATM 971  O O   . HOH E 4 .   ? 1.328   -14.553 3.454   1.00 51.88 ? 2068 HOH A O   1 
HETATM 972  O O   . HOH E 4 .   ? -7.228  -7.972  0.710   1.00 23.13 ? 2069 HOH A O   1 
HETATM 973  O O   . HOH E 4 .   ? -0.992  -14.945 0.771   1.00 34.16 ? 2070 HOH A O   1 
HETATM 974  O O   . HOH E 4 .   ? -5.928  -1.281  -3.421  1.00 12.23 ? 2071 HOH A O   1 
HETATM 975  O O   . HOH E 4 .   ? -6.771  -9.534  -1.672  1.00 39.15 ? 2072 HOH A O   1 
HETATM 976  O O   . HOH E 4 .   ? -9.581  -9.558  -5.145  1.00 37.28 ? 2073 HOH A O   1 
HETATM 977  O O   . HOH E 4 .   ? -11.341 1.197   -7.639  1.00 46.64 ? 2074 HOH A O   1 
HETATM 978  O O   . HOH E 4 .   ? -8.367  3.885   -14.670 1.00 34.83 ? 2075 HOH A O   1 
HETATM 979  O O   . HOH E 4 .   ? -12.846 3.448   -5.453  1.00 23.47 ? 2076 HOH A O   1 
HETATM 980  O O   . HOH E 4 .   ? -11.628 3.935   -2.078  1.00 20.67 ? 2077 HOH A O   1 
HETATM 981  O O   . HOH E 4 .   ? -15.025 12.555  -4.503  1.00 31.47 ? 2078 HOH A O   1 
HETATM 982  O O   . HOH E 4 .   ? -7.431  15.635  10.724  1.00 33.73 ? 2079 HOH A O   1 
HETATM 983  O O   . HOH E 4 .   ? -7.087  16.607  6.069   1.00 47.26 ? 2080 HOH A O   1 
HETATM 984  O O   . HOH E 4 .   ? -13.095 7.591   5.346   1.00 21.50 ? 2081 HOH A O   1 
HETATM 985  O O   . HOH E 4 .   ? -10.025 17.123  -0.153  1.00 42.82 ? 2082 HOH A O   1 
HETATM 986  O O   . HOH E 4 .   ? -15.049 13.459  3.422   1.00 32.36 ? 2083 HOH A O   1 
HETATM 987  O O   . HOH E 4 .   ? -15.960 5.833   -2.205  1.00 21.63 ? 2084 HOH A O   1 
HETATM 988  O O   . HOH E 4 .   ? -10.494 17.151  -2.907  1.00 38.65 ? 2085 HOH A O   1 
HETATM 989  O O   . HOH E 4 .   ? -13.198 7.133   -8.416  1.00 43.47 ? 2086 HOH A O   1 
HETATM 990  O O   . HOH E 4 .   ? -7.202  11.933  -11.529 1.00 41.36 ? 2087 HOH A O   1 
HETATM 991  O O   . HOH E 4 .   ? -13.127 12.965  -7.969  1.00 32.41 ? 2088 HOH A O   1 
HETATM 992  O O   . HOH E 4 .   ? -5.048  11.186  -10.390 1.00 26.78 ? 2089 HOH A O   1 
HETATM 993  O O   . HOH E 4 .   ? -7.791  9.495   -15.584 1.00 32.78 ? 2090 HOH A O   1 
HETATM 994  O O   . HOH E 4 .   ? 1.179   4.651   -16.950 1.00 27.27 ? 2091 HOH A O   1 
HETATM 995  O O   . HOH E 4 .   ? -3.663  8.795   -16.709 1.00 25.89 ? 2092 HOH A O   1 
HETATM 996  O O   . HOH E 4 .   ? 4.761   5.610   -7.678  1.00 32.05 ? 2093 HOH A O   1 
HETATM 997  O O   . HOH E 4 .   ? 1.526   4.617   -9.938  1.00 21.54 ? 2094 HOH A O   1 
HETATM 998  O O   . HOH E 4 .   ? 6.494   6.523   -5.959  1.00 35.55 ? 2095 HOH A O   1 
HETATM 999  O O   . HOH E 4 .   ? 8.453   6.545   -0.888  1.00 32.13 ? 2096 HOH A O   1 
HETATM 1000 O O   . HOH E 4 .   ? 5.529   0.130   3.646   1.00 20.64 ? 2097 HOH A O   1 
HETATM 1001 O O   . HOH E 4 .   ? 4.617   3.085   6.300   1.00 34.28 ? 2098 HOH A O   1 
HETATM 1002 O O   . HOH E 4 .   ? 4.300   2.659   16.312  1.00 29.33 ? 2099 HOH A O   1 
HETATM 1003 O O   . HOH E 4 .   ? 3.568   8.499   12.360  1.00 37.72 ? 2100 HOH A O   1 
HETATM 1004 O O   . HOH E 4 .   ? 5.365   5.584   7.717   1.00 29.88 ? 2101 HOH A O   1 
HETATM 1005 O O   . HOH E 4 .   ? 7.697   7.839   13.338  1.00 19.07 ? 2102 HOH A O   1 
HETATM 1006 O O   . HOH E 4 .   ? 8.029   5.520   5.843   1.00 39.00 ? 2103 HOH A O   1 
HETATM 1007 O O   . HOH E 4 .   ? 10.450  -0.409  2.502   1.00 30.50 ? 2104 HOH A O   1 
HETATM 1008 O O   . HOH E 4 .   ? 10.833  0.530   -0.429  1.00 41.74 ? 2105 HOH A O   1 
HETATM 1009 O O   . HOH E 4 .   ? 12.501  4.629   -3.144  1.00 40.43 ? 2106 HOH A O   1 
HETATM 1010 O O   . HOH E 4 .   ? 8.940   4.269   -2.234  1.00 46.79 ? 2107 HOH A O   1 
HETATM 1011 O O   . HOH E 4 .   ? 9.645   1.802   -4.494  1.00 24.97 ? 2108 HOH A O   1 
HETATM 1012 O O   . HOH E 4 .   ? 8.826   -0.648  -6.981  1.00 24.53 ? 2109 HOH A O   1 
HETATM 1013 O O   . HOH E 4 .   ? 4.982   3.961   -10.608 1.00 22.91 ? 2110 HOH A O   1 
HETATM 1014 O O   . HOH E 4 .   ? -0.305  2.436   -17.168 1.00 28.99 ? 2111 HOH A O   1 
HETATM 1015 O O   . HOH E 4 .   ? -0.148  4.036   -21.727 1.00 36.14 ? 2112 HOH A O   1 
HETATM 1016 O O   . HOH E 4 .   ? -8.935  -5.456  -15.014 1.00 33.96 ? 2113 HOH A O   1 
HETATM 1017 O O   . HOH E 4 .   ? -4.297  -3.685  -17.840 1.00 30.41 ? 2114 HOH A O   1 
HETATM 1018 O O   . HOH E 4 .   ? -9.398  0.860   -14.824 1.00 47.03 ? 2115 HOH A O   1 
HETATM 1019 O O   . HOH E 4 .   ? 2.811   11.060  12.402  1.00 35.96 ? 2116 HOH A O   1 
# 
